data_2EDU
#
_entry.id   2EDU
#
_entity_poly.entity_id   1
_entity_poly.type   'polypeptide(L)'
_entity_poly.pdbx_seq_one_letter_code
;GSSGSSGEKAEDCWELQISPELLAHGRQKILDLLNEGSARDLRSLQRIGPKKAQLIVGWRELHGPFSQVEDLERVEGITG
KQMESFLKANILGLAAGQ
;
_entity_poly.pdbx_strand_id   A
#
# COMPACT_ATOMS: atom_id res chain seq x y z
N GLY A 1 -13.26 6.64 -8.70
CA GLY A 1 -12.77 7.94 -8.30
C GLY A 1 -13.84 8.78 -7.64
N SER A 2 -13.44 9.56 -6.63
CA SER A 2 -14.39 10.41 -5.91
C SER A 2 -14.62 11.72 -6.66
N SER A 3 -15.87 12.02 -6.96
CA SER A 3 -16.23 13.24 -7.67
C SER A 3 -17.11 14.13 -6.81
N GLY A 4 -17.45 15.30 -7.34
CA GLY A 4 -18.29 16.23 -6.61
C GLY A 4 -19.76 16.07 -6.94
N SER A 5 -20.21 14.83 -7.06
CA SER A 5 -21.61 14.54 -7.39
C SER A 5 -22.39 14.19 -6.12
N SER A 6 -23.56 14.81 -5.97
CA SER A 6 -24.41 14.56 -4.81
C SER A 6 -24.34 13.09 -4.39
N GLY A 7 -23.91 12.86 -3.16
CA GLY A 7 -23.80 11.51 -2.65
C GLY A 7 -22.76 11.37 -1.55
N GLU A 8 -21.49 11.54 -1.91
CA GLU A 8 -20.40 11.43 -0.95
C GLU A 8 -20.63 10.27 0.00
N LYS A 9 -21.07 9.14 -0.55
CA LYS A 9 -21.33 7.94 0.25
C LYS A 9 -20.06 7.13 0.43
N ALA A 10 -19.59 7.04 1.68
CA ALA A 10 -18.39 6.28 1.99
C ALA A 10 -18.39 4.93 1.27
N GLU A 11 -17.21 4.48 0.88
CA GLU A 11 -17.08 3.20 0.18
C GLU A 11 -16.34 2.18 1.06
N ASP A 12 -17.09 1.23 1.60
CA ASP A 12 -16.52 0.20 2.46
C ASP A 12 -15.34 -0.48 1.77
N CYS A 13 -15.46 -0.68 0.46
CA CYS A 13 -14.40 -1.32 -0.31
C CYS A 13 -14.07 -0.51 -1.55
N TRP A 14 -12.79 -0.50 -1.93
CA TRP A 14 -12.34 0.25 -3.10
C TRP A 14 -11.88 -0.70 -4.20
N GLU A 15 -11.17 -1.75 -3.81
CA GLU A 15 -10.67 -2.72 -4.77
C GLU A 15 -11.80 -3.25 -5.66
N LEU A 16 -13.03 -3.15 -5.16
CA LEU A 16 -14.20 -3.61 -5.89
C LEU A 16 -14.47 -2.70 -7.10
N GLN A 17 -14.11 -1.43 -6.96
CA GLN A 17 -14.32 -0.47 -8.03
C GLN A 17 -13.16 -0.49 -9.02
N ILE A 18 -11.95 -0.66 -8.50
CA ILE A 18 -10.76 -0.71 -9.34
C ILE A 18 -10.71 -2.00 -10.16
N SER A 19 -10.37 -1.85 -11.44
CA SER A 19 -10.29 -3.00 -12.34
C SER A 19 -9.46 -4.13 -11.72
N PRO A 20 -9.68 -5.35 -12.21
CA PRO A 20 -8.96 -6.54 -11.72
C PRO A 20 -7.49 -6.53 -12.11
N GLU A 21 -7.20 -5.91 -13.24
CA GLU A 21 -5.82 -5.83 -13.73
C GLU A 21 -5.06 -4.71 -13.03
N LEU A 22 -5.78 -3.68 -12.61
CA LEU A 22 -5.17 -2.55 -11.92
C LEU A 22 -4.68 -2.95 -10.53
N LEU A 23 -5.45 -3.79 -9.86
CA LEU A 23 -5.11 -4.26 -8.53
C LEU A 23 -3.78 -5.00 -8.53
N ALA A 24 -3.64 -5.94 -9.47
CA ALA A 24 -2.41 -6.71 -9.59
C ALA A 24 -1.25 -5.85 -10.08
N HIS A 25 -1.54 -4.97 -11.03
CA HIS A 25 -0.52 -4.08 -11.58
C HIS A 25 0.01 -3.13 -10.52
N GLY A 26 -0.90 -2.61 -9.69
CA GLY A 26 -0.51 -1.69 -8.64
C GLY A 26 0.21 -2.38 -7.50
N ARG A 27 -0.49 -3.27 -6.82
CA ARG A 27 0.08 -4.01 -5.69
C ARG A 27 1.52 -4.43 -6.01
N GLN A 28 1.72 -5.07 -7.15
CA GLN A 28 3.03 -5.52 -7.56
C GLN A 28 4.06 -4.39 -7.45
N LYS A 29 3.75 -3.27 -8.09
CA LYS A 29 4.64 -2.10 -8.06
C LYS A 29 5.02 -1.75 -6.63
N ILE A 30 4.04 -1.75 -5.74
CA ILE A 30 4.27 -1.42 -4.34
C ILE A 30 5.16 -2.47 -3.67
N LEU A 31 4.89 -3.74 -3.98
CA LEU A 31 5.66 -4.84 -3.40
C LEU A 31 7.13 -4.72 -3.78
N ASP A 32 7.42 -4.85 -5.07
CA ASP A 32 8.80 -4.76 -5.55
C ASP A 32 9.54 -3.61 -4.86
N LEU A 33 8.89 -2.45 -4.78
CA LEU A 33 9.49 -1.29 -4.16
C LEU A 33 9.76 -1.55 -2.67
N LEU A 34 8.86 -2.29 -2.04
CA LEU A 34 9.00 -2.61 -0.62
C LEU A 34 10.13 -3.62 -0.40
N ASN A 35 10.51 -4.31 -1.47
CA ASN A 35 11.58 -5.31 -1.40
C ASN A 35 12.92 -4.69 -1.76
N GLU A 36 13.01 -4.10 -2.95
CA GLU A 36 14.24 -3.48 -3.41
C GLU A 36 14.43 -2.11 -2.76
N GLY A 37 13.35 -1.35 -2.65
CA GLY A 37 13.41 -0.03 -2.05
C GLY A 37 13.75 -0.10 -0.57
N SER A 38 14.39 0.95 -0.06
CA SER A 38 14.77 1.01 1.34
C SER A 38 13.89 2.00 2.11
N ALA A 39 14.01 2.00 3.43
CA ALA A 39 13.23 2.89 4.27
C ALA A 39 13.02 4.24 3.59
N ARG A 40 14.10 5.00 3.45
CA ARG A 40 14.03 6.31 2.82
C ARG A 40 13.15 6.27 1.57
N ASP A 41 13.53 5.45 0.61
CA ASP A 41 12.78 5.31 -0.63
C ASP A 41 11.30 5.17 -0.36
N LEU A 42 10.96 4.26 0.56
CA LEU A 42 9.56 4.02 0.92
C LEU A 42 8.88 5.31 1.35
N ARG A 43 9.55 6.06 2.22
CA ARG A 43 9.01 7.33 2.71
C ARG A 43 8.37 8.12 1.58
N SER A 44 8.92 7.97 0.38
CA SER A 44 8.41 8.69 -0.79
C SER A 44 6.96 8.31 -1.06
N LEU A 45 6.64 7.03 -0.93
CA LEU A 45 5.29 6.54 -1.15
C LEU A 45 4.27 7.36 -0.36
N GLN A 46 3.06 7.47 -0.89
CA GLN A 46 2.00 8.22 -0.22
C GLN A 46 1.48 7.47 0.99
N ARG A 47 1.12 8.20 2.04
CA ARG A 47 0.62 7.59 3.26
C ARG A 47 1.70 6.81 3.98
N ILE A 48 2.95 7.23 3.79
CA ILE A 48 4.08 6.56 4.43
C ILE A 48 4.98 7.56 5.14
N GLY A 49 5.59 7.12 6.24
CA GLY A 49 6.47 7.99 6.99
C GLY A 49 7.79 7.33 7.35
N PRO A 50 8.61 8.01 8.16
CA PRO A 50 9.91 7.49 8.59
C PRO A 50 9.77 6.32 9.57
N LYS A 51 8.62 6.23 10.22
CA LYS A 51 8.36 5.17 11.17
C LYS A 51 8.01 3.87 10.46
N LYS A 52 6.87 3.88 9.77
CA LYS A 52 6.41 2.70 9.03
C LYS A 52 7.55 2.11 8.21
N ALA A 53 8.20 2.95 7.42
CA ALA A 53 9.30 2.50 6.58
C ALA A 53 10.28 1.63 7.37
N GLN A 54 10.74 2.15 8.50
CA GLN A 54 11.68 1.42 9.34
C GLN A 54 11.05 0.14 9.89
N LEU A 55 9.72 0.14 10.01
CA LEU A 55 8.99 -1.01 10.51
C LEU A 55 8.93 -2.12 9.45
N ILE A 56 8.69 -1.71 8.20
CA ILE A 56 8.61 -2.68 7.10
C ILE A 56 9.99 -3.22 6.75
N VAL A 57 11.01 -2.40 6.93
CA VAL A 57 12.38 -2.80 6.64
C VAL A 57 12.97 -3.63 7.78
N GLY A 58 12.92 -3.08 8.99
CA GLY A 58 13.45 -3.79 10.14
C GLY A 58 12.92 -5.20 10.26
N TRP A 59 11.83 -5.47 9.55
CA TRP A 59 11.22 -6.80 9.57
C TRP A 59 11.88 -7.73 8.56
N ARG A 60 11.82 -7.34 7.29
CA ARG A 60 12.41 -8.14 6.22
C ARG A 60 13.87 -8.46 6.53
N GLU A 61 14.59 -7.47 7.04
CA GLU A 61 16.00 -7.66 7.38
C GLU A 61 16.24 -9.03 8.00
N LEU A 62 15.31 -9.46 8.83
CA LEU A 62 15.41 -10.76 9.50
C LEU A 62 14.51 -11.79 8.82
N HIS A 63 13.22 -11.53 8.83
CA HIS A 63 12.25 -12.43 8.21
C HIS A 63 12.60 -12.68 6.75
N GLY A 64 12.83 -11.61 6.01
CA GLY A 64 13.17 -11.73 4.60
C GLY A 64 12.18 -11.00 3.70
N PRO A 65 12.12 -11.40 2.43
CA PRO A 65 11.23 -10.80 1.45
C PRO A 65 9.77 -11.11 1.71
N PHE A 66 8.88 -10.28 1.20
CA PHE A 66 7.44 -10.47 1.38
C PHE A 66 6.82 -11.14 0.16
N SER A 67 6.13 -12.26 0.40
CA SER A 67 5.50 -13.00 -0.68
C SER A 67 4.34 -12.20 -1.28
N GLN A 68 3.85 -11.22 -0.53
CA GLN A 68 2.76 -10.38 -0.99
C GLN A 68 2.61 -9.15 -0.11
N VAL A 69 2.11 -8.05 -0.70
CA VAL A 69 1.92 -6.81 0.04
C VAL A 69 1.12 -7.05 1.32
N GLU A 70 0.11 -7.89 1.23
CA GLU A 70 -0.73 -8.21 2.38
C GLU A 70 0.11 -8.49 3.62
N ASP A 71 1.27 -9.11 3.40
CA ASP A 71 2.18 -9.44 4.49
C ASP A 71 2.29 -8.27 5.47
N LEU A 72 2.25 -7.05 4.94
CA LEU A 72 2.36 -5.86 5.76
C LEU A 72 1.54 -6.01 7.04
N GLU A 73 0.30 -6.47 6.90
CA GLU A 73 -0.59 -6.66 8.04
C GLU A 73 0.16 -7.29 9.21
N ARG A 74 0.95 -8.33 8.91
CA ARG A 74 1.71 -9.03 9.93
C ARG A 74 2.71 -8.09 10.60
N VAL A 75 3.34 -7.24 9.81
CA VAL A 75 4.31 -6.28 10.32
C VAL A 75 3.76 -5.50 11.49
N GLU A 76 4.53 -5.41 12.57
CA GLU A 76 4.11 -4.69 13.76
C GLU A 76 3.83 -3.23 13.44
N GLY A 77 2.83 -2.67 14.11
CA GLY A 77 2.48 -1.27 13.89
C GLY A 77 1.58 -1.09 12.67
N ILE A 78 1.80 -1.92 11.66
CA ILE A 78 1.01 -1.85 10.43
C ILE A 78 -0.04 -2.96 10.39
N THR A 79 -1.30 -2.57 10.37
CA THR A 79 -2.40 -3.53 10.32
C THR A 79 -3.00 -3.61 8.93
N GLY A 80 -3.92 -4.55 8.73
CA GLY A 80 -4.57 -4.72 7.44
C GLY A 80 -5.19 -3.43 6.94
N LYS A 81 -5.57 -2.56 7.87
CA LYS A 81 -6.19 -1.28 7.52
C LYS A 81 -5.14 -0.30 6.99
N GLN A 82 -4.25 0.13 7.88
CA GLN A 82 -3.20 1.08 7.51
C GLN A 82 -2.60 0.71 6.15
N MET A 83 -2.29 -0.56 5.97
CA MET A 83 -1.70 -1.04 4.73
C MET A 83 -2.73 -0.99 3.60
N GLU A 84 -3.99 -1.17 3.94
CA GLU A 84 -5.07 -1.13 2.96
C GLU A 84 -5.27 0.27 2.41
N SER A 85 -5.37 1.24 3.31
CA SER A 85 -5.56 2.63 2.92
C SER A 85 -4.40 3.13 2.08
N PHE A 86 -3.20 2.62 2.38
CA PHE A 86 -2.00 3.03 1.66
C PHE A 86 -2.02 2.49 0.24
N LEU A 87 -2.12 1.17 0.11
CA LEU A 87 -2.16 0.54 -1.21
C LEU A 87 -3.04 1.32 -2.18
N LYS A 88 -4.18 1.81 -1.67
CA LYS A 88 -5.11 2.57 -2.48
C LYS A 88 -4.46 3.85 -3.00
N ALA A 89 -4.00 4.69 -2.07
CA ALA A 89 -3.36 5.95 -2.44
C ALA A 89 -2.56 5.80 -3.72
N ASN A 90 -1.55 4.93 -3.68
CA ASN A 90 -0.70 4.71 -4.85
C ASN A 90 -1.50 4.05 -5.98
N ILE A 91 -2.03 2.87 -5.72
CA ILE A 91 -2.81 2.15 -6.71
C ILE A 91 -3.75 3.09 -7.47
N LEU A 92 -4.75 3.61 -6.77
CA LEU A 92 -5.70 4.54 -7.37
C LEU A 92 -5.01 5.79 -7.89
N GLY A 93 -3.86 6.11 -7.30
CA GLY A 93 -3.11 7.28 -7.72
C GLY A 93 -2.39 7.07 -9.03
N LEU A 94 -2.03 5.81 -9.32
CA LEU A 94 -1.34 5.49 -10.55
C LEU A 94 -2.12 5.96 -11.77
N ALA A 95 -3.43 5.73 -11.76
CA ALA A 95 -4.29 6.13 -12.86
C ALA A 95 -4.66 7.61 -12.74
N ALA A 96 -5.04 8.02 -11.54
CA ALA A 96 -5.44 9.41 -11.30
C ALA A 96 -4.40 10.37 -11.88
N GLY A 97 -3.12 10.10 -11.61
CA GLY A 97 -2.07 10.95 -12.11
C GLY A 97 -1.53 10.48 -13.45
N GLN A 98 -2.42 10.30 -14.41
CA GLN A 98 -2.03 9.84 -15.74
C GLN A 98 -1.48 11.00 -16.57
N GLY A 1 -25.58 -12.65 -3.69
CA GLY A 1 -26.64 -12.39 -4.64
C GLY A 1 -26.24 -11.41 -5.72
N SER A 2 -26.78 -11.59 -6.92
CA SER A 2 -26.47 -10.70 -8.04
C SER A 2 -27.74 -10.13 -8.66
N SER A 3 -28.68 -9.74 -7.80
CA SER A 3 -29.95 -9.19 -8.27
C SER A 3 -29.73 -7.82 -8.93
N GLY A 4 -29.49 -7.85 -10.23
CA GLY A 4 -29.26 -6.61 -10.96
C GLY A 4 -27.83 -6.13 -10.88
N SER A 5 -27.39 -5.39 -11.89
CA SER A 5 -26.02 -4.88 -11.93
C SER A 5 -25.98 -3.43 -11.45
N SER A 6 -24.77 -2.88 -11.36
CA SER A 6 -24.58 -1.51 -10.90
C SER A 6 -25.44 -1.22 -9.66
N GLY A 7 -25.47 -2.18 -8.75
CA GLY A 7 -26.25 -2.01 -7.53
C GLY A 7 -25.63 -1.01 -6.58
N GLU A 8 -25.26 -1.49 -5.39
CA GLU A 8 -24.65 -0.63 -4.38
C GLU A 8 -23.17 -0.94 -4.22
N LYS A 9 -22.34 0.09 -4.26
CA LYS A 9 -20.90 -0.08 -4.11
C LYS A 9 -20.37 0.70 -2.91
N ALA A 10 -20.17 0.00 -1.80
CA ALA A 10 -19.67 0.63 -0.58
C ALA A 10 -18.55 1.61 -0.89
N GLU A 11 -18.26 2.49 0.05
CA GLU A 11 -17.20 3.50 -0.12
C GLU A 11 -15.87 2.96 0.40
N ASP A 12 -15.91 2.24 1.50
CA ASP A 12 -14.71 1.67 2.10
C ASP A 12 -13.97 0.79 1.10
N CYS A 13 -14.69 -0.16 0.51
CA CYS A 13 -14.10 -1.07 -0.46
C CYS A 13 -13.79 -0.34 -1.77
N TRP A 14 -12.58 0.19 -1.86
CA TRP A 14 -12.16 0.92 -3.05
C TRP A 14 -11.92 -0.04 -4.22
N GLU A 15 -11.38 -1.21 -3.92
CA GLU A 15 -11.10 -2.21 -4.94
C GLU A 15 -12.34 -2.46 -5.80
N LEU A 16 -13.51 -2.35 -5.20
CA LEU A 16 -14.77 -2.56 -5.91
C LEU A 16 -14.89 -1.61 -7.10
N GLN A 17 -14.26 -0.45 -6.98
CA GLN A 17 -14.28 0.55 -8.05
C GLN A 17 -13.16 0.32 -9.04
N ILE A 18 -11.99 -0.08 -8.52
CA ILE A 18 -10.83 -0.35 -9.37
C ILE A 18 -10.95 -1.70 -10.07
N SER A 19 -10.38 -1.79 -11.27
CA SER A 19 -10.43 -3.03 -12.04
C SER A 19 -9.59 -4.12 -11.38
N PRO A 20 -9.86 -5.38 -11.74
CA PRO A 20 -9.15 -6.53 -11.19
C PRO A 20 -7.70 -6.60 -11.68
N GLU A 21 -7.45 -6.00 -12.83
CA GLU A 21 -6.10 -5.99 -13.40
C GLU A 21 -5.26 -4.86 -12.81
N LEU A 22 -5.92 -3.77 -12.46
CA LEU A 22 -5.23 -2.61 -11.87
C LEU A 22 -4.77 -2.92 -10.46
N LEU A 23 -5.58 -3.68 -9.73
CA LEU A 23 -5.26 -4.04 -8.36
C LEU A 23 -3.97 -4.85 -8.29
N ALA A 24 -3.95 -5.97 -9.01
CA ALA A 24 -2.77 -6.83 -9.05
C ALA A 24 -1.57 -6.10 -9.64
N HIS A 25 -1.80 -5.39 -10.74
CA HIS A 25 -0.73 -4.65 -11.39
C HIS A 25 -0.09 -3.64 -10.44
N GLY A 26 -0.94 -2.90 -9.72
CA GLY A 26 -0.44 -1.91 -8.79
C GLY A 26 0.31 -2.54 -7.62
N ARG A 27 -0.35 -3.44 -6.91
CA ARG A 27 0.27 -4.11 -5.77
C ARG A 27 1.69 -4.55 -6.10
N GLN A 28 1.84 -5.29 -7.20
CA GLN A 28 3.15 -5.76 -7.62
C GLN A 28 4.17 -4.63 -7.65
N LYS A 29 3.77 -3.51 -8.24
CA LYS A 29 4.64 -2.34 -8.34
C LYS A 29 5.07 -1.87 -6.96
N ILE A 30 4.14 -1.89 -6.01
CA ILE A 30 4.42 -1.46 -4.65
C ILE A 30 5.28 -2.48 -3.92
N LEU A 31 5.11 -3.76 -4.27
CA LEU A 31 5.87 -4.84 -3.66
C LEU A 31 7.36 -4.71 -3.99
N ASP A 32 7.66 -4.39 -5.25
CA ASP A 32 9.04 -4.24 -5.69
C ASP A 32 9.72 -3.10 -4.95
N LEU A 33 8.92 -2.17 -4.43
CA LEU A 33 9.44 -1.03 -3.70
C LEU A 33 9.75 -1.39 -2.25
N LEU A 34 9.02 -2.36 -1.73
CA LEU A 34 9.20 -2.81 -0.36
C LEU A 34 10.38 -3.78 -0.25
N ASN A 35 10.67 -4.46 -1.36
CA ASN A 35 11.78 -5.42 -1.40
C ASN A 35 13.06 -4.74 -1.86
N GLU A 36 12.97 -3.99 -2.96
CA GLU A 36 14.13 -3.29 -3.50
C GLU A 36 14.29 -1.92 -2.85
N GLY A 37 13.17 -1.25 -2.61
CA GLY A 37 13.22 0.06 -1.99
C GLY A 37 13.42 0.00 -0.50
N SER A 38 14.29 0.86 0.02
CA SER A 38 14.58 0.89 1.45
C SER A 38 13.67 1.89 2.17
N ALA A 39 13.78 1.93 3.49
CA ALA A 39 12.97 2.84 4.29
C ALA A 39 12.73 4.16 3.58
N ARG A 40 13.80 4.89 3.32
CA ARG A 40 13.71 6.18 2.63
C ARG A 40 12.82 6.06 1.40
N ASP A 41 13.18 5.13 0.51
CA ASP A 41 12.42 4.92 -0.72
C ASP A 41 10.92 4.86 -0.43
N LEU A 42 10.57 4.32 0.73
CA LEU A 42 9.17 4.20 1.12
C LEU A 42 8.62 5.55 1.59
N ARG A 43 9.42 6.28 2.34
CA ARG A 43 9.01 7.58 2.86
C ARG A 43 8.58 8.50 1.71
N SER A 44 8.98 8.15 0.49
CA SER A 44 8.64 8.94 -0.68
C SER A 44 7.17 8.76 -1.04
N LEU A 45 6.64 7.57 -0.79
CA LEU A 45 5.25 7.25 -1.08
C LEU A 45 4.32 8.30 -0.47
N GLN A 46 3.02 8.08 -0.61
CA GLN A 46 2.02 9.00 -0.07
C GLN A 46 1.70 8.67 1.38
N ARG A 47 1.00 7.56 1.59
CA ARG A 47 0.62 7.14 2.93
C ARG A 47 1.76 6.36 3.59
N ILE A 48 2.93 6.98 3.65
CA ILE A 48 4.10 6.35 4.26
C ILE A 48 5.03 7.39 4.88
N GLY A 49 5.53 7.09 6.08
CA GLY A 49 6.42 8.00 6.76
C GLY A 49 7.71 7.34 7.18
N PRO A 50 8.56 8.09 7.90
CA PRO A 50 9.85 7.58 8.39
C PRO A 50 9.69 6.54 9.48
N LYS A 51 8.47 6.37 9.96
CA LYS A 51 8.18 5.40 11.00
C LYS A 51 7.92 4.01 10.40
N LYS A 52 6.81 3.89 9.69
CA LYS A 52 6.45 2.62 9.05
C LYS A 52 7.61 2.07 8.24
N ALA A 53 8.24 2.94 7.44
CA ALA A 53 9.36 2.54 6.61
C ALA A 53 10.32 1.64 7.38
N GLN A 54 10.73 2.09 8.56
CA GLN A 54 11.65 1.32 9.39
C GLN A 54 10.98 0.05 9.91
N LEU A 55 9.67 0.11 10.10
CA LEU A 55 8.91 -1.03 10.60
C LEU A 55 8.90 -2.16 9.57
N ILE A 56 8.80 -1.79 8.29
CA ILE A 56 8.78 -2.77 7.22
C ILE A 56 10.19 -3.28 6.91
N VAL A 57 11.17 -2.37 6.97
CA VAL A 57 12.55 -2.73 6.70
C VAL A 57 13.11 -3.63 7.78
N GLY A 58 12.88 -3.26 9.04
CA GLY A 58 13.37 -4.04 10.15
C GLY A 58 12.78 -5.45 10.18
N TRP A 59 11.60 -5.60 9.59
CA TRP A 59 10.94 -6.89 9.55
C TRP A 59 11.57 -7.79 8.50
N ARG A 60 11.68 -7.27 7.28
CA ARG A 60 12.27 -8.02 6.18
C ARG A 60 13.76 -8.24 6.40
N GLU A 61 14.35 -7.43 7.28
CA GLU A 61 15.77 -7.54 7.59
C GLU A 61 16.10 -8.91 8.17
N LEU A 62 15.28 -9.37 9.10
CA LEU A 62 15.49 -10.66 9.74
C LEU A 62 14.69 -11.75 9.03
N HIS A 63 13.39 -11.53 8.90
CA HIS A 63 12.51 -12.50 8.23
C HIS A 63 12.91 -12.68 6.77
N GLY A 64 12.95 -11.58 6.03
CA GLY A 64 13.32 -11.63 4.63
C GLY A 64 12.33 -10.91 3.74
N PRO A 65 12.33 -11.26 2.44
CA PRO A 65 11.42 -10.65 1.45
C PRO A 65 9.97 -11.07 1.67
N PHE A 66 9.06 -10.13 1.43
CA PHE A 66 7.63 -10.40 1.59
C PHE A 66 7.06 -11.10 0.36
N SER A 67 6.50 -12.29 0.57
CA SER A 67 5.92 -13.07 -0.52
C SER A 67 4.78 -12.30 -1.19
N GLN A 68 4.32 -11.26 -0.53
CA GLN A 68 3.23 -10.44 -1.06
C GLN A 68 3.08 -9.14 -0.27
N VAL A 69 2.18 -8.29 -0.71
CA VAL A 69 1.93 -7.01 -0.05
C VAL A 69 1.07 -7.20 1.20
N GLU A 70 0.33 -8.31 1.24
CA GLU A 70 -0.53 -8.61 2.38
C GLU A 70 0.29 -8.91 3.62
N ASP A 71 1.58 -9.19 3.43
CA ASP A 71 2.48 -9.48 4.53
C ASP A 71 2.69 -8.24 5.40
N LEU A 72 2.33 -7.08 4.87
CA LEU A 72 2.49 -5.83 5.60
C LEU A 72 1.67 -5.83 6.88
N GLU A 73 0.48 -6.42 6.81
CA GLU A 73 -0.41 -6.50 7.97
C GLU A 73 0.30 -7.16 9.16
N ARG A 74 1.12 -8.16 8.85
CA ARG A 74 1.85 -8.88 9.89
C ARG A 74 2.85 -7.97 10.59
N VAL A 75 3.42 -7.03 9.84
CA VAL A 75 4.39 -6.10 10.39
C VAL A 75 3.79 -5.30 11.55
N GLU A 76 4.50 -5.28 12.67
CA GLU A 76 4.02 -4.55 13.85
C GLU A 76 3.72 -3.10 13.50
N GLY A 77 2.58 -2.61 14.00
CA GLY A 77 2.18 -1.24 13.72
C GLY A 77 1.31 -1.13 12.50
N ILE A 78 1.65 -1.88 11.45
CA ILE A 78 0.88 -1.86 10.21
C ILE A 78 -0.14 -2.98 10.17
N THR A 79 -1.38 -2.66 10.54
CA THR A 79 -2.45 -3.66 10.54
C THR A 79 -2.99 -3.88 9.14
N GLY A 80 -3.70 -5.00 8.95
CA GLY A 80 -4.26 -5.32 7.66
C GLY A 80 -5.09 -4.19 7.09
N LYS A 81 -5.57 -3.31 7.97
CA LYS A 81 -6.38 -2.18 7.56
C LYS A 81 -5.51 -0.99 7.18
N GLN A 82 -4.38 -0.85 7.87
CA GLN A 82 -3.46 0.25 7.61
C GLN A 82 -2.78 0.08 6.25
N MET A 83 -2.48 -1.17 5.89
CA MET A 83 -1.83 -1.47 4.63
C MET A 83 -2.79 -1.29 3.47
N GLU A 84 -4.07 -1.56 3.72
CA GLU A 84 -5.11 -1.42 2.69
C GLU A 84 -5.19 0.01 2.20
N SER A 85 -5.42 0.94 3.12
CA SER A 85 -5.53 2.35 2.77
C SER A 85 -4.34 2.80 1.93
N PHE A 86 -3.14 2.49 2.40
CA PHE A 86 -1.92 2.85 1.69
C PHE A 86 -1.99 2.43 0.23
N LEU A 87 -2.03 1.12 0.00
CA LEU A 87 -2.11 0.58 -1.35
C LEU A 87 -2.96 1.46 -2.25
N LYS A 88 -4.23 1.60 -1.89
CA LYS A 88 -5.16 2.42 -2.66
C LYS A 88 -4.51 3.73 -3.08
N ALA A 89 -3.91 4.43 -2.11
CA ALA A 89 -3.24 5.70 -2.39
C ALA A 89 -2.45 5.63 -3.70
N ASN A 90 -1.44 4.78 -3.72
CA ASN A 90 -0.60 4.63 -4.92
C ASN A 90 -1.40 4.02 -6.06
N ILE A 91 -1.89 2.80 -5.86
CA ILE A 91 -2.67 2.11 -6.87
C ILE A 91 -3.59 3.07 -7.60
N LEU A 92 -4.56 3.62 -6.89
CA LEU A 92 -5.50 4.56 -7.46
C LEU A 92 -4.78 5.78 -8.06
N GLY A 93 -3.61 6.07 -7.52
CA GLY A 93 -2.84 7.20 -8.02
C GLY A 93 -2.15 6.90 -9.34
N LEU A 94 -2.09 5.62 -9.70
CA LEU A 94 -1.47 5.21 -10.94
C LEU A 94 -2.30 5.65 -12.15
N ALA A 95 -3.58 5.34 -12.11
CA ALA A 95 -4.49 5.71 -13.20
C ALA A 95 -4.17 7.10 -13.72
N ALA A 96 -3.71 7.97 -12.83
CA ALA A 96 -3.37 9.35 -13.21
C ALA A 96 -2.15 9.38 -14.13
N GLY A 97 -1.08 8.70 -13.70
CA GLY A 97 0.14 8.67 -14.50
C GLY A 97 0.32 7.35 -15.22
N GLN A 98 -0.69 6.96 -16.01
CA GLN A 98 -0.64 5.71 -16.76
C GLN A 98 -0.36 5.98 -18.24
N GLY A 1 -6.24 25.93 -12.07
CA GLY A 1 -5.83 25.20 -10.89
C GLY A 1 -6.90 24.26 -10.39
N SER A 2 -6.58 23.47 -9.37
CA SER A 2 -7.52 22.52 -8.81
C SER A 2 -7.32 22.38 -7.29
N SER A 3 -8.38 21.97 -6.60
CA SER A 3 -8.32 21.81 -5.15
C SER A 3 -8.24 20.33 -4.77
N GLY A 4 -7.51 20.04 -3.70
CA GLY A 4 -7.37 18.67 -3.26
C GLY A 4 -8.68 17.92 -3.24
N SER A 5 -8.62 16.60 -3.11
CA SER A 5 -9.81 15.77 -3.09
C SER A 5 -10.43 15.76 -1.69
N SER A 6 -11.62 15.18 -1.59
CA SER A 6 -12.33 15.10 -0.32
C SER A 6 -12.99 13.73 -0.13
N GLY A 7 -12.58 13.02 0.90
CA GLY A 7 -13.14 11.71 1.17
C GLY A 7 -14.36 11.76 2.06
N GLU A 8 -14.98 10.61 2.28
CA GLU A 8 -16.17 10.53 3.12
C GLU A 8 -15.99 9.52 4.24
N LYS A 9 -16.32 9.92 5.46
CA LYS A 9 -16.19 9.05 6.62
C LYS A 9 -17.20 7.91 6.56
N ALA A 10 -16.75 6.75 6.08
CA ALA A 10 -17.62 5.58 5.98
C ALA A 10 -16.82 4.36 5.53
N GLU A 11 -17.49 3.21 5.52
CA GLU A 11 -16.84 1.96 5.10
C GLU A 11 -17.28 1.56 3.70
N ASP A 12 -16.41 1.80 2.72
CA ASP A 12 -16.70 1.46 1.34
C ASP A 12 -15.45 0.95 0.63
N CYS A 13 -15.45 -0.34 0.32
CA CYS A 13 -14.32 -0.96 -0.36
C CYS A 13 -13.84 -0.10 -1.54
N TRP A 14 -12.63 -0.37 -2.01
CA TRP A 14 -12.07 0.38 -3.13
C TRP A 14 -11.66 -0.56 -4.26
N GLU A 15 -11.11 -1.71 -3.89
CA GLU A 15 -10.67 -2.70 -4.88
C GLU A 15 -11.82 -3.09 -5.79
N LEU A 16 -13.05 -2.87 -5.34
CA LEU A 16 -14.23 -3.20 -6.12
C LEU A 16 -14.40 -2.24 -7.29
N GLN A 17 -14.06 -0.97 -7.06
CA GLN A 17 -14.17 0.06 -8.09
C GLN A 17 -12.99 -0.01 -9.05
N ILE A 18 -11.81 -0.31 -8.51
CA ILE A 18 -10.60 -0.40 -9.33
C ILE A 18 -10.62 -1.64 -10.20
N SER A 19 -10.22 -1.48 -11.46
CA SER A 19 -10.19 -2.61 -12.40
C SER A 19 -9.40 -3.77 -11.83
N PRO A 20 -9.63 -4.97 -12.39
CA PRO A 20 -8.94 -6.19 -11.96
C PRO A 20 -7.46 -6.19 -12.34
N GLU A 21 -7.15 -5.53 -13.44
CA GLU A 21 -5.76 -5.45 -13.91
C GLU A 21 -5.00 -4.35 -13.18
N LEU A 22 -5.74 -3.38 -12.65
CA LEU A 22 -5.13 -2.26 -11.94
C LEU A 22 -4.72 -2.69 -10.53
N LEU A 23 -5.52 -3.56 -9.92
CA LEU A 23 -5.23 -4.04 -8.57
C LEU A 23 -3.97 -4.88 -8.55
N ALA A 24 -3.95 -5.94 -9.35
CA ALA A 24 -2.80 -6.84 -9.43
C ALA A 24 -1.55 -6.08 -9.88
N HIS A 25 -1.70 -5.29 -10.95
CA HIS A 25 -0.58 -4.52 -11.49
C HIS A 25 0.04 -3.65 -10.40
N GLY A 26 -0.81 -2.88 -9.70
CA GLY A 26 -0.33 -2.01 -8.65
C GLY A 26 0.37 -2.77 -7.54
N ARG A 27 -0.35 -3.71 -6.92
CA ARG A 27 0.21 -4.50 -5.84
C ARG A 27 1.67 -4.85 -6.11
N GLN A 28 1.92 -5.41 -7.29
CA GLN A 28 3.27 -5.80 -7.68
C GLN A 28 4.24 -4.62 -7.57
N LYS A 29 3.85 -3.50 -8.17
CA LYS A 29 4.68 -2.30 -8.15
C LYS A 29 5.03 -1.92 -6.71
N ILE A 30 4.03 -1.94 -5.83
CA ILE A 30 4.25 -1.61 -4.42
C ILE A 30 5.10 -2.66 -3.74
N LEU A 31 4.89 -3.92 -4.10
CA LEU A 31 5.63 -5.03 -3.52
C LEU A 31 7.12 -4.91 -3.83
N ASP A 32 7.43 -4.38 -5.01
CA ASP A 32 8.81 -4.21 -5.42
C ASP A 32 9.48 -3.06 -4.67
N LEU A 33 8.67 -2.07 -4.31
CA LEU A 33 9.18 -0.90 -3.58
C LEU A 33 9.41 -1.24 -2.11
N LEU A 34 8.70 -2.25 -1.63
CA LEU A 34 8.83 -2.68 -0.24
C LEU A 34 9.95 -3.70 -0.08
N ASN A 35 10.35 -4.30 -1.19
CA ASN A 35 11.42 -5.30 -1.18
C ASN A 35 12.73 -4.69 -1.65
N GLU A 36 12.71 -4.09 -2.84
CA GLU A 36 13.90 -3.47 -3.41
C GLU A 36 14.12 -2.09 -2.83
N GLY A 37 13.03 -1.37 -2.59
CA GLY A 37 13.12 -0.03 -2.04
C GLY A 37 13.56 -0.03 -0.59
N SER A 38 14.28 1.02 -0.18
CA SER A 38 14.76 1.12 1.19
C SER A 38 13.85 2.02 2.02
N ALA A 39 14.13 2.11 3.32
CA ALA A 39 13.34 2.93 4.22
C ALA A 39 13.04 4.29 3.60
N ARG A 40 14.09 4.97 3.14
CA ARG A 40 13.95 6.28 2.54
C ARG A 40 13.01 6.23 1.33
N ASP A 41 13.25 5.26 0.45
CA ASP A 41 12.44 5.10 -0.74
C ASP A 41 10.96 4.98 -0.38
N LEU A 42 10.68 4.25 0.70
CA LEU A 42 9.30 4.06 1.16
C LEU A 42 8.66 5.40 1.51
N ARG A 43 9.40 6.23 2.25
CA ARG A 43 8.90 7.54 2.65
C ARG A 43 8.42 8.33 1.45
N SER A 44 8.93 8.00 0.27
CA SER A 44 8.54 8.68 -0.96
C SER A 44 7.07 8.49 -1.25
N LEU A 45 6.53 7.35 -0.83
CA LEU A 45 5.12 7.04 -1.05
C LEU A 45 4.22 8.09 -0.40
N GLN A 46 2.92 7.87 -0.47
CA GLN A 46 1.96 8.80 0.11
C GLN A 46 1.64 8.43 1.56
N ARG A 47 0.91 7.34 1.73
CA ARG A 47 0.53 6.88 3.06
C ARG A 47 1.70 6.15 3.73
N ILE A 48 2.85 6.81 3.77
CA ILE A 48 4.04 6.21 4.37
C ILE A 48 4.95 7.30 4.96
N GLY A 49 5.57 6.99 6.10
CA GLY A 49 6.45 7.95 6.74
C GLY A 49 7.78 7.33 7.12
N PRO A 50 8.59 8.09 7.87
CA PRO A 50 9.91 7.64 8.33
C PRO A 50 9.81 6.54 9.38
N LYS A 51 8.61 6.35 9.92
CA LYS A 51 8.38 5.33 10.94
C LYS A 51 8.06 3.98 10.29
N LYS A 52 6.92 3.91 9.62
CA LYS A 52 6.49 2.68 8.96
C LYS A 52 7.62 2.11 8.10
N ALA A 53 8.41 3.00 7.51
CA ALA A 53 9.52 2.58 6.66
C ALA A 53 10.52 1.73 7.44
N GLN A 54 10.89 2.20 8.63
CA GLN A 54 11.83 1.48 9.47
C GLN A 54 11.20 0.23 10.06
N LEU A 55 9.87 0.24 10.17
CA LEU A 55 9.14 -0.90 10.72
C LEU A 55 9.10 -2.04 9.71
N ILE A 56 8.83 -1.72 8.46
CA ILE A 56 8.76 -2.73 7.41
C ILE A 56 10.14 -3.26 7.06
N VAL A 57 11.05 -2.34 6.71
CA VAL A 57 12.42 -2.70 6.36
C VAL A 57 13.05 -3.56 7.45
N GLY A 58 13.08 -3.03 8.67
CA GLY A 58 13.66 -3.76 9.78
C GLY A 58 13.13 -5.17 9.90
N TRP A 59 11.87 -5.36 9.50
CA TRP A 59 11.24 -6.68 9.56
C TRP A 59 11.85 -7.62 8.52
N ARG A 60 11.65 -7.29 7.24
CA ARG A 60 12.17 -8.10 6.15
C ARG A 60 13.66 -8.38 6.36
N GLU A 61 14.38 -7.38 6.85
CA GLU A 61 15.82 -7.52 7.07
C GLU A 61 16.12 -8.83 7.80
N LEU A 62 15.28 -9.20 8.74
CA LEU A 62 15.47 -10.43 9.50
C LEU A 62 14.62 -11.56 8.93
N HIS A 63 13.33 -11.28 8.73
CA HIS A 63 12.41 -12.27 8.18
C HIS A 63 12.78 -12.62 6.74
N GLY A 64 12.79 -11.60 5.88
CA GLY A 64 13.13 -11.82 4.48
C GLY A 64 12.20 -11.08 3.54
N PRO A 65 12.12 -11.54 2.29
CA PRO A 65 11.28 -10.94 1.26
C PRO A 65 9.79 -11.16 1.54
N PHE A 66 8.96 -10.23 1.08
CA PHE A 66 7.51 -10.32 1.28
C PHE A 66 6.86 -11.07 0.12
N SER A 67 6.32 -12.26 0.42
CA SER A 67 5.67 -13.07 -0.59
C SER A 67 4.53 -12.31 -1.26
N GLN A 68 3.97 -11.35 -0.54
CA GLN A 68 2.87 -10.55 -1.06
C GLN A 68 2.61 -9.33 -0.16
N VAL A 69 2.11 -8.26 -0.76
CA VAL A 69 1.82 -7.04 -0.02
C VAL A 69 1.01 -7.34 1.23
N GLU A 70 0.13 -8.34 1.13
CA GLU A 70 -0.72 -8.72 2.26
C GLU A 70 0.10 -8.83 3.54
N ASP A 71 1.38 -9.15 3.38
CA ASP A 71 2.28 -9.29 4.53
C ASP A 71 2.25 -8.03 5.40
N LEU A 72 2.24 -6.87 4.75
CA LEU A 72 2.22 -5.60 5.46
C LEU A 72 1.21 -5.65 6.61
N GLU A 73 0.18 -6.47 6.45
CA GLU A 73 -0.86 -6.59 7.48
C GLU A 73 -0.26 -7.14 8.78
N ARG A 74 0.58 -8.16 8.66
CA ARG A 74 1.21 -8.77 9.82
C ARG A 74 2.53 -8.08 10.15
N VAL A 75 2.54 -6.75 10.04
CA VAL A 75 3.74 -5.97 10.32
C VAL A 75 3.48 -4.95 11.42
N GLU A 76 4.16 -5.12 12.56
CA GLU A 76 4.00 -4.20 13.68
C GLU A 76 3.77 -2.78 13.20
N GLY A 77 2.89 -2.06 13.90
CA GLY A 77 2.59 -0.69 13.52
C GLY A 77 1.62 -0.61 12.37
N ILE A 78 1.84 -1.43 11.35
CA ILE A 78 0.97 -1.44 10.17
C ILE A 78 -0.05 -2.57 10.25
N THR A 79 -1.19 -2.30 10.86
CA THR A 79 -2.25 -3.29 11.01
C THR A 79 -2.78 -3.72 9.65
N GLY A 80 -3.82 -4.55 9.66
CA GLY A 80 -4.42 -5.02 8.42
C GLY A 80 -5.02 -3.90 7.61
N LYS A 81 -5.70 -2.98 8.28
CA LYS A 81 -6.34 -1.85 7.61
C LYS A 81 -5.29 -0.81 7.19
N GLN A 82 -4.35 -0.54 8.08
CA GLN A 82 -3.29 0.43 7.79
C GLN A 82 -2.79 0.29 6.36
N MET A 83 -2.24 -0.88 6.04
CA MET A 83 -1.73 -1.15 4.71
C MET A 83 -2.84 -1.02 3.66
N GLU A 84 -3.99 -1.61 3.94
CA GLU A 84 -5.12 -1.57 3.03
C GLU A 84 -5.37 -0.13 2.55
N SER A 85 -5.34 0.81 3.49
CA SER A 85 -5.56 2.21 3.16
C SER A 85 -4.39 2.78 2.38
N PHE A 86 -3.24 2.13 2.48
CA PHE A 86 -2.03 2.56 1.79
C PHE A 86 -2.04 2.09 0.33
N LEU A 87 -2.10 0.77 0.15
CA LEU A 87 -2.10 0.18 -1.18
C LEU A 87 -2.97 1.00 -2.13
N LYS A 88 -4.17 1.35 -1.68
CA LYS A 88 -5.10 2.13 -2.49
C LYS A 88 -4.46 3.46 -2.90
N ALA A 89 -3.74 4.08 -1.97
CA ALA A 89 -3.08 5.36 -2.23
C ALA A 89 -2.26 5.30 -3.51
N ASN A 90 -1.23 4.46 -3.51
CA ASN A 90 -0.37 4.30 -4.67
C ASN A 90 -1.11 3.65 -5.82
N ILE A 91 -1.80 2.56 -5.53
CA ILE A 91 -2.57 1.83 -6.55
C ILE A 91 -3.46 2.78 -7.33
N LEU A 92 -4.45 3.36 -6.66
CA LEU A 92 -5.37 4.28 -7.30
C LEU A 92 -4.64 5.52 -7.82
N GLY A 93 -3.70 6.02 -7.02
CA GLY A 93 -2.94 7.19 -7.41
C GLY A 93 -2.24 7.00 -8.75
N LEU A 94 -1.71 5.81 -8.97
CA LEU A 94 -1.00 5.50 -10.21
C LEU A 94 -1.82 5.95 -11.41
N ALA A 95 -3.10 5.58 -11.44
CA ALA A 95 -3.98 5.96 -12.54
C ALA A 95 -5.39 6.22 -12.05
N ALA A 96 -5.80 7.49 -12.05
CA ALA A 96 -7.13 7.87 -11.60
C ALA A 96 -8.01 8.27 -12.78
N GLY A 97 -8.64 7.29 -13.40
CA GLY A 97 -9.52 7.55 -14.54
C GLY A 97 -9.11 6.78 -15.77
N GLN A 98 -7.81 6.66 -15.99
CA GLN A 98 -7.29 5.95 -17.15
C GLN A 98 -7.74 4.48 -17.14
N GLY A 1 -10.69 10.33 -21.78
CA GLY A 1 -11.48 11.03 -20.79
C GLY A 1 -11.37 10.41 -19.41
N SER A 2 -11.75 11.17 -18.38
CA SER A 2 -11.68 10.70 -17.01
C SER A 2 -12.29 11.71 -16.05
N SER A 3 -12.69 11.24 -14.88
CA SER A 3 -13.30 12.10 -13.86
C SER A 3 -13.39 11.39 -12.53
N GLY A 4 -13.67 12.16 -11.47
CA GLY A 4 -13.78 11.58 -10.14
C GLY A 4 -13.78 12.64 -9.06
N SER A 5 -14.13 12.22 -7.84
CA SER A 5 -14.17 13.15 -6.71
C SER A 5 -13.46 12.55 -5.49
N SER A 6 -13.31 13.36 -4.45
CA SER A 6 -12.64 12.91 -3.23
C SER A 6 -13.39 13.40 -2.00
N GLY A 7 -12.92 13.00 -0.83
CA GLY A 7 -13.55 13.40 0.42
C GLY A 7 -14.57 12.39 0.91
N GLU A 8 -15.71 12.89 1.38
CA GLU A 8 -16.76 12.02 1.89
C GLU A 8 -16.18 10.84 2.66
N LYS A 9 -15.21 11.13 3.51
CA LYS A 9 -14.57 10.09 4.32
C LYS A 9 -15.59 9.11 4.86
N ALA A 10 -15.56 7.88 4.36
CA ALA A 10 -16.48 6.84 4.80
C ALA A 10 -15.91 5.45 4.54
N GLU A 11 -16.60 4.43 5.04
CA GLU A 11 -16.16 3.05 4.87
C GLU A 11 -16.76 2.44 3.60
N ASP A 12 -15.94 2.34 2.56
CA ASP A 12 -16.38 1.77 1.29
C ASP A 12 -15.22 1.17 0.53
N CYS A 13 -15.33 -0.11 0.18
CA CYS A 13 -14.29 -0.79 -0.56
C CYS A 13 -13.87 -0.01 -1.80
N TRP A 14 -12.64 -0.21 -2.23
CA TRP A 14 -12.12 0.50 -3.40
C TRP A 14 -11.80 -0.48 -4.53
N GLU A 15 -11.25 -1.63 -4.17
CA GLU A 15 -10.90 -2.65 -5.15
C GLU A 15 -12.07 -2.93 -6.10
N LEU A 16 -13.28 -2.64 -5.62
CA LEU A 16 -14.48 -2.86 -6.42
C LEU A 16 -14.56 -1.87 -7.58
N GLN A 17 -14.11 -0.63 -7.32
CA GLN A 17 -14.12 0.41 -8.35
C GLN A 17 -12.94 0.26 -9.28
N ILE A 18 -11.78 -0.10 -8.72
CA ILE A 18 -10.57 -0.27 -9.51
C ILE A 18 -10.66 -1.50 -10.40
N SER A 19 -9.97 -1.47 -11.53
CA SER A 19 -9.97 -2.57 -12.47
C SER A 19 -9.24 -3.78 -11.90
N PRO A 20 -9.50 -4.97 -12.47
CA PRO A 20 -8.88 -6.22 -12.03
C PRO A 20 -7.40 -6.28 -12.36
N GLU A 21 -7.02 -5.68 -13.48
CA GLU A 21 -5.62 -5.66 -13.91
C GLU A 21 -4.83 -4.61 -13.14
N LEU A 22 -5.53 -3.57 -12.68
CA LEU A 22 -4.88 -2.49 -11.94
C LEU A 22 -4.52 -2.95 -10.52
N LEU A 23 -5.42 -3.71 -9.92
CA LEU A 23 -5.19 -4.23 -8.56
C LEU A 23 -3.91 -5.05 -8.51
N ALA A 24 -3.81 -6.05 -9.38
CA ALA A 24 -2.65 -6.92 -9.43
C ALA A 24 -1.42 -6.15 -9.91
N HIS A 25 -1.54 -5.50 -11.06
CA HIS A 25 -0.44 -4.73 -11.63
C HIS A 25 0.15 -3.78 -10.59
N GLY A 26 -0.72 -3.19 -9.78
CA GLY A 26 -0.26 -2.26 -8.75
C GLY A 26 0.38 -2.96 -7.58
N ARG A 27 -0.39 -3.82 -6.90
CA ARG A 27 0.12 -4.56 -5.76
C ARG A 27 1.56 -4.98 -5.98
N GLN A 28 1.83 -5.55 -7.16
CA GLN A 28 3.18 -6.00 -7.48
C GLN A 28 4.16 -4.84 -7.51
N LYS A 29 3.75 -3.74 -8.14
CA LYS A 29 4.59 -2.55 -8.23
C LYS A 29 5.00 -2.07 -6.84
N ILE A 30 4.06 -2.08 -5.91
CA ILE A 30 4.32 -1.65 -4.55
C ILE A 30 5.21 -2.65 -3.80
N LEU A 31 4.96 -3.94 -4.04
CA LEU A 31 5.74 -4.99 -3.41
C LEU A 31 7.22 -4.85 -3.74
N ASP A 32 7.57 -4.99 -5.01
CA ASP A 32 8.94 -4.88 -5.46
C ASP A 32 9.62 -3.66 -4.83
N LEU A 33 8.84 -2.63 -4.56
CA LEU A 33 9.36 -1.41 -3.95
C LEU A 33 9.69 -1.63 -2.48
N LEU A 34 8.83 -2.37 -1.78
CA LEU A 34 9.05 -2.66 -0.37
C LEU A 34 10.28 -3.53 -0.17
N ASN A 35 10.58 -4.35 -1.17
CA ASN A 35 11.74 -5.24 -1.10
C ASN A 35 12.99 -4.53 -1.61
N GLU A 36 12.93 -4.04 -2.84
CA GLU A 36 14.07 -3.34 -3.43
C GLU A 36 14.23 -1.96 -2.82
N GLY A 37 13.12 -1.28 -2.58
CA GLY A 37 13.16 0.04 -2.00
C GLY A 37 13.40 0.01 -0.51
N SER A 38 14.24 0.94 -0.02
CA SER A 38 14.55 1.01 1.40
C SER A 38 13.63 1.99 2.11
N ALA A 39 13.74 2.05 3.44
CA ALA A 39 12.92 2.93 4.24
C ALA A 39 12.64 4.23 3.49
N ARG A 40 13.69 4.97 3.16
CA ARG A 40 13.56 6.23 2.44
C ARG A 40 12.61 6.08 1.25
N ASP A 41 13.02 5.30 0.27
CA ASP A 41 12.22 5.07 -0.93
C ASP A 41 10.74 5.02 -0.58
N LEU A 42 10.41 4.36 0.53
CA LEU A 42 9.03 4.24 0.98
C LEU A 42 8.50 5.58 1.48
N ARG A 43 9.31 6.26 2.29
CA ARG A 43 8.92 7.56 2.85
C ARG A 43 8.23 8.41 1.78
N SER A 44 8.68 8.28 0.55
CA SER A 44 8.11 9.05 -0.56
C SER A 44 6.67 8.61 -0.83
N LEU A 45 6.43 7.30 -0.80
CA LEU A 45 5.10 6.75 -1.04
C LEU A 45 4.08 7.40 -0.12
N GLN A 46 2.86 7.58 -0.63
CA GLN A 46 1.79 8.19 0.15
C GLN A 46 1.40 7.31 1.32
N ARG A 47 1.02 7.94 2.42
CA ARG A 47 0.62 7.21 3.62
C ARG A 47 1.81 6.47 4.23
N ILE A 48 3.00 7.06 4.08
CA ILE A 48 4.21 6.45 4.60
C ILE A 48 5.13 7.50 5.22
N GLY A 49 5.77 7.15 6.34
CA GLY A 49 6.66 8.07 7.01
C GLY A 49 8.00 7.44 7.37
N PRO A 50 8.79 8.14 8.19
CA PRO A 50 10.10 7.66 8.63
C PRO A 50 9.99 6.48 9.59
N LYS A 51 8.80 6.27 10.13
CA LYS A 51 8.56 5.18 11.07
C LYS A 51 8.19 3.90 10.32
N LYS A 52 7.01 3.88 9.72
CA LYS A 52 6.53 2.73 8.98
C LYS A 52 7.61 2.21 8.04
N ALA A 53 8.41 3.13 7.50
CA ALA A 53 9.49 2.76 6.59
C ALA A 53 10.52 1.87 7.28
N GLN A 54 10.79 2.16 8.54
CA GLN A 54 11.75 1.38 9.32
C GLN A 54 11.11 0.10 9.85
N LEU A 55 9.79 0.09 9.92
CA LEU A 55 9.06 -1.08 10.41
C LEU A 55 9.02 -2.18 9.36
N ILE A 56 8.88 -1.78 8.10
CA ILE A 56 8.84 -2.74 7.01
C ILE A 56 10.23 -3.22 6.63
N VAL A 57 11.12 -2.27 6.36
CA VAL A 57 12.50 -2.60 5.99
C VAL A 57 13.17 -3.43 7.07
N GLY A 58 12.97 -3.04 8.33
CA GLY A 58 13.57 -3.77 9.43
C GLY A 58 13.09 -5.20 9.51
N TRP A 59 11.81 -5.41 9.22
CA TRP A 59 11.23 -6.75 9.26
C TRP A 59 11.86 -7.65 8.21
N ARG A 60 11.63 -7.33 6.94
CA ARG A 60 12.17 -8.12 5.84
C ARG A 60 13.68 -8.31 6.02
N GLU A 61 14.38 -7.23 6.34
CA GLU A 61 15.83 -7.29 6.52
C GLU A 61 16.23 -8.57 7.26
N LEU A 62 15.39 -8.99 8.21
CA LEU A 62 15.66 -10.19 8.98
C LEU A 62 14.83 -11.36 8.47
N HIS A 63 13.51 -11.17 8.45
CA HIS A 63 12.60 -12.21 7.98
C HIS A 63 12.87 -12.56 6.53
N GLY A 64 12.94 -11.54 5.69
CA GLY A 64 13.19 -11.76 4.27
C GLY A 64 12.17 -11.06 3.38
N PRO A 65 12.04 -11.54 2.14
CA PRO A 65 11.10 -10.97 1.16
C PRO A 65 9.65 -11.24 1.54
N PHE A 66 8.78 -10.27 1.24
CA PHE A 66 7.36 -10.41 1.54
C PHE A 66 6.62 -11.08 0.40
N SER A 67 6.16 -12.31 0.64
CA SER A 67 5.43 -13.06 -0.37
C SER A 67 4.36 -12.20 -1.04
N GLN A 68 3.72 -11.35 -0.25
CA GLN A 68 2.68 -10.47 -0.76
C GLN A 68 2.58 -9.19 0.07
N VAL A 69 1.89 -8.20 -0.46
CA VAL A 69 1.74 -6.92 0.23
C VAL A 69 0.93 -7.08 1.50
N GLU A 70 0.02 -8.04 1.51
CA GLU A 70 -0.82 -8.31 2.67
C GLU A 70 0.03 -8.64 3.89
N ASP A 71 1.30 -8.96 3.65
CA ASP A 71 2.21 -9.30 4.73
C ASP A 71 2.37 -8.13 5.70
N LEU A 72 2.30 -6.92 5.17
CA LEU A 72 2.42 -5.72 5.99
C LEU A 72 1.61 -5.84 7.27
N GLU A 73 0.37 -6.31 7.14
CA GLU A 73 -0.50 -6.48 8.29
C GLU A 73 0.25 -7.11 9.46
N ARG A 74 1.02 -8.15 9.17
CA ARG A 74 1.78 -8.84 10.20
C ARG A 74 2.77 -7.88 10.89
N VAL A 75 3.28 -6.93 10.12
CA VAL A 75 4.23 -5.95 10.65
C VAL A 75 3.58 -5.08 11.71
N GLU A 76 4.17 -5.06 12.90
CA GLU A 76 3.64 -4.27 14.00
C GLU A 76 3.44 -2.81 13.57
N GLY A 77 2.37 -2.19 14.08
CA GLY A 77 2.09 -0.82 13.74
C GLY A 77 1.21 -0.69 12.52
N ILE A 78 1.48 -1.51 11.51
CA ILE A 78 0.70 -1.49 10.27
C ILE A 78 -0.28 -2.66 10.22
N THR A 79 -1.44 -2.47 10.85
CA THR A 79 -2.46 -3.49 10.88
C THR A 79 -3.03 -3.76 9.49
N GLY A 80 -3.63 -4.92 9.30
CA GLY A 80 -4.18 -5.28 8.01
C GLY A 80 -4.97 -4.13 7.39
N LYS A 81 -5.55 -3.29 8.23
CA LYS A 81 -6.33 -2.15 7.76
C LYS A 81 -5.42 -0.99 7.39
N GLN A 82 -4.29 -0.88 8.07
CA GLN A 82 -3.33 0.19 7.81
C GLN A 82 -2.73 0.05 6.41
N MET A 83 -2.34 -1.16 6.05
CA MET A 83 -1.74 -1.43 4.75
C MET A 83 -2.78 -1.27 3.64
N GLU A 84 -4.05 -1.51 3.98
CA GLU A 84 -5.13 -1.39 3.01
C GLU A 84 -5.25 0.05 2.52
N SER A 85 -5.47 0.98 3.44
CA SER A 85 -5.61 2.39 3.09
C SER A 85 -4.42 2.87 2.29
N PHE A 86 -3.22 2.45 2.70
CA PHE A 86 -2.00 2.84 2.02
C PHE A 86 -2.03 2.43 0.55
N LEU A 87 -2.16 1.12 0.31
CA LEU A 87 -2.21 0.60 -1.05
C LEU A 87 -3.03 1.51 -1.95
N LYS A 88 -4.31 1.63 -1.64
CA LYS A 88 -5.21 2.48 -2.43
C LYS A 88 -4.53 3.79 -2.81
N ALA A 89 -4.04 4.51 -1.81
CA ALA A 89 -3.36 5.78 -2.05
C ALA A 89 -2.48 5.71 -3.29
N ASN A 90 -1.51 4.80 -3.27
CA ASN A 90 -0.60 4.64 -4.38
C ASN A 90 -1.31 4.02 -5.58
N ILE A 91 -1.79 2.79 -5.40
CA ILE A 91 -2.50 2.09 -6.47
C ILE A 91 -3.38 3.04 -7.27
N LEU A 92 -4.42 3.56 -6.63
CA LEU A 92 -5.34 4.49 -7.29
C LEU A 92 -4.58 5.65 -7.91
N GLY A 93 -3.40 5.95 -7.37
CA GLY A 93 -2.60 7.04 -7.89
C GLY A 93 -1.92 6.68 -9.20
N LEU A 94 -1.58 5.42 -9.35
CA LEU A 94 -0.91 4.94 -10.57
C LEU A 94 -1.68 5.40 -11.81
N ALA A 95 -3.00 5.30 -11.75
CA ALA A 95 -3.84 5.71 -12.88
C ALA A 95 -3.33 6.99 -13.50
N ALA A 96 -3.23 8.04 -12.71
CA ALA A 96 -2.76 9.33 -13.19
C ALA A 96 -1.68 9.16 -14.26
N GLY A 97 -0.65 8.39 -13.93
CA GLY A 97 0.43 8.15 -14.88
C GLY A 97 0.17 6.96 -15.77
N GLN A 98 -0.96 6.98 -16.48
CA GLN A 98 -1.32 5.88 -17.37
C GLN A 98 -0.15 5.51 -18.28
N GLY A 1 -13.96 21.89 -11.51
CA GLY A 1 -14.96 21.17 -10.75
C GLY A 1 -15.01 21.60 -9.30
N SER A 2 -16.20 21.57 -8.72
CA SER A 2 -16.38 21.96 -7.32
C SER A 2 -16.21 20.77 -6.38
N SER A 3 -16.87 19.66 -6.72
CA SER A 3 -16.79 18.46 -5.91
C SER A 3 -17.21 18.74 -4.48
N GLY A 4 -18.27 19.53 -4.31
CA GLY A 4 -18.76 19.87 -2.99
C GLY A 4 -20.18 19.39 -2.75
N SER A 5 -20.32 18.10 -2.43
CA SER A 5 -21.64 17.53 -2.19
C SER A 5 -22.04 17.67 -0.72
N SER A 6 -23.32 17.52 -0.44
CA SER A 6 -23.83 17.64 0.93
C SER A 6 -24.04 16.26 1.54
N GLY A 7 -23.08 15.36 1.32
CA GLY A 7 -23.18 14.01 1.86
C GLY A 7 -21.89 13.24 1.69
N GLU A 8 -21.32 12.81 2.82
CA GLU A 8 -20.07 12.06 2.79
C GLU A 8 -20.24 10.77 1.98
N LYS A 9 -19.30 10.54 1.06
CA LYS A 9 -19.34 9.35 0.22
C LYS A 9 -18.50 8.22 0.82
N ALA A 10 -19.18 7.21 1.37
CA ALA A 10 -18.49 6.08 1.97
C ALA A 10 -18.31 4.95 0.97
N GLU A 11 -17.24 4.19 1.12
CA GLU A 11 -16.94 3.06 0.23
C GLU A 11 -16.41 1.87 1.01
N ASP A 12 -17.19 0.79 1.04
CA ASP A 12 -16.79 -0.41 1.75
C ASP A 12 -15.45 -0.92 1.25
N CYS A 13 -15.38 -1.25 -0.03
CA CYS A 13 -14.14 -1.75 -0.62
C CYS A 13 -13.86 -1.05 -1.95
N TRP A 14 -12.78 -0.30 -2.00
CA TRP A 14 -12.40 0.42 -3.22
C TRP A 14 -12.06 -0.55 -4.34
N GLU A 15 -11.47 -1.68 -3.98
CA GLU A 15 -11.09 -2.70 -4.95
C GLU A 15 -12.26 -3.03 -5.88
N LEU A 16 -13.48 -2.78 -5.40
CA LEU A 16 -14.68 -3.05 -6.18
C LEU A 16 -14.79 -2.09 -7.35
N GLN A 17 -14.37 -0.84 -7.13
CA GLN A 17 -14.41 0.17 -8.19
C GLN A 17 -13.22 0.05 -9.12
N ILE A 18 -12.07 -0.30 -8.56
CA ILE A 18 -10.85 -0.45 -9.34
C ILE A 18 -10.87 -1.73 -10.16
N SER A 19 -10.33 -1.67 -11.37
CA SER A 19 -10.30 -2.83 -12.25
C SER A 19 -9.47 -3.95 -11.64
N PRO A 20 -9.69 -5.18 -12.13
CA PRO A 20 -8.98 -6.37 -11.64
C PRO A 20 -7.51 -6.37 -12.06
N GLU A 21 -7.23 -5.78 -13.22
CA GLU A 21 -5.87 -5.72 -13.73
C GLU A 21 -5.07 -4.62 -13.02
N LEU A 22 -5.78 -3.64 -12.49
CA LEU A 22 -5.15 -2.54 -11.79
C LEU A 22 -4.70 -2.95 -10.39
N LEU A 23 -5.54 -3.73 -9.72
CA LEU A 23 -5.25 -4.20 -8.38
C LEU A 23 -3.96 -5.02 -8.36
N ALA A 24 -3.91 -6.05 -9.20
CA ALA A 24 -2.74 -6.92 -9.28
C ALA A 24 -1.54 -6.15 -9.83
N HIS A 25 -1.77 -5.35 -10.87
CA HIS A 25 -0.70 -4.57 -11.48
C HIS A 25 -0.10 -3.60 -10.47
N GLY A 26 -0.94 -3.04 -9.61
CA GLY A 26 -0.47 -2.10 -8.62
C GLY A 26 0.29 -2.78 -7.49
N ARG A 27 -0.38 -3.70 -6.80
CA ARG A 27 0.23 -4.41 -5.70
C ARG A 27 1.66 -4.81 -6.03
N GLN A 28 1.85 -5.42 -7.19
CA GLN A 28 3.17 -5.85 -7.63
C GLN A 28 4.13 -4.66 -7.70
N LYS A 29 3.67 -3.56 -8.29
CA LYS A 29 4.48 -2.36 -8.42
C LYS A 29 4.90 -1.84 -7.06
N ILE A 30 4.01 -1.98 -6.07
CA ILE A 30 4.30 -1.53 -4.71
C ILE A 30 5.18 -2.52 -3.98
N LEU A 31 4.97 -3.80 -4.24
CA LEU A 31 5.74 -4.85 -3.59
C LEU A 31 7.22 -4.72 -3.94
N ASP A 32 7.51 -4.24 -5.13
CA ASP A 32 8.89 -4.05 -5.58
C ASP A 32 9.54 -2.89 -4.85
N LEU A 33 8.73 -1.94 -4.40
CA LEU A 33 9.24 -0.78 -3.69
C LEU A 33 9.52 -1.11 -2.23
N LEU A 34 8.78 -2.07 -1.69
CA LEU A 34 8.94 -2.49 -0.31
C LEU A 34 10.14 -3.42 -0.17
N ASN A 35 10.43 -4.17 -1.23
CA ASN A 35 11.55 -5.11 -1.20
C ASN A 35 12.83 -4.44 -1.72
N GLU A 36 12.71 -3.75 -2.85
CA GLU A 36 13.85 -3.06 -3.44
C GLU A 36 14.06 -1.70 -2.80
N GLY A 37 12.96 -0.99 -2.55
CA GLY A 37 13.06 0.33 -1.93
C GLY A 37 13.27 0.25 -0.43
N SER A 38 14.39 0.81 0.02
CA SER A 38 14.72 0.80 1.45
C SER A 38 13.84 1.79 2.22
N ALA A 39 13.99 1.79 3.54
CA ALA A 39 13.21 2.68 4.38
C ALA A 39 12.98 4.02 3.70
N ARG A 40 14.07 4.70 3.36
CA ARG A 40 13.98 6.00 2.70
C ARG A 40 13.03 5.94 1.50
N ASP A 41 13.38 5.11 0.53
CA ASP A 41 12.57 4.96 -0.68
C ASP A 41 11.08 4.95 -0.32
N LEU A 42 10.73 4.19 0.71
CA LEU A 42 9.34 4.09 1.16
C LEU A 42 8.80 5.46 1.57
N ARG A 43 9.58 6.18 2.37
CA ARG A 43 9.18 7.50 2.83
C ARG A 43 8.68 8.36 1.68
N SER A 44 9.14 8.05 0.48
CA SER A 44 8.75 8.79 -0.72
C SER A 44 7.25 8.62 -0.98
N LEU A 45 6.74 7.43 -0.74
CA LEU A 45 5.32 7.15 -0.95
C LEU A 45 4.44 8.20 -0.28
N GLN A 46 3.14 8.06 -0.44
CA GLN A 46 2.19 9.00 0.16
C GLN A 46 1.88 8.62 1.61
N ARG A 47 1.18 7.51 1.78
CA ARG A 47 0.81 7.03 3.11
C ARG A 47 1.98 6.28 3.75
N ILE A 48 3.16 6.89 3.71
CA ILE A 48 4.35 6.27 4.29
C ILE A 48 5.31 7.33 4.83
N GLY A 49 5.74 7.15 6.08
CA GLY A 49 6.65 8.09 6.69
C GLY A 49 7.96 7.45 7.12
N PRO A 50 8.72 8.15 7.97
CA PRO A 50 10.00 7.65 8.48
C PRO A 50 9.83 6.48 9.44
N LYS A 51 8.71 6.48 10.15
CA LYS A 51 8.42 5.42 11.12
C LYS A 51 8.16 4.09 10.41
N LYS A 52 7.04 4.03 9.69
CA LYS A 52 6.67 2.82 8.96
C LYS A 52 7.81 2.36 8.06
N ALA A 53 8.38 3.29 7.30
CA ALA A 53 9.48 2.97 6.40
C ALA A 53 10.47 2.03 7.06
N GLN A 54 10.57 2.11 8.39
CA GLN A 54 11.48 1.26 9.14
C GLN A 54 10.80 -0.04 9.57
N LEU A 55 9.57 0.08 10.05
CA LEU A 55 8.79 -1.08 10.50
C LEU A 55 8.79 -2.16 9.43
N ILE A 56 8.76 -1.75 8.17
CA ILE A 56 8.74 -2.70 7.06
C ILE A 56 10.14 -3.27 6.81
N VAL A 57 11.12 -2.39 6.70
CA VAL A 57 12.50 -2.81 6.47
C VAL A 57 12.99 -3.72 7.58
N GLY A 58 12.97 -3.20 8.81
CA GLY A 58 13.41 -3.98 9.95
C GLY A 58 12.88 -5.39 9.94
N TRP A 59 11.62 -5.54 9.55
CA TRP A 59 10.99 -6.86 9.49
C TRP A 59 11.71 -7.76 8.50
N ARG A 60 11.65 -7.40 7.21
CA ARG A 60 12.29 -8.18 6.16
C ARG A 60 13.75 -8.44 6.50
N GLU A 61 14.43 -7.41 7.00
CA GLU A 61 15.83 -7.52 7.37
C GLU A 61 16.13 -8.88 8.00
N LEU A 62 15.20 -9.34 8.84
CA LEU A 62 15.36 -10.64 9.51
C LEU A 62 14.53 -11.71 8.82
N HIS A 63 13.22 -11.52 8.81
CA HIS A 63 12.31 -12.48 8.18
C HIS A 63 12.72 -12.74 6.74
N GLY A 64 12.93 -11.67 5.98
CA GLY A 64 13.32 -11.81 4.59
C GLY A 64 12.35 -11.14 3.64
N PRO A 65 12.35 -11.57 2.37
CA PRO A 65 11.47 -11.01 1.34
C PRO A 65 10.00 -11.38 1.56
N PHE A 66 9.12 -10.40 1.41
CA PHE A 66 7.69 -10.63 1.60
C PHE A 66 7.10 -11.36 0.40
N SER A 67 6.08 -12.18 0.66
CA SER A 67 5.42 -12.95 -0.39
C SER A 67 4.42 -12.08 -1.14
N GLN A 68 3.96 -11.01 -0.49
CA GLN A 68 3.00 -10.11 -1.11
C GLN A 68 2.87 -8.82 -0.31
N VAL A 69 1.98 -7.94 -0.73
CA VAL A 69 1.77 -6.67 -0.06
C VAL A 69 0.97 -6.85 1.22
N GLU A 70 -0.11 -7.63 1.13
CA GLU A 70 -0.96 -7.88 2.29
C GLU A 70 -0.13 -8.31 3.49
N ASP A 71 1.02 -8.93 3.22
CA ASP A 71 1.90 -9.38 4.29
C ASP A 71 2.19 -8.26 5.28
N LEU A 72 2.23 -7.04 4.78
CA LEU A 72 2.50 -5.88 5.63
C LEU A 72 1.73 -5.99 6.94
N GLU A 73 0.45 -6.34 6.84
CA GLU A 73 -0.40 -6.48 8.03
C GLU A 73 0.38 -7.12 9.18
N ARG A 74 1.11 -8.18 8.87
CA ARG A 74 1.89 -8.88 9.88
C ARG A 74 2.78 -7.92 10.65
N VAL A 75 3.47 -7.04 9.92
CA VAL A 75 4.36 -6.06 10.53
C VAL A 75 3.65 -5.30 11.65
N GLU A 76 4.40 -4.99 12.71
CA GLU A 76 3.84 -4.28 13.85
C GLU A 76 3.50 -2.85 13.47
N GLY A 77 2.45 -2.31 14.10
CA GLY A 77 2.03 -0.96 13.81
C GLY A 77 1.19 -0.86 12.54
N ILE A 78 1.59 -1.61 11.52
CA ILE A 78 0.87 -1.62 10.26
C ILE A 78 -0.14 -2.76 10.19
N THR A 79 -1.31 -2.55 10.78
CA THR A 79 -2.35 -3.57 10.79
C THR A 79 -2.87 -3.84 9.38
N GLY A 80 -3.70 -4.87 9.24
CA GLY A 80 -4.25 -5.21 7.95
C GLY A 80 -5.12 -4.11 7.37
N LYS A 81 -5.64 -3.25 8.24
CA LYS A 81 -6.49 -2.15 7.81
C LYS A 81 -5.65 -0.95 7.39
N GLN A 82 -4.45 -0.84 7.95
CA GLN A 82 -3.55 0.27 7.62
C GLN A 82 -2.83 0.01 6.30
N MET A 83 -2.28 -1.20 6.16
CA MET A 83 -1.57 -1.57 4.95
C MET A 83 -2.48 -1.45 3.72
N GLU A 84 -3.78 -1.58 3.94
CA GLU A 84 -4.75 -1.50 2.86
C GLU A 84 -4.89 -0.05 2.38
N SER A 85 -5.19 0.85 3.31
CA SER A 85 -5.36 2.26 2.99
C SER A 85 -4.17 2.78 2.18
N PHE A 86 -2.97 2.36 2.58
CA PHE A 86 -1.76 2.79 1.90
C PHE A 86 -1.79 2.42 0.42
N LEU A 87 -1.97 1.13 0.15
CA LEU A 87 -2.03 0.65 -1.23
C LEU A 87 -2.87 1.58 -2.10
N LYS A 88 -4.14 1.70 -1.75
CA LYS A 88 -5.05 2.57 -2.50
C LYS A 88 -4.34 3.83 -2.97
N ALA A 89 -3.84 4.61 -2.02
CA ALA A 89 -3.14 5.85 -2.33
C ALA A 89 -2.35 5.71 -3.63
N ASN A 90 -1.40 4.79 -3.65
CA ASN A 90 -0.58 4.57 -4.84
C ASN A 90 -1.40 3.97 -5.97
N ILE A 91 -1.97 2.78 -5.72
CA ILE A 91 -2.78 2.11 -6.72
C ILE A 91 -3.67 3.08 -7.47
N LEU A 92 -4.64 3.65 -6.76
CA LEU A 92 -5.56 4.61 -7.35
C LEU A 92 -4.80 5.78 -7.98
N GLY A 93 -3.59 6.02 -7.50
CA GLY A 93 -2.78 7.11 -8.01
C GLY A 93 -2.21 6.80 -9.39
N LEU A 94 -1.79 5.55 -9.58
CA LEU A 94 -1.22 5.13 -10.85
C LEU A 94 -2.13 5.51 -12.02
N ALA A 95 -3.42 5.26 -11.85
CA ALA A 95 -4.40 5.60 -12.88
C ALA A 95 -4.52 7.10 -13.07
N ALA A 96 -4.88 7.80 -12.00
CA ALA A 96 -5.02 9.26 -12.05
C ALA A 96 -3.76 9.91 -12.57
N GLY A 97 -3.77 10.27 -13.85
CA GLY A 97 -2.61 10.91 -14.46
C GLY A 97 -2.54 10.67 -15.95
N GLN A 98 -2.71 9.41 -16.35
CA GLN A 98 -2.65 9.05 -17.77
C GLN A 98 -4.05 8.94 -18.36
N GLY A 1 -10.53 17.97 -5.22
CA GLY A 1 -10.81 16.74 -5.94
C GLY A 1 -11.85 15.88 -5.24
N SER A 2 -13.11 16.10 -5.57
CA SER A 2 -14.19 15.34 -4.95
C SER A 2 -14.65 14.20 -5.86
N SER A 3 -14.90 13.04 -5.27
CA SER A 3 -15.33 11.87 -6.02
C SER A 3 -16.86 11.82 -6.11
N GLY A 4 -17.51 12.03 -4.96
CA GLY A 4 -18.96 12.00 -4.93
C GLY A 4 -19.49 11.05 -3.87
N SER A 5 -19.08 11.25 -2.63
CA SER A 5 -19.51 10.41 -1.52
C SER A 5 -19.70 11.22 -0.25
N SER A 6 -20.52 10.70 0.66
CA SER A 6 -20.78 11.39 1.92
C SER A 6 -19.74 11.03 2.97
N GLY A 7 -19.56 9.73 3.18
CA GLY A 7 -18.59 9.28 4.17
C GLY A 7 -19.23 8.88 5.48
N GLU A 8 -19.77 7.67 5.54
CA GLU A 8 -20.42 7.18 6.75
C GLU A 8 -19.88 5.80 7.14
N LYS A 9 -19.78 5.57 8.45
CA LYS A 9 -19.27 4.30 8.95
C LYS A 9 -19.76 3.14 8.09
N ALA A 10 -18.89 2.61 7.25
CA ALA A 10 -19.23 1.49 6.38
C ALA A 10 -18.00 0.96 5.66
N GLU A 11 -18.16 -0.17 4.98
CA GLU A 11 -17.06 -0.79 4.25
C GLU A 11 -16.29 0.25 3.44
N ASP A 12 -17.03 1.02 2.64
CA ASP A 12 -16.42 2.05 1.80
C ASP A 12 -15.24 1.49 1.03
N CYS A 13 -15.43 0.31 0.43
CA CYS A 13 -14.37 -0.33 -0.34
C CYS A 13 -14.04 0.49 -1.59
N TRP A 14 -12.85 0.25 -2.14
CA TRP A 14 -12.41 0.96 -3.33
C TRP A 14 -12.09 0.00 -4.46
N GLU A 15 -11.62 -1.19 -4.10
CA GLU A 15 -11.27 -2.21 -5.09
C GLU A 15 -12.46 -2.48 -6.01
N LEU A 16 -13.66 -2.38 -5.47
CA LEU A 16 -14.88 -2.62 -6.25
C LEU A 16 -14.96 -1.66 -7.43
N GLN A 17 -14.29 -0.51 -7.31
CA GLN A 17 -14.29 0.49 -8.36
C GLN A 17 -13.10 0.30 -9.30
N ILE A 18 -11.96 -0.06 -8.73
CA ILE A 18 -10.74 -0.27 -9.52
C ILE A 18 -10.82 -1.58 -10.28
N SER A 19 -10.33 -1.57 -11.51
CA SER A 19 -10.34 -2.76 -12.36
C SER A 19 -9.54 -3.89 -11.72
N PRO A 20 -9.82 -5.12 -12.14
CA PRO A 20 -9.15 -6.31 -11.62
C PRO A 20 -7.69 -6.40 -12.07
N GLU A 21 -7.39 -5.78 -13.21
CA GLU A 21 -6.03 -5.77 -13.74
C GLU A 21 -5.20 -4.65 -13.12
N LEU A 22 -5.88 -3.61 -12.64
CA LEU A 22 -5.21 -2.48 -12.02
C LEU A 22 -4.75 -2.83 -10.61
N LEU A 23 -5.58 -3.58 -9.90
CA LEU A 23 -5.26 -3.98 -8.53
C LEU A 23 -3.98 -4.81 -8.50
N ALA A 24 -3.96 -5.90 -9.26
CA ALA A 24 -2.80 -6.78 -9.33
C ALA A 24 -1.57 -6.03 -9.85
N HIS A 25 -1.77 -5.22 -10.88
CA HIS A 25 -0.69 -4.45 -11.48
C HIS A 25 -0.08 -3.50 -10.45
N GLY A 26 -0.91 -3.00 -9.55
CA GLY A 26 -0.43 -2.08 -8.53
C GLY A 26 0.25 -2.80 -7.38
N ARG A 27 -0.53 -3.57 -6.63
CA ARG A 27 0.00 -4.30 -5.48
C ARG A 27 1.41 -4.81 -5.77
N GLN A 28 1.60 -5.38 -6.96
CA GLN A 28 2.91 -5.90 -7.35
C GLN A 28 3.95 -4.79 -7.38
N LYS A 29 3.59 -3.66 -7.98
CA LYS A 29 4.50 -2.52 -8.08
C LYS A 29 4.94 -2.06 -6.70
N ILE A 30 3.98 -1.92 -5.79
CA ILE A 30 4.26 -1.49 -4.43
C ILE A 30 5.10 -2.53 -3.69
N LEU A 31 4.97 -3.78 -4.10
CA LEU A 31 5.73 -4.87 -3.48
C LEU A 31 7.22 -4.75 -3.77
N ASP A 32 7.55 -4.64 -5.05
CA ASP A 32 8.93 -4.52 -5.48
C ASP A 32 9.61 -3.34 -4.77
N LEU A 33 8.81 -2.38 -4.32
CA LEU A 33 9.33 -1.21 -3.63
C LEU A 33 9.62 -1.52 -2.16
N LEU A 34 8.70 -2.25 -1.53
CA LEU A 34 8.85 -2.62 -0.12
C LEU A 34 10.01 -3.59 0.06
N ASN A 35 10.40 -4.24 -1.03
CA ASN A 35 11.51 -5.20 -1.00
C ASN A 35 12.81 -4.55 -1.43
N GLU A 36 12.80 -3.95 -2.62
CA GLU A 36 13.98 -3.29 -3.15
C GLU A 36 14.19 -1.93 -2.51
N GLY A 37 13.08 -1.21 -2.28
CA GLY A 37 13.15 0.11 -1.68
C GLY A 37 13.33 0.04 -0.17
N SER A 38 14.24 0.84 0.35
CA SER A 38 14.51 0.86 1.79
C SER A 38 13.72 1.98 2.47
N ALA A 39 13.96 2.16 3.75
CA ALA A 39 13.27 3.19 4.52
C ALA A 39 12.98 4.41 3.66
N ARG A 40 14.04 5.04 3.17
CA ARG A 40 13.89 6.23 2.32
C ARG A 40 12.95 5.96 1.15
N ASP A 41 13.32 4.99 0.32
CA ASP A 41 12.51 4.62 -0.84
C ASP A 41 11.03 4.63 -0.49
N LEU A 42 10.68 4.04 0.64
CA LEU A 42 9.30 3.97 1.08
C LEU A 42 8.79 5.35 1.49
N ARG A 43 9.66 6.14 2.12
CA ARG A 43 9.31 7.48 2.56
C ARG A 43 8.89 8.35 1.37
N SER A 44 9.18 7.86 0.16
CA SER A 44 8.83 8.60 -1.06
C SER A 44 7.36 8.44 -1.38
N LEU A 45 6.80 7.28 -1.03
CA LEU A 45 5.39 7.01 -1.28
C LEU A 45 4.50 8.08 -0.66
N GLN A 46 3.18 7.89 -0.77
CA GLN A 46 2.24 8.85 -0.21
C GLN A 46 1.90 8.49 1.23
N ARG A 47 1.11 7.44 1.41
CA ARG A 47 0.71 7.00 2.75
C ARG A 47 1.84 6.27 3.44
N ILE A 48 3.02 6.89 3.46
CA ILE A 48 4.19 6.29 4.09
C ILE A 48 5.07 7.36 4.72
N GLY A 49 5.72 7.00 5.82
CA GLY A 49 6.59 7.94 6.51
C GLY A 49 7.84 7.27 7.06
N PRO A 50 8.63 8.04 7.83
CA PRO A 50 9.87 7.55 8.43
C PRO A 50 9.62 6.53 9.54
N LYS A 51 8.35 6.34 9.88
CA LYS A 51 7.96 5.39 10.93
C LYS A 51 7.63 4.03 10.32
N LYS A 52 6.60 4.00 9.48
CA LYS A 52 6.18 2.75 8.84
C LYS A 52 7.34 2.12 8.06
N ALA A 53 8.12 2.96 7.39
CA ALA A 53 9.25 2.49 6.61
C ALA A 53 10.16 1.59 7.45
N GLN A 54 10.69 2.14 8.54
CA GLN A 54 11.57 1.40 9.43
C GLN A 54 10.88 0.14 9.94
N LEU A 55 9.57 0.24 10.19
CA LEU A 55 8.80 -0.89 10.68
C LEU A 55 8.81 -2.04 9.68
N ILE A 56 8.54 -1.73 8.42
CA ILE A 56 8.53 -2.73 7.36
C ILE A 56 9.95 -3.19 7.02
N VAL A 57 10.92 -2.29 7.20
CA VAL A 57 12.31 -2.61 6.91
C VAL A 57 12.90 -3.53 7.98
N GLY A 58 12.96 -3.02 9.21
CA GLY A 58 13.50 -3.82 10.30
C GLY A 58 12.93 -5.21 10.34
N TRP A 59 11.74 -5.38 9.80
CA TRP A 59 11.07 -6.68 9.78
C TRP A 59 11.71 -7.59 8.74
N ARG A 60 11.66 -7.19 7.48
CA ARG A 60 12.23 -7.96 6.39
C ARG A 60 13.72 -8.20 6.61
N GLU A 61 14.43 -7.15 7.01
CA GLU A 61 15.86 -7.24 7.25
C GLU A 61 16.21 -8.56 7.92
N LEU A 62 15.33 -9.03 8.81
CA LEU A 62 15.55 -10.28 9.52
C LEU A 62 14.73 -11.41 8.90
N HIS A 63 13.41 -11.25 8.90
CA HIS A 63 12.52 -12.25 8.34
C HIS A 63 12.89 -12.54 6.88
N GLY A 64 12.94 -11.49 6.07
CA GLY A 64 13.27 -11.65 4.67
C GLY A 64 12.33 -10.89 3.75
N PRO A 65 12.26 -11.32 2.49
CA PRO A 65 11.40 -10.68 1.49
C PRO A 65 9.92 -10.93 1.76
N PHE A 66 9.06 -10.16 1.08
CA PHE A 66 7.62 -10.29 1.25
C PHE A 66 6.99 -10.94 0.02
N SER A 67 6.47 -12.15 0.19
CA SER A 67 5.83 -12.87 -0.90
C SER A 67 4.73 -12.03 -1.54
N GLN A 68 4.28 -11.01 -0.83
CA GLN A 68 3.23 -10.14 -1.32
C GLN A 68 3.09 -8.90 -0.43
N VAL A 69 2.13 -8.04 -0.77
CA VAL A 69 1.88 -6.83 -0.01
C VAL A 69 1.09 -7.12 1.26
N GLU A 70 0.33 -8.21 1.22
CA GLU A 70 -0.49 -8.61 2.36
C GLU A 70 0.38 -8.95 3.57
N ASP A 71 1.64 -9.28 3.30
CA ASP A 71 2.59 -9.63 4.35
C ASP A 71 2.75 -8.47 5.34
N LEU A 72 2.39 -7.27 4.90
CA LEU A 72 2.50 -6.08 5.75
C LEU A 72 1.70 -6.25 7.03
N GLU A 73 0.48 -6.77 6.90
CA GLU A 73 -0.39 -6.98 8.05
C GLU A 73 0.39 -7.60 9.21
N ARG A 74 1.37 -8.43 8.88
CA ARG A 74 2.19 -9.09 9.90
C ARG A 74 3.15 -8.09 10.55
N VAL A 75 3.63 -7.14 9.76
CA VAL A 75 4.55 -6.13 10.27
C VAL A 75 3.92 -5.33 11.40
N GLU A 76 4.58 -5.32 12.56
CA GLU A 76 4.08 -4.59 13.72
C GLU A 76 3.79 -3.14 13.36
N GLY A 77 2.71 -2.60 13.92
CA GLY A 77 2.34 -1.23 13.65
C GLY A 77 1.50 -1.08 12.40
N ILE A 78 1.80 -1.89 11.38
CA ILE A 78 1.07 -1.86 10.13
C ILE A 78 0.14 -3.06 10.00
N THR A 79 -1.01 -2.98 10.66
CA THR A 79 -2.00 -4.07 10.62
C THR A 79 -2.48 -4.31 9.20
N GLY A 80 -3.39 -5.27 9.04
CA GLY A 80 -3.91 -5.59 7.73
C GLY A 80 -4.71 -4.46 7.13
N LYS A 81 -5.17 -3.55 7.99
CA LYS A 81 -5.95 -2.39 7.54
C LYS A 81 -5.05 -1.21 7.21
N GLN A 82 -4.15 -0.90 8.13
CA GLN A 82 -3.22 0.21 7.94
C GLN A 82 -2.56 0.14 6.57
N MET A 83 -2.36 -1.08 6.08
CA MET A 83 -1.75 -1.29 4.78
C MET A 83 -2.75 -1.05 3.65
N GLU A 84 -3.98 -1.50 3.86
CA GLU A 84 -5.03 -1.33 2.86
C GLU A 84 -5.08 0.11 2.37
N SER A 85 -5.44 1.03 3.26
CA SER A 85 -5.54 2.44 2.92
C SER A 85 -4.32 2.88 2.11
N PHE A 86 -3.15 2.49 2.56
CA PHE A 86 -1.90 2.85 1.88
C PHE A 86 -1.96 2.46 0.40
N LEU A 87 -2.13 1.17 0.15
CA LEU A 87 -2.21 0.66 -1.22
C LEU A 87 -3.05 1.58 -2.10
N LYS A 88 -4.32 1.74 -1.71
CA LYS A 88 -5.23 2.60 -2.47
C LYS A 88 -4.52 3.85 -2.97
N ALA A 89 -4.03 4.67 -2.04
CA ALA A 89 -3.32 5.88 -2.39
C ALA A 89 -2.52 5.71 -3.67
N ASN A 90 -1.54 4.82 -3.62
CA ASN A 90 -0.68 4.55 -4.78
C ASN A 90 -1.47 3.86 -5.88
N ILE A 91 -1.95 2.65 -5.59
CA ILE A 91 -2.73 1.88 -6.56
C ILE A 91 -3.65 2.79 -7.37
N LEU A 92 -4.63 3.38 -6.70
CA LEU A 92 -5.58 4.27 -7.35
C LEU A 92 -4.86 5.40 -8.07
N GLY A 93 -3.86 5.98 -7.41
CA GLY A 93 -3.09 7.06 -8.01
C GLY A 93 -2.51 6.69 -9.36
N LEU A 94 -2.11 5.43 -9.50
CA LEU A 94 -1.52 4.94 -10.74
C LEU A 94 -2.50 5.10 -11.89
N ALA A 95 -3.73 4.61 -11.70
CA ALA A 95 -4.76 4.70 -12.71
C ALA A 95 -4.64 5.99 -13.52
N ALA A 96 -4.25 7.07 -12.84
CA ALA A 96 -4.09 8.36 -13.49
C ALA A 96 -2.90 8.35 -14.44
N GLY A 97 -3.17 8.20 -15.73
CA GLY A 97 -2.11 8.18 -16.72
C GLY A 97 -1.62 6.77 -17.02
N GLN A 98 -2.55 5.85 -17.19
CA GLN A 98 -2.21 4.46 -17.48
C GLN A 98 -2.56 4.09 -18.92
N GLY A 1 -11.53 11.66 -12.06
CA GLY A 1 -12.19 12.94 -11.88
C GLY A 1 -13.46 12.82 -11.07
N SER A 2 -13.44 13.38 -9.86
CA SER A 2 -14.60 13.33 -8.98
C SER A 2 -14.59 14.49 -8.00
N SER A 3 -15.70 14.70 -7.31
CA SER A 3 -15.82 15.78 -6.34
C SER A 3 -15.02 15.47 -5.09
N GLY A 4 -14.90 16.47 -4.21
CA GLY A 4 -14.16 16.30 -2.98
C GLY A 4 -14.76 15.24 -2.08
N SER A 5 -13.92 14.54 -1.32
CA SER A 5 -14.38 13.50 -0.42
C SER A 5 -14.95 14.10 0.86
N SER A 6 -15.71 13.29 1.60
CA SER A 6 -16.32 13.74 2.85
C SER A 6 -16.14 12.70 3.95
N GLY A 7 -16.42 13.11 5.18
CA GLY A 7 -16.29 12.20 6.31
C GLY A 7 -17.40 11.17 6.37
N GLU A 8 -17.23 10.08 5.65
CA GLU A 8 -18.23 9.02 5.62
C GLU A 8 -17.59 7.65 5.88
N LYS A 9 -18.27 6.83 6.67
CA LYS A 9 -17.77 5.50 7.00
C LYS A 9 -17.72 4.62 5.76
N ALA A 10 -17.03 3.49 5.87
CA ALA A 10 -16.90 2.55 4.76
C ALA A 10 -18.27 2.14 4.23
N GLU A 11 -18.58 2.54 3.00
CA GLU A 11 -19.86 2.21 2.38
C GLU A 11 -19.65 1.49 1.05
N ASP A 12 -18.41 1.50 0.57
CA ASP A 12 -18.08 0.84 -0.69
C ASP A 12 -16.57 0.80 -0.89
N CYS A 13 -16.01 -0.42 -0.90
CA CYS A 13 -14.58 -0.59 -1.08
C CYS A 13 -14.10 0.12 -2.36
N TRP A 14 -12.83 0.48 -2.38
CA TRP A 14 -12.24 1.16 -3.53
C TRP A 14 -11.93 0.18 -4.65
N GLU A 15 -11.47 -1.01 -4.27
CA GLU A 15 -11.13 -2.04 -5.25
C GLU A 15 -12.32 -2.34 -6.17
N LEU A 16 -13.52 -2.21 -5.63
CA LEU A 16 -14.73 -2.45 -6.40
C LEU A 16 -14.82 -1.50 -7.59
N GLN A 17 -14.31 -0.28 -7.42
CA GLN A 17 -14.34 0.72 -8.48
C GLN A 17 -13.16 0.53 -9.43
N ILE A 18 -12.01 0.15 -8.87
CA ILE A 18 -10.80 -0.06 -9.67
C ILE A 18 -10.86 -1.41 -10.38
N SER A 19 -10.54 -1.40 -11.67
CA SER A 19 -10.55 -2.62 -12.47
C SER A 19 -9.76 -3.73 -11.77
N PRO A 20 -10.01 -4.98 -12.18
CA PRO A 20 -9.34 -6.15 -11.61
C PRO A 20 -7.87 -6.22 -11.99
N GLU A 21 -7.55 -5.72 -13.18
CA GLU A 21 -6.17 -5.72 -13.68
C GLU A 21 -5.35 -4.63 -13.00
N LEU A 22 -6.04 -3.62 -12.45
CA LEU A 22 -5.38 -2.52 -11.77
C LEU A 22 -4.95 -2.92 -10.36
N LEU A 23 -5.69 -3.84 -9.76
CA LEU A 23 -5.39 -4.32 -8.42
C LEU A 23 -4.09 -5.12 -8.41
N ALA A 24 -4.05 -6.18 -9.21
CA ALA A 24 -2.88 -7.03 -9.30
C ALA A 24 -1.64 -6.23 -9.72
N HIS A 25 -1.79 -5.44 -10.79
CA HIS A 25 -0.69 -4.63 -11.29
C HIS A 25 -0.11 -3.76 -10.17
N GLY A 26 -0.95 -2.86 -9.64
CA GLY A 26 -0.50 -1.98 -8.58
C GLY A 26 0.17 -2.73 -7.45
N ARG A 27 -0.57 -3.64 -6.83
CA ARG A 27 -0.04 -4.43 -5.73
C ARG A 27 1.42 -4.82 -5.97
N GLN A 28 1.65 -5.51 -7.08
CA GLN A 28 3.00 -5.95 -7.44
C GLN A 28 3.96 -4.77 -7.45
N LYS A 29 3.59 -3.72 -8.17
CA LYS A 29 4.43 -2.53 -8.27
C LYS A 29 4.82 -2.03 -6.88
N ILE A 30 3.89 -2.10 -5.94
CA ILE A 30 4.15 -1.66 -4.58
C ILE A 30 5.08 -2.62 -3.85
N LEU A 31 4.89 -3.92 -4.10
CA LEU A 31 5.71 -4.94 -3.46
C LEU A 31 7.19 -4.73 -3.79
N ASP A 32 7.48 -4.50 -5.06
CA ASP A 32 8.85 -4.28 -5.51
C ASP A 32 9.50 -3.15 -4.71
N LEU A 33 8.69 -2.20 -4.27
CA LEU A 33 9.18 -1.07 -3.50
C LEU A 33 9.44 -1.46 -2.05
N LEU A 34 8.67 -2.43 -1.56
CA LEU A 34 8.82 -2.89 -0.19
C LEU A 34 9.98 -3.87 -0.07
N ASN A 35 10.41 -4.41 -1.20
CA ASN A 35 11.53 -5.35 -1.22
C ASN A 35 12.78 -4.71 -1.81
N GLU A 36 12.64 -4.16 -3.02
CA GLU A 36 13.75 -3.51 -3.69
C GLU A 36 13.84 -2.03 -3.31
N GLY A 37 13.16 -1.67 -2.23
CA GLY A 37 13.16 -0.28 -1.78
C GLY A 37 13.53 -0.16 -0.32
N SER A 38 14.35 0.84 0.01
CA SER A 38 14.78 1.06 1.38
C SER A 38 13.78 1.94 2.13
N ALA A 39 14.12 2.29 3.37
CA ALA A 39 13.26 3.13 4.19
C ALA A 39 12.91 4.43 3.47
N ARG A 40 13.90 5.28 3.30
CA ARG A 40 13.71 6.57 2.63
C ARG A 40 12.90 6.38 1.34
N ASP A 41 13.27 5.38 0.56
CA ASP A 41 12.58 5.10 -0.70
C ASP A 41 11.08 4.98 -0.49
N LEU A 42 10.69 4.38 0.63
CA LEU A 42 9.28 4.21 0.95
C LEU A 42 8.67 5.52 1.44
N ARG A 43 9.46 6.31 2.15
CA ARG A 43 8.99 7.60 2.67
C ARG A 43 8.44 8.46 1.55
N SER A 44 8.79 8.12 0.31
CA SER A 44 8.33 8.87 -0.85
C SER A 44 6.83 8.68 -1.06
N LEU A 45 6.35 7.47 -0.83
CA LEU A 45 4.93 7.16 -0.99
C LEU A 45 4.07 8.17 -0.24
N GLN A 46 2.75 7.97 -0.28
CA GLN A 46 1.83 8.86 0.39
C GLN A 46 1.51 8.36 1.80
N ARG A 47 0.81 7.23 1.88
CA ARG A 47 0.44 6.65 3.16
C ARG A 47 1.63 5.95 3.81
N ILE A 48 2.76 6.66 3.87
CA ILE A 48 3.98 6.13 4.47
C ILE A 48 4.78 7.21 5.16
N GLY A 49 5.55 6.81 6.17
CA GLY A 49 6.36 7.77 6.91
C GLY A 49 7.71 7.20 7.32
N PRO A 50 8.47 7.98 8.10
CA PRO A 50 9.79 7.56 8.57
C PRO A 50 9.71 6.45 9.61
N LYS A 51 8.54 6.30 10.21
CA LYS A 51 8.33 5.27 11.23
C LYS A 51 8.13 3.90 10.58
N LYS A 52 7.06 3.76 9.80
CA LYS A 52 6.77 2.51 9.11
C LYS A 52 7.91 2.13 8.16
N ALA A 53 8.40 3.11 7.43
CA ALA A 53 9.48 2.88 6.48
C ALA A 53 10.60 2.04 7.11
N GLN A 54 10.95 2.37 8.34
CA GLN A 54 12.00 1.65 9.06
C GLN A 54 11.50 0.29 9.54
N LEU A 55 10.20 0.21 9.80
CA LEU A 55 9.59 -1.03 10.27
C LEU A 55 9.52 -2.06 9.15
N ILE A 56 9.23 -1.60 7.94
CA ILE A 56 9.14 -2.48 6.78
C ILE A 56 10.53 -2.92 6.32
N VAL A 57 11.55 -2.15 6.70
CA VAL A 57 12.92 -2.46 6.34
C VAL A 57 13.59 -3.34 7.39
N GLY A 58 13.31 -3.05 8.65
CA GLY A 58 13.90 -3.82 9.73
C GLY A 58 13.26 -5.19 9.87
N TRP A 59 11.94 -5.24 9.74
CA TRP A 59 11.21 -6.50 9.85
C TRP A 59 11.62 -7.46 8.74
N ARG A 60 11.75 -6.95 7.52
CA ARG A 60 12.13 -7.77 6.38
C ARG A 60 13.58 -8.23 6.50
N GLU A 61 14.46 -7.32 6.89
CA GLU A 61 15.87 -7.65 7.03
C GLU A 61 16.05 -8.93 7.86
N LEU A 62 15.22 -9.09 8.88
CA LEU A 62 15.28 -10.26 9.74
C LEU A 62 14.35 -11.36 9.23
N HIS A 63 13.06 -11.03 9.13
CA HIS A 63 12.07 -11.99 8.66
C HIS A 63 12.39 -12.44 7.23
N GLY A 64 12.55 -11.48 6.33
CA GLY A 64 12.85 -11.81 4.95
C GLY A 64 11.99 -11.04 3.96
N PRO A 65 11.98 -11.49 2.70
CA PRO A 65 11.19 -10.86 1.64
C PRO A 65 9.69 -11.06 1.83
N PHE A 66 8.92 -9.99 1.65
CA PHE A 66 7.47 -10.05 1.80
C PHE A 66 6.84 -10.84 0.65
N SER A 67 6.54 -12.11 0.91
CA SER A 67 5.95 -12.96 -0.11
C SER A 67 4.84 -12.22 -0.87
N GLN A 68 4.27 -11.21 -0.22
CA GLN A 68 3.21 -10.41 -0.83
C GLN A 68 2.95 -9.15 -0.02
N VAL A 69 2.36 -8.14 -0.67
CA VAL A 69 2.06 -6.88 -0.01
C VAL A 69 1.26 -7.11 1.27
N GLU A 70 0.40 -8.12 1.26
CA GLU A 70 -0.42 -8.44 2.42
C GLU A 70 0.46 -8.62 3.67
N ASP A 71 1.63 -9.21 3.47
CA ASP A 71 2.55 -9.43 4.58
C ASP A 71 2.65 -8.20 5.47
N LEU A 72 2.48 -7.03 4.88
CA LEU A 72 2.55 -5.77 5.61
C LEU A 72 1.76 -5.86 6.91
N GLU A 73 0.63 -6.56 6.86
CA GLU A 73 -0.21 -6.72 8.05
C GLU A 73 0.58 -7.30 9.21
N ARG A 74 1.50 -8.22 8.91
CA ARG A 74 2.32 -8.85 9.93
C ARG A 74 3.10 -7.80 10.72
N VAL A 75 3.55 -6.76 10.04
CA VAL A 75 4.30 -5.69 10.68
C VAL A 75 3.54 -5.12 11.87
N GLU A 76 4.19 -5.08 13.02
CA GLU A 76 3.56 -4.56 14.23
C GLU A 76 3.21 -3.09 14.07
N GLY A 77 3.67 -2.49 12.97
CA GLY A 77 3.39 -1.09 12.71
C GLY A 77 2.38 -0.89 11.61
N ILE A 78 2.06 -1.97 10.89
CA ILE A 78 1.10 -1.89 9.80
C ILE A 78 0.13 -3.07 9.87
N THR A 79 -1.10 -2.79 10.32
CA THR A 79 -2.12 -3.83 10.43
C THR A 79 -2.75 -4.12 9.07
N GLY A 80 -3.64 -5.11 9.04
CA GLY A 80 -4.29 -5.47 7.80
C GLY A 80 -5.13 -4.34 7.24
N LYS A 81 -5.61 -3.47 8.12
CA LYS A 81 -6.43 -2.33 7.69
C LYS A 81 -5.56 -1.19 7.18
N GLN A 82 -4.44 -0.96 7.84
CA GLN A 82 -3.52 0.09 7.44
C GLN A 82 -2.93 -0.17 6.06
N MET A 83 -2.43 -1.39 5.87
CA MET A 83 -1.85 -1.78 4.58
C MET A 83 -2.87 -1.64 3.46
N GLU A 84 -4.12 -1.92 3.75
CA GLU A 84 -5.19 -1.83 2.77
C GLU A 84 -5.36 -0.38 2.30
N SER A 85 -5.61 0.51 3.24
CA SER A 85 -5.80 1.92 2.93
C SER A 85 -4.58 2.49 2.23
N PHE A 86 -3.42 1.88 2.47
CA PHE A 86 -2.17 2.33 1.87
C PHE A 86 -2.12 1.96 0.39
N LEU A 87 -2.32 0.67 0.10
CA LEU A 87 -2.29 0.19 -1.28
C LEU A 87 -3.04 1.14 -2.20
N LYS A 88 -4.32 1.36 -1.91
CA LYS A 88 -5.16 2.25 -2.71
C LYS A 88 -4.40 3.52 -3.07
N ALA A 89 -3.71 4.09 -2.09
CA ALA A 89 -2.93 5.31 -2.31
C ALA A 89 -2.10 5.21 -3.58
N ASN A 90 -1.17 4.25 -3.59
CA ASN A 90 -0.30 4.05 -4.74
C ASN A 90 -1.09 3.52 -5.94
N ILE A 91 -1.88 2.48 -5.71
CA ILE A 91 -2.69 1.90 -6.77
C ILE A 91 -3.48 2.96 -7.52
N LEU A 92 -4.44 3.57 -6.84
CA LEU A 92 -5.26 4.62 -7.44
C LEU A 92 -4.42 5.83 -7.82
N GLY A 93 -3.45 6.16 -6.97
CA GLY A 93 -2.59 7.29 -7.24
C GLY A 93 -1.81 7.14 -8.54
N LEU A 94 -1.46 5.91 -8.87
CA LEU A 94 -0.72 5.64 -10.10
C LEU A 94 -1.42 6.24 -11.31
N ALA A 95 -2.73 6.08 -11.37
CA ALA A 95 -3.53 6.61 -12.46
C ALA A 95 -2.98 7.95 -12.94
N ALA A 96 -2.49 8.75 -12.00
CA ALA A 96 -1.93 10.06 -12.32
C ALA A 96 -0.58 9.92 -13.03
N GLY A 97 0.40 9.38 -12.32
CA GLY A 97 1.73 9.19 -12.88
C GLY A 97 1.81 7.99 -13.78
N GLN A 98 0.78 7.79 -14.61
CA GLN A 98 0.74 6.66 -15.52
C GLN A 98 1.58 6.94 -16.76
N GLY A 1 -1.61 17.53 -16.62
CA GLY A 1 -1.70 17.47 -15.18
C GLY A 1 -3.10 17.09 -14.71
N SER A 2 -3.25 15.85 -14.27
CA SER A 2 -4.55 15.36 -13.80
C SER A 2 -5.26 16.42 -12.97
N SER A 3 -4.52 17.03 -12.04
CA SER A 3 -5.08 18.06 -11.17
C SER A 3 -6.47 17.66 -10.68
N GLY A 4 -6.63 16.40 -10.32
CA GLY A 4 -7.91 15.92 -9.84
C GLY A 4 -7.80 15.21 -8.51
N SER A 5 -8.25 15.90 -7.45
CA SER A 5 -8.21 15.34 -6.10
C SER A 5 -9.52 15.58 -5.36
N SER A 6 -9.92 14.62 -4.54
CA SER A 6 -11.15 14.74 -3.78
C SER A 6 -11.05 13.97 -2.46
N GLY A 7 -12.00 14.22 -1.56
CA GLY A 7 -11.99 13.57 -0.27
C GLY A 7 -13.37 13.51 0.36
N GLU A 8 -14.02 12.35 0.27
CA GLU A 8 -15.35 12.17 0.83
C GLU A 8 -15.42 10.90 1.68
N LYS A 9 -16.18 10.96 2.76
CA LYS A 9 -16.33 9.82 3.66
C LYS A 9 -17.52 8.96 3.24
N ALA A 10 -17.25 7.71 2.90
CA ALA A 10 -18.30 6.78 2.49
C ALA A 10 -17.85 5.33 2.66
N GLU A 11 -18.81 4.43 2.81
CA GLU A 11 -18.51 3.02 2.98
C GLU A 11 -18.64 2.27 1.66
N ASP A 12 -17.54 2.15 0.93
CA ASP A 12 -17.52 1.46 -0.35
C ASP A 12 -16.10 1.14 -0.78
N CYS A 13 -15.79 -0.14 -0.90
CA CYS A 13 -14.46 -0.58 -1.30
C CYS A 13 -13.99 0.19 -2.53
N TRP A 14 -12.70 0.52 -2.56
CA TRP A 14 -12.13 1.24 -3.69
C TRP A 14 -11.78 0.31 -4.83
N GLU A 15 -11.25 -0.86 -4.49
CA GLU A 15 -10.87 -1.86 -5.49
C GLU A 15 -12.03 -2.14 -6.44
N LEU A 16 -13.25 -2.06 -5.92
CA LEU A 16 -14.44 -2.31 -6.72
C LEU A 16 -14.51 -1.35 -7.91
N GLN A 17 -13.94 -0.16 -7.73
CA GLN A 17 -13.94 0.84 -8.80
C GLN A 17 -12.75 0.63 -9.73
N ILE A 18 -11.60 0.30 -9.16
CA ILE A 18 -10.39 0.07 -9.93
C ILE A 18 -10.46 -1.26 -10.68
N SER A 19 -10.08 -1.24 -11.96
CA SER A 19 -10.10 -2.45 -12.77
C SER A 19 -9.48 -3.63 -12.02
N PRO A 20 -9.78 -4.85 -12.49
CA PRO A 20 -9.27 -6.08 -11.87
C PRO A 20 -7.76 -6.25 -12.09
N GLU A 21 -7.28 -5.77 -13.23
CA GLU A 21 -5.87 -5.88 -13.56
C GLU A 21 -5.06 -4.80 -12.86
N LEU A 22 -5.71 -3.67 -12.58
CA LEU A 22 -5.05 -2.56 -11.91
C LEU A 22 -4.76 -2.90 -10.45
N LEU A 23 -5.64 -3.68 -9.83
CA LEU A 23 -5.47 -4.08 -8.45
C LEU A 23 -4.23 -4.96 -8.28
N ALA A 24 -4.22 -6.09 -8.99
CA ALA A 24 -3.09 -7.02 -8.93
C ALA A 24 -1.79 -6.33 -9.35
N HIS A 25 -1.82 -5.64 -10.47
CA HIS A 25 -0.65 -4.94 -10.97
C HIS A 25 -0.10 -3.98 -9.91
N GLY A 26 -0.98 -3.17 -9.34
CA GLY A 26 -0.57 -2.21 -8.32
C GLY A 26 0.12 -2.89 -7.15
N ARG A 27 -0.58 -3.83 -6.52
CA ARG A 27 -0.02 -4.54 -5.38
C ARG A 27 1.43 -4.96 -5.64
N GLN A 28 1.64 -5.74 -6.69
CA GLN A 28 2.97 -6.19 -7.05
C GLN A 28 3.94 -5.01 -7.19
N LYS A 29 3.52 -4.01 -7.94
CA LYS A 29 4.34 -2.82 -8.17
C LYS A 29 4.79 -2.22 -6.84
N ILE A 30 3.91 -2.28 -5.84
CA ILE A 30 4.22 -1.73 -4.52
C ILE A 30 5.12 -2.68 -3.74
N LEU A 31 5.02 -3.97 -4.04
CA LEU A 31 5.82 -4.98 -3.36
C LEU A 31 7.29 -4.85 -3.74
N ASP A 32 7.58 -4.91 -5.04
CA ASP A 32 8.94 -4.80 -5.53
C ASP A 32 9.67 -3.64 -4.85
N LEU A 33 8.93 -2.57 -4.56
CA LEU A 33 9.50 -1.40 -3.91
C LEU A 33 9.78 -1.68 -2.44
N LEU A 34 8.90 -2.44 -1.80
CA LEU A 34 9.06 -2.78 -0.39
C LEU A 34 10.28 -3.68 -0.19
N ASN A 35 10.62 -4.45 -1.21
CA ASN A 35 11.77 -5.34 -1.13
C ASN A 35 13.03 -4.66 -1.65
N GLU A 36 12.96 -4.15 -2.87
CA GLU A 36 14.10 -3.47 -3.48
C GLU A 36 14.25 -2.06 -2.92
N GLY A 37 13.13 -1.37 -2.72
CA GLY A 37 13.16 -0.03 -2.19
C GLY A 37 13.42 0.00 -0.69
N SER A 38 14.21 0.96 -0.25
CA SER A 38 14.54 1.10 1.17
C SER A 38 13.62 2.11 1.85
N ALA A 39 13.81 2.28 3.15
CA ALA A 39 13.00 3.22 3.93
C ALA A 39 12.85 4.55 3.18
N ARG A 40 13.94 5.30 3.08
CA ARG A 40 13.92 6.58 2.41
C ARG A 40 13.07 6.53 1.14
N ASP A 41 13.31 5.51 0.31
CA ASP A 41 12.57 5.34 -0.93
C ASP A 41 11.08 5.23 -0.65
N LEU A 42 10.73 4.51 0.42
CA LEU A 42 9.33 4.32 0.79
C LEU A 42 8.72 5.62 1.30
N ARG A 43 9.47 6.33 2.14
CA ARG A 43 8.99 7.58 2.71
C ARG A 43 8.26 8.41 1.65
N SER A 44 8.72 8.31 0.41
CA SER A 44 8.10 9.05 -0.69
C SER A 44 6.63 8.68 -0.84
N LEU A 45 6.35 7.38 -0.80
CA LEU A 45 4.97 6.89 -0.93
C LEU A 45 4.05 7.62 0.04
N GLN A 46 2.75 7.45 -0.16
CA GLN A 46 1.75 8.09 0.70
C GLN A 46 1.23 7.11 1.74
N ARG A 47 0.85 7.64 2.90
CA ARG A 47 0.33 6.80 3.98
C ARG A 47 1.41 5.88 4.52
N ILE A 48 2.66 6.30 4.39
CA ILE A 48 3.80 5.50 4.87
C ILE A 48 4.52 6.20 6.02
N GLY A 49 5.18 7.32 5.70
CA GLY A 49 5.89 8.06 6.70
C GLY A 49 7.23 7.43 7.06
N PRO A 50 8.08 8.18 7.77
CA PRO A 50 9.40 7.69 8.19
C PRO A 50 9.32 6.62 9.26
N LYS A 51 8.10 6.24 9.61
CA LYS A 51 7.87 5.21 10.62
C LYS A 51 7.72 3.83 9.98
N LYS A 52 6.64 3.66 9.22
CA LYS A 52 6.38 2.39 8.55
C LYS A 52 7.53 2.00 7.64
N ALA A 53 8.33 3.00 7.25
CA ALA A 53 9.47 2.76 6.38
C ALA A 53 10.54 1.94 7.09
N GLN A 54 10.61 2.07 8.41
CA GLN A 54 11.58 1.34 9.20
C GLN A 54 10.98 0.05 9.75
N LEU A 55 9.66 0.01 9.86
CA LEU A 55 8.97 -1.16 10.36
C LEU A 55 8.97 -2.28 9.32
N ILE A 56 8.92 -1.90 8.06
CA ILE A 56 8.92 -2.88 6.97
C ILE A 56 10.35 -3.29 6.60
N VAL A 57 11.20 -2.29 6.37
CA VAL A 57 12.59 -2.55 6.01
C VAL A 57 13.31 -3.34 7.11
N GLY A 58 13.20 -2.86 8.34
CA GLY A 58 13.83 -3.52 9.46
C GLY A 58 13.39 -4.97 9.61
N TRP A 59 12.13 -5.23 9.28
CA TRP A 59 11.58 -6.57 9.38
C TRP A 59 12.15 -7.48 8.29
N ARG A 60 11.94 -7.09 7.03
CA ARG A 60 12.43 -7.86 5.90
C ARG A 60 13.93 -8.12 6.04
N GLU A 61 14.66 -7.13 6.53
CA GLU A 61 16.10 -7.25 6.71
C GLU A 61 16.45 -8.53 7.47
N LEU A 62 15.63 -8.87 8.47
CA LEU A 62 15.86 -10.06 9.27
C LEU A 62 15.04 -11.23 8.75
N HIS A 63 13.71 -11.08 8.79
CA HIS A 63 12.81 -12.12 8.32
C HIS A 63 13.11 -12.49 6.86
N GLY A 64 13.09 -11.48 6.00
CA GLY A 64 13.37 -11.72 4.59
C GLY A 64 12.37 -11.00 3.69
N PRO A 65 12.26 -11.48 2.44
CA PRO A 65 11.35 -10.90 1.44
C PRO A 65 9.88 -11.15 1.78
N PHE A 66 9.01 -10.29 1.28
CA PHE A 66 7.58 -10.42 1.54
C PHE A 66 6.89 -11.16 0.40
N SER A 67 6.31 -12.32 0.72
CA SER A 67 5.61 -13.12 -0.29
C SER A 67 4.52 -12.31 -0.97
N GLN A 68 3.98 -11.34 -0.26
CA GLN A 68 2.92 -10.50 -0.80
C GLN A 68 2.81 -9.19 -0.03
N VAL A 69 1.96 -8.29 -0.50
CA VAL A 69 1.77 -7.00 0.14
C VAL A 69 0.94 -7.13 1.41
N GLU A 70 0.12 -8.18 1.46
CA GLU A 70 -0.73 -8.43 2.62
C GLU A 70 0.12 -8.71 3.86
N ASP A 71 1.40 -9.00 3.65
CA ASP A 71 2.32 -9.30 4.74
C ASP A 71 2.46 -8.09 5.67
N LEU A 72 2.02 -6.93 5.20
CA LEU A 72 2.10 -5.70 5.99
C LEU A 72 1.19 -5.78 7.22
N GLU A 73 0.32 -6.79 7.23
CA GLU A 73 -0.60 -6.99 8.35
C GLU A 73 0.13 -7.54 9.56
N ARG A 74 1.16 -8.34 9.32
CA ARG A 74 1.95 -8.94 10.39
C ARG A 74 3.03 -7.98 10.88
N VAL A 75 3.49 -7.11 10.00
CA VAL A 75 4.51 -6.13 10.34
C VAL A 75 4.14 -5.37 11.60
N GLU A 76 5.04 -5.39 12.59
CA GLU A 76 4.81 -4.69 13.85
C GLU A 76 4.59 -3.19 13.61
N GLY A 77 3.40 -2.71 13.96
CA GLY A 77 3.10 -1.30 13.78
C GLY A 77 2.00 -1.09 12.76
N ILE A 78 1.85 -2.02 11.83
CA ILE A 78 0.84 -1.91 10.79
C ILE A 78 -0.27 -2.95 11.00
N THR A 79 -1.46 -2.63 10.52
CA THR A 79 -2.60 -3.53 10.66
C THR A 79 -3.26 -3.79 9.31
N GLY A 80 -3.92 -4.93 9.19
CA GLY A 80 -4.59 -5.28 7.94
C GLY A 80 -5.43 -4.15 7.41
N LYS A 81 -5.78 -3.20 8.27
CA LYS A 81 -6.59 -2.06 7.88
C LYS A 81 -5.72 -0.91 7.38
N GLN A 82 -4.78 -0.47 8.21
CA GLN A 82 -3.87 0.61 7.84
C GLN A 82 -3.18 0.31 6.52
N MET A 83 -2.68 -0.92 6.38
CA MET A 83 -1.99 -1.34 5.18
C MET A 83 -2.89 -1.21 3.95
N GLU A 84 -4.16 -1.56 4.12
CA GLU A 84 -5.12 -1.48 3.03
C GLU A 84 -5.23 -0.05 2.50
N SER A 85 -5.59 0.87 3.40
CA SER A 85 -5.74 2.27 3.02
C SER A 85 -4.51 2.76 2.25
N PHE A 86 -3.33 2.37 2.71
CA PHE A 86 -2.08 2.76 2.08
C PHE A 86 -2.07 2.37 0.60
N LEU A 87 -2.22 1.07 0.35
CA LEU A 87 -2.24 0.55 -1.02
C LEU A 87 -2.98 1.50 -1.95
N LYS A 88 -4.31 1.53 -1.82
CA LYS A 88 -5.13 2.41 -2.65
C LYS A 88 -4.39 3.71 -2.98
N ALA A 89 -4.03 4.45 -1.94
CA ALA A 89 -3.32 5.71 -2.11
C ALA A 89 -2.34 5.63 -3.28
N ASN A 90 -1.54 4.57 -3.31
CA ASN A 90 -0.57 4.38 -4.38
C ASN A 90 -1.21 3.76 -5.61
N ILE A 91 -1.88 2.62 -5.41
CA ILE A 91 -2.55 1.93 -6.51
C ILE A 91 -3.28 2.91 -7.41
N LEU A 92 -4.25 3.62 -6.84
CA LEU A 92 -5.03 4.60 -7.60
C LEU A 92 -4.12 5.63 -8.25
N GLY A 93 -3.32 6.29 -7.43
CA GLY A 93 -2.40 7.30 -7.95
C GLY A 93 -1.67 6.84 -9.20
N LEU A 94 -1.09 5.65 -9.14
CA LEU A 94 -0.36 5.10 -10.28
C LEU A 94 -1.11 5.35 -11.58
N ALA A 95 -2.42 5.11 -11.56
CA ALA A 95 -3.25 5.32 -12.74
C ALA A 95 -4.73 5.36 -12.37
N ALA A 96 -5.35 6.52 -12.56
CA ALA A 96 -6.76 6.68 -12.25
C ALA A 96 -7.55 7.12 -13.48
N GLY A 97 -7.09 8.18 -14.14
CA GLY A 97 -7.76 8.68 -15.31
C GLY A 97 -8.10 7.57 -16.29
N GLN A 98 -7.18 6.62 -16.46
CA GLN A 98 -7.39 5.50 -17.37
C GLN A 98 -8.56 4.63 -16.91
N GLY A 1 -25.79 14.34 16.47
CA GLY A 1 -26.66 14.31 15.31
C GLY A 1 -25.90 14.49 14.01
N SER A 2 -25.94 13.45 13.17
CA SER A 2 -25.25 13.50 11.88
C SER A 2 -26.24 13.43 10.74
N SER A 3 -26.39 14.55 10.02
CA SER A 3 -27.30 14.63 8.89
C SER A 3 -26.59 15.12 7.64
N GLY A 4 -26.73 14.38 6.55
CA GLY A 4 -26.10 14.76 5.30
C GLY A 4 -26.72 14.09 4.10
N SER A 5 -26.08 14.23 2.94
CA SER A 5 -26.59 13.63 1.71
C SER A 5 -26.00 12.23 1.50
N SER A 6 -26.85 11.30 1.09
CA SER A 6 -26.41 9.93 0.85
C SER A 6 -26.58 9.56 -0.62
N GLY A 7 -25.94 8.46 -1.02
CA GLY A 7 -26.03 8.01 -2.40
C GLY A 7 -24.71 8.13 -3.13
N GLU A 8 -23.64 7.63 -2.51
CA GLU A 8 -22.32 7.69 -3.12
C GLU A 8 -21.80 6.28 -3.42
N LYS A 9 -20.80 6.21 -4.30
CA LYS A 9 -20.22 4.93 -4.68
C LYS A 9 -19.68 4.19 -3.46
N ALA A 10 -19.68 2.86 -3.53
CA ALA A 10 -19.19 2.04 -2.44
C ALA A 10 -17.87 2.56 -1.90
N GLU A 11 -17.90 3.09 -0.67
CA GLU A 11 -16.70 3.64 -0.05
C GLU A 11 -15.94 2.55 0.70
N ASP A 12 -16.69 1.64 1.34
CA ASP A 12 -16.08 0.56 2.10
C ASP A 12 -15.07 -0.20 1.23
N CYS A 13 -15.44 -0.47 -0.02
CA CYS A 13 -14.58 -1.18 -0.94
C CYS A 13 -14.17 -0.31 -2.12
N TRP A 14 -12.90 -0.37 -2.49
CA TRP A 14 -12.40 0.43 -3.60
C TRP A 14 -11.96 -0.46 -4.75
N GLU A 15 -11.43 -1.63 -4.43
CA GLU A 15 -10.98 -2.58 -5.44
C GLU A 15 -12.09 -2.91 -6.42
N LEU A 16 -13.33 -2.60 -6.02
CA LEU A 16 -14.49 -2.86 -6.86
C LEU A 16 -14.57 -1.88 -8.02
N GLN A 17 -14.32 -0.60 -7.73
CA GLN A 17 -14.36 0.44 -8.74
C GLN A 17 -13.12 0.37 -9.63
N ILE A 18 -11.98 0.04 -9.05
CA ILE A 18 -10.74 -0.07 -9.80
C ILE A 18 -10.74 -1.31 -10.69
N SER A 19 -10.13 -1.17 -11.87
CA SER A 19 -10.07 -2.27 -12.82
C SER A 19 -9.36 -3.47 -12.21
N PRO A 20 -9.60 -4.67 -12.80
CA PRO A 20 -9.00 -5.91 -12.32
C PRO A 20 -7.50 -5.97 -12.61
N GLU A 21 -7.07 -5.26 -13.63
CA GLU A 21 -5.65 -5.23 -14.01
C GLU A 21 -4.88 -4.24 -13.14
N LEU A 22 -5.53 -3.14 -12.78
CA LEU A 22 -4.90 -2.12 -11.96
C LEU A 22 -4.59 -2.66 -10.57
N LEU A 23 -5.45 -3.54 -10.07
CA LEU A 23 -5.27 -4.15 -8.76
C LEU A 23 -4.00 -4.99 -8.71
N ALA A 24 -3.94 -6.00 -9.57
CA ALA A 24 -2.78 -6.88 -9.63
C ALA A 24 -1.53 -6.10 -9.99
N HIS A 25 -1.62 -5.27 -11.02
CA HIS A 25 -0.49 -4.47 -11.46
C HIS A 25 0.01 -3.57 -10.34
N GLY A 26 -0.91 -2.98 -9.61
CA GLY A 26 -0.54 -2.10 -8.50
C GLY A 26 0.15 -2.83 -7.38
N ARG A 27 -0.55 -3.82 -6.80
CA ARG A 27 0.00 -4.59 -5.71
C ARG A 27 1.47 -4.95 -5.97
N GLN A 28 1.72 -5.56 -7.12
CA GLN A 28 3.09 -5.95 -7.49
C GLN A 28 4.01 -4.74 -7.51
N LYS A 29 3.53 -3.63 -8.08
CA LYS A 29 4.32 -2.41 -8.16
C LYS A 29 4.69 -1.91 -6.77
N ILE A 30 3.77 -2.06 -5.83
CA ILE A 30 4.00 -1.62 -4.45
C ILE A 30 4.89 -2.60 -3.71
N LEU A 31 4.72 -3.89 -4.01
CA LEU A 31 5.50 -4.94 -3.37
C LEU A 31 6.98 -4.83 -3.76
N ASP A 32 7.22 -4.55 -5.04
CA ASP A 32 8.59 -4.42 -5.54
C ASP A 32 9.35 -3.34 -4.77
N LEU A 33 8.61 -2.44 -4.13
CA LEU A 33 9.20 -1.35 -3.37
C LEU A 33 9.53 -1.81 -1.95
N LEU A 34 8.61 -2.56 -1.35
CA LEU A 34 8.80 -3.06 0.01
C LEU A 34 9.95 -4.06 0.07
N ASN A 35 10.28 -4.63 -1.09
CA ASN A 35 11.37 -5.60 -1.16
C ASN A 35 12.67 -4.93 -1.56
N GLU A 36 12.65 -4.22 -2.69
CA GLU A 36 13.83 -3.52 -3.19
C GLU A 36 13.93 -2.12 -2.59
N GLY A 37 12.80 -1.44 -2.50
CA GLY A 37 12.78 -0.10 -1.95
C GLY A 37 13.23 -0.06 -0.49
N SER A 38 14.12 0.86 -0.17
CA SER A 38 14.63 0.99 1.18
C SER A 38 13.80 1.99 1.98
N ALA A 39 14.05 2.06 3.29
CA ALA A 39 13.33 2.97 4.17
C ALA A 39 13.06 4.30 3.47
N ARG A 40 14.12 5.04 3.19
CA ARG A 40 14.00 6.34 2.53
C ARG A 40 13.06 6.25 1.32
N ASP A 41 13.25 5.20 0.52
CA ASP A 41 12.41 5.00 -0.66
C ASP A 41 10.95 4.86 -0.28
N LEU A 42 10.69 4.08 0.78
CA LEU A 42 9.33 3.87 1.25
C LEU A 42 8.67 5.18 1.66
N ARG A 43 9.48 6.10 2.17
CA ARG A 43 8.97 7.40 2.59
C ARG A 43 8.56 8.25 1.40
N SER A 44 8.88 7.76 0.20
CA SER A 44 8.55 8.48 -1.03
C SER A 44 7.07 8.31 -1.37
N LEU A 45 6.43 7.33 -0.73
CA LEU A 45 5.01 7.07 -0.96
C LEU A 45 4.14 8.12 -0.28
N GLN A 46 2.82 7.96 -0.42
CA GLN A 46 1.89 8.90 0.18
C GLN A 46 1.58 8.51 1.62
N ARG A 47 0.81 7.44 1.79
CA ARG A 47 0.44 6.96 3.12
C ARG A 47 1.59 6.22 3.78
N ILE A 48 2.78 6.82 3.74
CA ILE A 48 3.97 6.22 4.34
C ILE A 48 4.91 7.27 4.89
N GLY A 49 5.56 6.95 6.00
CA GLY A 49 6.48 7.89 6.63
C GLY A 49 7.75 7.21 7.11
N PRO A 50 8.49 7.91 7.98
CA PRO A 50 9.75 7.39 8.55
C PRO A 50 9.51 6.25 9.53
N LYS A 51 8.32 6.22 10.11
CA LYS A 51 7.96 5.17 11.06
C LYS A 51 7.66 3.85 10.34
N LYS A 52 6.59 3.85 9.56
CA LYS A 52 6.19 2.66 8.81
C LYS A 52 7.29 2.24 7.84
N ALA A 53 8.09 3.20 7.40
CA ALA A 53 9.17 2.93 6.47
C ALA A 53 10.19 1.96 7.08
N GLN A 54 10.54 2.19 8.33
CA GLN A 54 11.50 1.33 9.03
C GLN A 54 10.84 0.02 9.45
N LEU A 55 9.73 0.13 10.18
CA LEU A 55 9.00 -1.05 10.65
C LEU A 55 9.09 -2.18 9.63
N ILE A 56 8.84 -1.85 8.36
CA ILE A 56 8.89 -2.85 7.30
C ILE A 56 10.32 -3.31 7.05
N VAL A 57 11.20 -2.36 6.71
CA VAL A 57 12.59 -2.67 6.45
C VAL A 57 13.17 -3.59 7.52
N GLY A 58 13.07 -3.15 8.77
CA GLY A 58 13.59 -3.95 9.88
C GLY A 58 13.01 -5.36 9.90
N TRP A 59 11.74 -5.48 9.51
CA TRP A 59 11.08 -6.78 9.49
C TRP A 59 11.68 -7.68 8.43
N ARG A 60 11.71 -7.20 7.19
CA ARG A 60 12.26 -7.96 6.08
C ARG A 60 13.77 -8.14 6.25
N GLU A 61 14.40 -7.22 6.97
CA GLU A 61 15.84 -7.28 7.20
C GLU A 61 16.24 -8.63 7.79
N LEU A 62 15.45 -9.11 8.74
CA LEU A 62 15.72 -10.40 9.39
C LEU A 62 14.89 -11.51 8.75
N HIS A 63 13.59 -11.29 8.66
CA HIS A 63 12.68 -12.28 8.09
C HIS A 63 13.00 -12.50 6.61
N GLY A 64 13.02 -11.42 5.84
CA GLY A 64 13.31 -11.52 4.42
C GLY A 64 12.26 -10.85 3.56
N PRO A 65 12.20 -11.24 2.28
CA PRO A 65 11.23 -10.69 1.33
C PRO A 65 9.80 -11.12 1.63
N PHE A 66 8.86 -10.24 1.34
CA PHE A 66 7.44 -10.53 1.57
C PHE A 66 6.81 -11.21 0.37
N SER A 67 6.35 -12.44 0.56
CA SER A 67 5.72 -13.20 -0.52
C SER A 67 4.49 -12.48 -1.05
N GLN A 68 4.01 -11.50 -0.29
CA GLN A 68 2.83 -10.73 -0.69
C GLN A 68 2.82 -9.37 -0.01
N VAL A 69 1.79 -8.57 -0.29
CA VAL A 69 1.66 -7.25 0.30
C VAL A 69 0.95 -7.31 1.65
N GLU A 70 -0.10 -8.13 1.71
CA GLU A 70 -0.87 -8.27 2.95
C GLU A 70 0.04 -8.66 4.11
N ASP A 71 1.25 -9.10 3.78
CA ASP A 71 2.22 -9.50 4.80
C ASP A 71 2.53 -8.34 5.74
N LEU A 72 2.33 -7.12 5.26
CA LEU A 72 2.59 -5.92 6.05
C LEU A 72 1.93 -6.03 7.42
N GLU A 73 0.66 -6.41 7.43
CA GLU A 73 -0.09 -6.55 8.68
C GLU A 73 0.78 -7.16 9.77
N ARG A 74 1.65 -8.10 9.37
CA ARG A 74 2.53 -8.76 10.31
C ARG A 74 3.51 -7.77 10.94
N VAL A 75 4.06 -6.88 10.11
CA VAL A 75 5.00 -5.89 10.58
C VAL A 75 4.43 -5.07 11.74
N GLU A 76 5.26 -4.80 12.73
CA GLU A 76 4.84 -4.05 13.91
C GLU A 76 4.39 -2.64 13.51
N GLY A 77 3.35 -2.15 14.17
CA GLY A 77 2.84 -0.83 13.87
C GLY A 77 1.91 -0.81 12.67
N ILE A 78 2.24 -1.60 11.66
CA ILE A 78 1.43 -1.68 10.45
C ILE A 78 0.48 -2.87 10.50
N THR A 79 -0.83 -2.57 10.55
CA THR A 79 -1.84 -3.62 10.60
C THR A 79 -2.44 -3.89 9.23
N GLY A 80 -3.27 -4.90 9.14
CA GLY A 80 -3.90 -5.24 7.87
C GLY A 80 -4.77 -4.12 7.34
N LYS A 81 -5.20 -3.23 8.24
CA LYS A 81 -6.05 -2.11 7.85
C LYS A 81 -5.21 -0.94 7.35
N GLN A 82 -4.21 -0.55 8.15
CA GLN A 82 -3.34 0.56 7.78
C GLN A 82 -2.76 0.36 6.40
N MET A 83 -2.48 -0.89 6.05
CA MET A 83 -1.92 -1.22 4.74
C MET A 83 -2.98 -1.11 3.65
N GLU A 84 -4.23 -1.36 4.03
CA GLU A 84 -5.33 -1.29 3.08
C GLU A 84 -5.53 0.13 2.56
N SER A 85 -5.44 1.10 3.47
CA SER A 85 -5.61 2.50 3.12
C SER A 85 -4.45 2.99 2.26
N PHE A 86 -3.30 2.31 2.39
CA PHE A 86 -2.11 2.68 1.64
C PHE A 86 -2.21 2.18 0.20
N LEU A 87 -2.36 0.87 0.04
CA LEU A 87 -2.45 0.27 -1.28
C LEU A 87 -3.30 1.13 -2.21
N LYS A 88 -4.42 1.63 -1.71
CA LYS A 88 -5.32 2.47 -2.49
C LYS A 88 -4.62 3.76 -2.90
N ALA A 89 -4.01 4.44 -1.93
CA ALA A 89 -3.31 5.69 -2.19
C ALA A 89 -2.51 5.60 -3.48
N ASN A 90 -1.57 4.66 -3.53
CA ASN A 90 -0.74 4.47 -4.71
C ASN A 90 -1.54 3.88 -5.87
N ILE A 91 -2.04 2.66 -5.66
CA ILE A 91 -2.82 1.98 -6.68
C ILE A 91 -3.71 2.96 -7.44
N LEU A 92 -4.61 3.62 -6.71
CA LEU A 92 -5.52 4.59 -7.31
C LEU A 92 -4.76 5.82 -7.80
N GLY A 93 -3.62 6.09 -7.17
CA GLY A 93 -2.82 7.24 -7.56
C GLY A 93 -1.95 6.96 -8.78
N LEU A 94 -1.85 5.68 -9.14
CA LEU A 94 -1.05 5.28 -10.29
C LEU A 94 -1.70 5.73 -11.59
N ALA A 95 -3.02 5.62 -11.67
CA ALA A 95 -3.76 6.02 -12.86
C ALA A 95 -3.55 7.50 -13.15
N ALA A 96 -3.48 8.31 -12.10
CA ALA A 96 -3.29 9.75 -12.25
C ALA A 96 -2.15 10.04 -13.21
N GLY A 97 -1.08 9.24 -13.13
CA GLY A 97 0.06 9.44 -14.00
C GLY A 97 -0.34 9.86 -15.40
N GLN A 98 -1.41 9.26 -15.90
CA GLN A 98 -1.90 9.57 -17.25
C GLN A 98 -2.10 11.07 -17.42
N GLY A 1 -21.74 -12.32 13.07
CA GLY A 1 -22.78 -11.51 12.48
C GLY A 1 -22.53 -11.21 11.01
N SER A 2 -23.34 -11.81 10.15
CA SER A 2 -23.21 -11.61 8.71
C SER A 2 -24.57 -11.37 8.07
N SER A 3 -24.57 -10.75 6.89
CA SER A 3 -25.79 -10.45 6.16
C SER A 3 -25.49 -10.01 4.74
N GLY A 4 -26.08 -10.70 3.77
CA GLY A 4 -25.86 -10.36 2.38
C GLY A 4 -26.96 -9.48 1.82
N SER A 5 -26.60 -8.60 0.89
CA SER A 5 -27.58 -7.70 0.28
C SER A 5 -27.66 -7.95 -1.22
N SER A 6 -26.53 -7.86 -1.90
CA SER A 6 -26.49 -8.07 -3.34
C SER A 6 -27.50 -7.18 -4.06
N GLY A 7 -27.56 -5.92 -3.64
CA GLY A 7 -28.50 -4.99 -4.24
C GLY A 7 -27.90 -3.60 -4.40
N GLU A 8 -28.21 -2.71 -3.46
CA GLU A 8 -27.70 -1.34 -3.50
C GLU A 8 -26.18 -1.33 -3.52
N LYS A 9 -25.60 -0.95 -4.66
CA LYS A 9 -24.15 -0.90 -4.81
C LYS A 9 -23.52 -0.08 -3.68
N ALA A 10 -22.64 -0.73 -2.91
CA ALA A 10 -21.97 -0.07 -1.80
C ALA A 10 -20.60 0.45 -2.23
N GLU A 11 -20.11 1.48 -1.53
CA GLU A 11 -18.82 2.06 -1.84
C GLU A 11 -17.86 1.90 -0.67
N ASP A 12 -18.04 0.83 0.10
CA ASP A 12 -17.19 0.56 1.26
C ASP A 12 -15.76 0.26 0.81
N CYS A 13 -15.61 -0.69 -0.10
CA CYS A 13 -14.29 -1.06 -0.60
C CYS A 13 -13.94 -0.28 -1.87
N TRP A 14 -12.65 -0.24 -2.18
CA TRP A 14 -12.19 0.49 -3.37
C TRP A 14 -11.88 -0.48 -4.51
N GLU A 15 -11.28 -1.62 -4.16
CA GLU A 15 -10.92 -2.63 -5.16
C GLU A 15 -12.13 -2.97 -6.04
N LEU A 16 -13.32 -2.89 -5.45
CA LEU A 16 -14.55 -3.19 -6.17
C LEU A 16 -14.75 -2.22 -7.33
N GLN A 17 -14.32 -0.98 -7.13
CA GLN A 17 -14.46 0.05 -8.15
C GLN A 17 -13.30 -0.01 -9.14
N ILE A 18 -12.12 -0.32 -8.63
CA ILE A 18 -10.92 -0.43 -9.47
C ILE A 18 -10.89 -1.74 -10.23
N SER A 19 -10.54 -1.67 -11.52
CA SER A 19 -10.47 -2.85 -12.36
C SER A 19 -9.63 -3.95 -11.69
N PRO A 20 -9.83 -5.19 -12.15
CA PRO A 20 -9.10 -6.35 -11.61
C PRO A 20 -7.63 -6.34 -11.98
N GLU A 21 -7.33 -5.88 -13.20
CA GLU A 21 -5.96 -5.81 -13.69
C GLU A 21 -5.18 -4.73 -12.96
N LEU A 22 -5.89 -3.68 -12.54
CA LEU A 22 -5.27 -2.57 -11.84
C LEU A 22 -4.78 -3.00 -10.45
N LEU A 23 -5.55 -3.88 -9.81
CA LEU A 23 -5.20 -4.37 -8.48
C LEU A 23 -3.86 -5.11 -8.52
N ALA A 24 -3.80 -6.20 -9.27
CA ALA A 24 -2.59 -6.99 -9.40
C ALA A 24 -1.42 -6.13 -9.88
N HIS A 25 -1.67 -5.31 -10.90
CA HIS A 25 -0.64 -4.44 -11.45
C HIS A 25 -0.11 -3.48 -10.38
N GLY A 26 -1.03 -2.78 -9.72
CA GLY A 26 -0.64 -1.84 -8.69
C GLY A 26 0.10 -2.51 -7.53
N ARG A 27 -0.49 -3.57 -7.01
CA ARG A 27 0.11 -4.29 -5.90
C ARG A 27 1.58 -4.57 -6.16
N GLN A 28 1.86 -5.29 -7.24
CA GLN A 28 3.23 -5.62 -7.61
C GLN A 28 4.14 -4.40 -7.49
N LYS A 29 3.78 -3.34 -8.20
CA LYS A 29 4.56 -2.11 -8.18
C LYS A 29 4.97 -1.76 -6.75
N ILE A 30 4.02 -1.82 -5.84
CA ILE A 30 4.28 -1.50 -4.43
C ILE A 30 5.20 -2.54 -3.80
N LEU A 31 4.81 -3.80 -3.91
CA LEU A 31 5.60 -4.90 -3.36
C LEU A 31 7.08 -4.72 -3.68
N ASP A 32 7.39 -4.62 -4.97
CA ASP A 32 8.76 -4.44 -5.41
C ASP A 32 9.45 -3.31 -4.64
N LEU A 33 8.67 -2.30 -4.27
CA LEU A 33 9.19 -1.16 -3.53
C LEU A 33 9.43 -1.52 -2.07
N LEU A 34 8.58 -2.38 -1.53
CA LEU A 34 8.68 -2.82 -0.14
C LEU A 34 9.88 -3.74 0.04
N ASN A 35 10.37 -4.30 -1.06
CA ASN A 35 11.52 -5.20 -1.01
C ASN A 35 12.78 -4.49 -1.47
N GLU A 36 12.71 -3.85 -2.64
CA GLU A 36 13.85 -3.13 -3.19
C GLU A 36 13.97 -1.75 -2.58
N GLY A 37 12.83 -1.11 -2.33
CA GLY A 37 12.83 0.21 -1.74
C GLY A 37 13.19 0.21 -0.27
N SER A 38 14.26 0.90 0.08
CA SER A 38 14.72 0.96 1.46
C SER A 38 13.89 1.97 2.26
N ALA A 39 14.18 2.08 3.55
CA ALA A 39 13.47 3.00 4.42
C ALA A 39 13.14 4.29 3.68
N ARG A 40 14.17 5.01 3.25
CA ARG A 40 13.99 6.26 2.53
C ARG A 40 12.97 6.11 1.40
N ASP A 41 13.32 5.29 0.41
CA ASP A 41 12.44 5.04 -0.73
C ASP A 41 10.98 4.97 -0.28
N LEU A 42 10.72 4.17 0.74
CA LEU A 42 9.37 4.00 1.26
C LEU A 42 8.76 5.35 1.64
N ARG A 43 9.51 6.13 2.40
CA ARG A 43 9.04 7.46 2.83
C ARG A 43 8.47 8.23 1.65
N SER A 44 8.96 7.93 0.45
CA SER A 44 8.50 8.60 -0.77
C SER A 44 7.00 8.39 -0.96
N LEU A 45 6.55 7.17 -0.72
CA LEU A 45 5.14 6.83 -0.87
C LEU A 45 4.25 7.87 -0.19
N GLN A 46 2.94 7.77 -0.41
CA GLN A 46 1.98 8.70 0.17
C GLN A 46 1.73 8.35 1.63
N ARG A 47 1.00 7.26 1.85
CA ARG A 47 0.67 6.82 3.21
C ARG A 47 1.85 6.12 3.85
N ILE A 48 3.02 6.76 3.81
CA ILE A 48 4.23 6.19 4.39
C ILE A 48 5.15 7.29 4.91
N GLY A 49 5.77 7.02 6.05
CA GLY A 49 6.68 8.00 6.64
C GLY A 49 7.98 7.37 7.10
N PRO A 50 8.79 8.16 7.84
CA PRO A 50 10.08 7.69 8.36
C PRO A 50 9.91 6.66 9.48
N LYS A 51 8.71 6.57 10.02
CA LYS A 51 8.41 5.63 11.09
C LYS A 51 8.11 4.24 10.52
N LYS A 52 7.08 4.17 9.68
CA LYS A 52 6.69 2.90 9.06
C LYS A 52 7.84 2.31 8.25
N ALA A 53 8.48 3.15 7.44
CA ALA A 53 9.60 2.71 6.62
C ALA A 53 10.47 1.71 7.37
N GLN A 54 11.01 2.14 8.50
CA GLN A 54 11.87 1.28 9.31
C GLN A 54 11.12 0.02 9.74
N LEU A 55 9.91 0.18 10.25
CA LEU A 55 9.09 -0.94 10.68
C LEU A 55 9.05 -2.03 9.62
N ILE A 56 9.01 -1.61 8.36
CA ILE A 56 8.97 -2.55 7.24
C ILE A 56 10.36 -3.05 6.89
N VAL A 57 11.36 -2.19 7.08
CA VAL A 57 12.75 -2.55 6.79
C VAL A 57 13.30 -3.52 7.83
N GLY A 58 12.74 -3.48 9.03
CA GLY A 58 13.18 -4.35 10.10
C GLY A 58 12.64 -5.76 9.95
N TRP A 59 11.36 -5.88 9.63
CA TRP A 59 10.72 -7.17 9.46
C TRP A 59 11.29 -7.91 8.24
N ARG A 60 11.26 -7.24 7.10
CA ARG A 60 11.76 -7.82 5.87
C ARG A 60 13.18 -8.36 6.06
N GLU A 61 13.95 -7.68 6.90
CA GLU A 61 15.33 -8.09 7.17
C GLU A 61 15.36 -9.28 8.14
N LEU A 62 14.35 -9.37 9.00
CA LEU A 62 14.27 -10.45 9.97
C LEU A 62 14.10 -11.80 9.27
N HIS A 63 13.01 -11.94 8.52
CA HIS A 63 12.74 -13.18 7.80
C HIS A 63 13.24 -13.09 6.35
N GLY A 64 13.01 -11.94 5.72
CA GLY A 64 13.44 -11.75 4.35
C GLY A 64 12.46 -10.92 3.54
N PRO A 65 12.49 -11.09 2.21
CA PRO A 65 11.61 -10.37 1.30
C PRO A 65 10.15 -10.83 1.41
N PHE A 66 9.22 -9.88 1.34
CA PHE A 66 7.81 -10.20 1.44
C PHE A 66 7.31 -10.87 0.16
N SER A 67 6.55 -11.96 0.33
CA SER A 67 6.01 -12.69 -0.81
C SER A 67 4.75 -12.04 -1.34
N GLN A 68 4.19 -11.12 -0.55
CA GLN A 68 2.97 -10.42 -0.94
C GLN A 68 2.77 -9.17 -0.09
N VAL A 69 2.24 -8.12 -0.71
CA VAL A 69 2.01 -6.86 -0.01
C VAL A 69 1.23 -7.10 1.29
N GLU A 70 0.24 -7.97 1.23
CA GLU A 70 -0.58 -8.28 2.40
C GLU A 70 0.30 -8.51 3.62
N ASP A 71 1.54 -8.92 3.38
CA ASP A 71 2.47 -9.18 4.47
C ASP A 71 2.53 -8.00 5.43
N LEU A 72 2.53 -6.80 4.88
CA LEU A 72 2.58 -5.58 5.69
C LEU A 72 1.62 -5.67 6.87
N GLU A 73 0.63 -6.55 6.75
CA GLU A 73 -0.37 -6.73 7.80
C GLU A 73 0.28 -7.31 9.06
N ARG A 74 1.17 -8.26 8.87
CA ARG A 74 1.87 -8.91 9.99
C ARG A 74 2.93 -7.97 10.57
N VAL A 75 3.39 -7.03 9.75
CA VAL A 75 4.41 -6.08 10.19
C VAL A 75 3.86 -5.15 11.28
N GLU A 76 4.48 -5.21 12.45
CA GLU A 76 4.05 -4.38 13.57
C GLU A 76 3.80 -2.94 13.12
N GLY A 77 2.96 -2.24 13.87
CA GLY A 77 2.65 -0.86 13.53
C GLY A 77 1.68 -0.75 12.37
N ILE A 78 2.04 -1.39 11.26
CA ILE A 78 1.19 -1.37 10.06
C ILE A 78 0.13 -2.46 10.11
N THR A 79 -1.05 -2.10 10.60
CA THR A 79 -2.15 -3.06 10.71
C THR A 79 -2.82 -3.28 9.36
N GLY A 80 -3.41 -4.46 9.18
CA GLY A 80 -4.07 -4.78 7.93
C GLY A 80 -4.75 -3.57 7.31
N LYS A 81 -5.57 -2.89 8.10
CA LYS A 81 -6.28 -1.71 7.62
C LYS A 81 -5.31 -0.65 7.10
N GLN A 82 -4.31 -0.33 7.93
CA GLN A 82 -3.32 0.67 7.55
C GLN A 82 -2.72 0.35 6.18
N MET A 83 -2.22 -0.87 6.02
CA MET A 83 -1.63 -1.29 4.75
C MET A 83 -2.67 -1.30 3.64
N GLU A 84 -3.93 -1.50 4.02
CA GLU A 84 -5.02 -1.54 3.05
C GLU A 84 -5.27 -0.15 2.46
N SER A 85 -5.37 0.85 3.33
CA SER A 85 -5.62 2.22 2.89
C SER A 85 -4.46 2.73 2.04
N PHE A 86 -3.27 2.19 2.28
CA PHE A 86 -2.09 2.59 1.53
C PHE A 86 -2.14 2.05 0.11
N LEU A 87 -2.15 0.73 -0.02
CA LEU A 87 -2.20 0.09 -1.33
C LEU A 87 -3.03 0.90 -2.30
N LYS A 88 -4.17 1.40 -1.84
CA LYS A 88 -5.05 2.20 -2.67
C LYS A 88 -4.38 3.51 -3.09
N ALA A 89 -3.94 4.28 -2.10
CA ALA A 89 -3.28 5.55 -2.37
C ALA A 89 -2.44 5.48 -3.64
N ASN A 90 -1.56 4.48 -3.71
CA ASN A 90 -0.70 4.30 -4.87
C ASN A 90 -1.47 3.69 -6.04
N ILE A 91 -2.04 2.51 -5.79
CA ILE A 91 -2.81 1.81 -6.81
C ILE A 91 -3.65 2.79 -7.63
N LEU A 92 -4.59 3.45 -6.97
CA LEU A 92 -5.46 4.41 -7.63
C LEU A 92 -4.68 5.66 -8.05
N GLY A 93 -3.86 6.16 -7.14
CA GLY A 93 -3.06 7.35 -7.43
C GLY A 93 -2.23 7.18 -8.68
N LEU A 94 -1.93 5.94 -9.04
CA LEU A 94 -1.13 5.65 -10.23
C LEU A 94 -1.85 6.09 -11.49
N ALA A 95 -3.14 5.77 -11.57
CA ALA A 95 -3.94 6.14 -12.73
C ALA A 95 -3.59 7.54 -13.22
N ALA A 96 -3.56 8.50 -12.29
CA ALA A 96 -3.24 9.88 -12.63
C ALA A 96 -1.78 10.00 -13.10
N GLY A 97 -1.60 10.11 -14.41
CA GLY A 97 -0.26 10.23 -14.96
C GLY A 97 -0.06 9.37 -16.19
N GLN A 98 -0.50 8.12 -16.11
CA GLN A 98 -0.37 7.19 -17.23
C GLN A 98 -1.62 7.20 -18.10
N GLY A 1 -17.37 -2.60 28.49
CA GLY A 1 -17.82 -1.73 27.41
C GLY A 1 -16.99 -0.47 27.30
N SER A 2 -16.87 0.26 28.40
CA SER A 2 -16.09 1.50 28.42
C SER A 2 -16.33 2.30 27.14
N SER A 3 -17.58 2.37 26.71
CA SER A 3 -17.94 3.11 25.50
C SER A 3 -17.54 4.57 25.62
N GLY A 4 -17.18 5.17 24.49
CA GLY A 4 -16.78 6.57 24.49
C GLY A 4 -16.07 6.97 23.21
N SER A 5 -14.75 6.85 23.21
CA SER A 5 -13.95 7.20 22.03
C SER A 5 -13.86 6.03 21.07
N SER A 6 -14.93 5.81 20.30
CA SER A 6 -14.96 4.72 19.34
C SER A 6 -15.46 5.21 17.98
N GLY A 7 -14.87 4.69 16.91
CA GLY A 7 -15.26 5.08 15.57
C GLY A 7 -16.48 4.33 15.08
N GLU A 8 -16.98 4.72 13.91
CA GLU A 8 -18.15 4.07 13.32
C GLU A 8 -17.74 2.87 12.48
N LYS A 9 -18.74 2.17 11.95
CA LYS A 9 -18.49 0.99 11.12
C LYS A 9 -19.07 1.19 9.71
N ALA A 10 -18.31 0.77 8.70
CA ALA A 10 -18.76 0.89 7.32
C ALA A 10 -17.82 0.15 6.37
N GLU A 11 -18.40 -0.54 5.39
CA GLU A 11 -17.61 -1.30 4.42
C GLU A 11 -17.49 -0.54 3.11
N ASP A 12 -16.32 0.01 2.85
CA ASP A 12 -16.08 0.76 1.62
C ASP A 12 -14.98 0.11 0.79
N CYS A 13 -15.37 -0.82 -0.08
CA CYS A 13 -14.42 -1.52 -0.93
C CYS A 13 -14.10 -0.70 -2.18
N TRP A 14 -12.81 -0.48 -2.43
CA TRP A 14 -12.38 0.30 -3.58
C TRP A 14 -11.96 -0.63 -4.73
N GLU A 15 -11.36 -1.76 -4.37
CA GLU A 15 -10.90 -2.73 -5.37
C GLU A 15 -12.04 -3.10 -6.32
N LEU A 16 -13.28 -2.87 -5.88
CA LEU A 16 -14.45 -3.18 -6.70
C LEU A 16 -14.54 -2.24 -7.89
N GLN A 17 -14.12 -0.99 -7.69
CA GLN A 17 -14.15 0.00 -8.76
C GLN A 17 -12.92 -0.13 -9.66
N ILE A 18 -11.79 -0.53 -9.08
CA ILE A 18 -10.56 -0.69 -9.83
C ILE A 18 -10.55 -2.01 -10.59
N SER A 19 -10.24 -1.95 -11.88
CA SER A 19 -10.20 -3.15 -12.71
C SER A 19 -9.44 -4.27 -12.01
N PRO A 20 -9.65 -5.51 -12.48
CA PRO A 20 -9.00 -6.70 -11.91
C PRO A 20 -7.51 -6.73 -12.22
N GLU A 21 -7.11 -6.12 -13.33
CA GLU A 21 -5.72 -6.09 -13.72
C GLU A 21 -4.95 -5.02 -12.94
N LEU A 22 -5.55 -3.84 -12.83
CA LEU A 22 -4.92 -2.74 -12.11
C LEU A 22 -4.60 -3.13 -10.67
N LEU A 23 -5.50 -3.87 -10.05
CA LEU A 23 -5.30 -4.33 -8.67
C LEU A 23 -3.99 -5.09 -8.54
N ALA A 24 -3.86 -6.18 -9.30
CA ALA A 24 -2.65 -6.99 -9.27
C ALA A 24 -1.44 -6.19 -9.73
N HIS A 25 -1.64 -5.34 -10.73
CA HIS A 25 -0.55 -4.52 -11.25
C HIS A 25 -0.03 -3.56 -10.19
N GLY A 26 -0.93 -3.02 -9.39
CA GLY A 26 -0.54 -2.09 -8.34
C GLY A 26 0.20 -2.78 -7.21
N ARG A 27 -0.48 -3.70 -6.53
CA ARG A 27 0.11 -4.43 -5.41
C ARG A 27 1.58 -4.75 -5.71
N GLN A 28 1.82 -5.44 -6.82
CA GLN A 28 3.17 -5.82 -7.21
C GLN A 28 4.10 -4.61 -7.19
N LYS A 29 3.70 -3.54 -7.88
CA LYS A 29 4.49 -2.33 -7.95
C LYS A 29 4.85 -1.84 -6.54
N ILE A 30 3.88 -1.93 -5.63
CA ILE A 30 4.09 -1.50 -4.25
C ILE A 30 4.95 -2.49 -3.49
N LEU A 31 5.00 -3.73 -3.98
CA LEU A 31 5.80 -4.77 -3.34
C LEU A 31 7.27 -4.64 -3.72
N ASP A 32 7.56 -4.71 -5.02
CA ASP A 32 8.93 -4.60 -5.51
C ASP A 32 9.68 -3.50 -4.77
N LEU A 33 8.98 -2.41 -4.46
CA LEU A 33 9.59 -1.29 -3.75
C LEU A 33 9.78 -1.62 -2.28
N LEU A 34 8.75 -2.20 -1.67
CA LEU A 34 8.82 -2.57 -0.26
C LEU A 34 9.94 -3.56 0.00
N ASN A 35 10.44 -4.16 -1.07
CA ASN A 35 11.52 -5.14 -0.97
C ASN A 35 12.85 -4.53 -1.39
N GLU A 36 12.90 -3.99 -2.60
CA GLU A 36 14.12 -3.37 -3.12
C GLU A 36 14.30 -1.98 -2.55
N GLY A 37 13.20 -1.24 -2.42
CA GLY A 37 13.26 0.10 -1.88
C GLY A 37 13.67 0.12 -0.42
N SER A 38 14.42 1.15 -0.03
CA SER A 38 14.88 1.28 1.35
C SER A 38 13.91 2.13 2.16
N ALA A 39 14.06 2.07 3.48
CA ALA A 39 13.19 2.84 4.38
C ALA A 39 12.88 4.21 3.80
N ARG A 40 13.92 4.94 3.43
CA ARG A 40 13.76 6.28 2.85
C ARG A 40 12.93 6.22 1.58
N ASP A 41 13.39 5.48 0.60
CA ASP A 41 12.69 5.34 -0.67
C ASP A 41 11.19 5.21 -0.45
N LEU A 42 10.82 4.48 0.60
CA LEU A 42 9.40 4.28 0.92
C LEU A 42 8.76 5.57 1.38
N ARG A 43 9.46 6.30 2.25
CA ARG A 43 8.95 7.57 2.77
C ARG A 43 8.29 8.39 1.66
N SER A 44 8.74 8.17 0.43
CA SER A 44 8.19 8.88 -0.72
C SER A 44 6.74 8.50 -0.95
N LEU A 45 6.45 7.21 -0.88
CA LEU A 45 5.09 6.71 -1.09
C LEU A 45 4.10 7.46 -0.20
N GLN A 46 2.92 7.72 -0.74
CA GLN A 46 1.87 8.42 -0.01
C GLN A 46 1.40 7.61 1.20
N ARG A 47 1.21 8.28 2.33
CA ARG A 47 0.78 7.62 3.55
C ARG A 47 1.90 6.78 4.15
N ILE A 48 3.14 7.19 3.89
CA ILE A 48 4.30 6.48 4.41
C ILE A 48 5.30 7.45 5.04
N GLY A 49 5.74 7.14 6.25
CA GLY A 49 6.69 7.99 6.93
C GLY A 49 7.97 7.25 7.31
N PRO A 50 8.86 7.93 8.04
CA PRO A 50 10.13 7.35 8.48
C PRO A 50 9.94 6.26 9.54
N LYS A 51 8.70 6.06 9.95
CA LYS A 51 8.38 5.04 10.95
C LYS A 51 7.96 3.74 10.28
N LYS A 52 6.80 3.75 9.65
CA LYS A 52 6.28 2.56 8.97
C LYS A 52 7.32 2.00 8.00
N ALA A 53 8.18 2.87 7.49
CA ALA A 53 9.22 2.44 6.55
C ALA A 53 10.24 1.54 7.24
N GLN A 54 10.84 2.04 8.31
CA GLN A 54 11.84 1.28 9.06
C GLN A 54 11.23 -0.01 9.60
N LEU A 55 9.92 -0.05 9.71
CA LEU A 55 9.22 -1.23 10.20
C LEU A 55 9.17 -2.32 9.14
N ILE A 56 8.90 -1.93 7.91
CA ILE A 56 8.83 -2.87 6.80
C ILE A 56 10.22 -3.35 6.39
N VAL A 57 11.23 -2.53 6.68
CA VAL A 57 12.61 -2.86 6.34
C VAL A 57 13.24 -3.74 7.42
N GLY A 58 13.45 -3.16 8.60
CA GLY A 58 14.04 -3.90 9.69
C GLY A 58 13.40 -5.26 9.89
N TRP A 59 12.19 -5.42 9.37
CA TRP A 59 11.47 -6.69 9.49
C TRP A 59 11.92 -7.67 8.42
N ARG A 60 11.83 -7.26 7.16
CA ARG A 60 12.22 -8.11 6.05
C ARG A 60 13.71 -8.47 6.14
N GLU A 61 14.49 -7.57 6.73
CA GLU A 61 15.92 -7.78 6.88
C GLU A 61 16.20 -9.12 7.56
N LEU A 62 15.38 -9.47 8.54
CA LEU A 62 15.54 -10.72 9.27
C LEU A 62 14.59 -11.79 8.74
N HIS A 63 13.31 -11.44 8.62
CA HIS A 63 12.30 -12.36 8.12
C HIS A 63 12.58 -12.73 6.67
N GLY A 64 12.60 -11.71 5.81
CA GLY A 64 12.84 -11.94 4.39
C GLY A 64 11.93 -11.13 3.50
N PRO A 65 11.91 -11.46 2.20
CA PRO A 65 11.07 -10.77 1.22
C PRO A 65 9.59 -11.04 1.42
N PHE A 66 8.77 -10.01 1.23
CA PHE A 66 7.32 -10.15 1.39
C PHE A 66 6.70 -10.76 0.14
N SER A 67 6.03 -11.90 0.32
CA SER A 67 5.39 -12.59 -0.79
C SER A 67 4.25 -11.76 -1.37
N GLN A 68 3.75 -10.82 -0.56
CA GLN A 68 2.66 -9.95 -0.99
C GLN A 68 2.61 -8.68 -0.15
N VAL A 69 1.89 -7.68 -0.64
CA VAL A 69 1.77 -6.41 0.06
C VAL A 69 0.92 -6.55 1.32
N GLU A 70 0.06 -7.56 1.33
CA GLU A 70 -0.80 -7.82 2.47
C GLU A 70 0.01 -8.22 3.70
N ASP A 71 1.24 -8.68 3.45
CA ASP A 71 2.12 -9.11 4.54
C ASP A 71 2.26 -8.01 5.59
N LEU A 72 2.03 -6.77 5.17
CA LEU A 72 2.13 -5.64 6.07
C LEU A 72 1.19 -5.79 7.26
N GLU A 73 0.29 -6.76 7.16
CA GLU A 73 -0.68 -7.02 8.23
C GLU A 73 -0.01 -7.74 9.40
N ARG A 74 1.02 -8.52 9.10
CA ARG A 74 1.74 -9.27 10.11
C ARG A 74 2.95 -8.47 10.62
N VAL A 75 3.28 -7.40 9.91
CA VAL A 75 4.41 -6.55 10.28
C VAL A 75 4.04 -5.62 11.44
N GLU A 76 4.64 -5.88 12.60
CA GLU A 76 4.38 -5.06 13.77
C GLU A 76 4.28 -3.58 13.40
N GLY A 77 3.55 -2.82 14.22
CA GLY A 77 3.40 -1.40 13.96
C GLY A 77 2.33 -1.11 12.93
N ILE A 78 2.31 -1.90 11.87
CA ILE A 78 1.32 -1.73 10.80
C ILE A 78 0.18 -2.73 10.95
N THR A 79 -1.05 -2.27 10.69
CA THR A 79 -2.22 -3.12 10.79
C THR A 79 -2.77 -3.46 9.41
N GLY A 80 -3.67 -4.45 9.36
CA GLY A 80 -4.25 -4.84 8.09
C GLY A 80 -5.11 -3.75 7.49
N LYS A 81 -5.60 -2.85 8.32
CA LYS A 81 -6.43 -1.74 7.86
C LYS A 81 -5.59 -0.53 7.51
N GLN A 82 -4.53 -0.31 8.29
CA GLN A 82 -3.64 0.82 8.05
C GLN A 82 -2.95 0.72 6.70
N MET A 83 -2.59 -0.51 6.32
CA MET A 83 -1.93 -0.74 5.05
C MET A 83 -2.90 -0.56 3.89
N GLU A 84 -4.13 -1.01 4.08
CA GLU A 84 -5.15 -0.89 3.04
C GLU A 84 -5.22 0.53 2.50
N SER A 85 -5.59 1.48 3.36
CA SER A 85 -5.69 2.88 2.97
C SER A 85 -4.48 3.30 2.15
N PHE A 86 -3.29 2.89 2.60
CA PHE A 86 -2.05 3.23 1.90
C PHE A 86 -2.09 2.76 0.46
N LEU A 87 -2.22 1.45 0.28
CA LEU A 87 -2.27 0.87 -1.07
C LEU A 87 -3.13 1.72 -1.99
N LYS A 88 -4.40 1.86 -1.66
CA LYS A 88 -5.33 2.65 -2.47
C LYS A 88 -4.66 3.93 -2.94
N ALA A 89 -4.15 4.71 -1.99
CA ALA A 89 -3.49 5.98 -2.30
C ALA A 89 -2.66 5.85 -3.58
N ASN A 90 -1.67 4.97 -3.56
CA ASN A 90 -0.82 4.76 -4.72
C ASN A 90 -1.57 4.08 -5.85
N ILE A 91 -2.05 2.86 -5.59
CA ILE A 91 -2.80 2.10 -6.57
C ILE A 91 -3.70 3.01 -7.41
N LEU A 92 -4.69 3.61 -6.75
CA LEU A 92 -5.62 4.51 -7.43
C LEU A 92 -4.88 5.67 -8.07
N GLY A 93 -3.70 6.00 -7.53
CA GLY A 93 -2.91 7.09 -8.06
C GLY A 93 -2.23 6.73 -9.38
N LEU A 94 -1.79 5.48 -9.50
CA LEU A 94 -1.13 5.02 -10.70
C LEU A 94 -1.95 5.34 -11.94
N ALA A 95 -3.26 5.11 -11.85
CA ALA A 95 -4.16 5.38 -12.96
C ALA A 95 -5.58 5.63 -12.47
N ALA A 96 -6.04 6.87 -12.59
CA ALA A 96 -7.38 7.24 -12.16
C ALA A 96 -8.16 7.90 -13.29
N GLY A 97 -8.71 7.08 -14.19
CA GLY A 97 -9.48 7.62 -15.31
C GLY A 97 -8.66 8.57 -16.16
N GLN A 98 -7.34 8.38 -16.17
CA GLN A 98 -6.46 9.22 -16.96
C GLN A 98 -7.10 9.62 -18.28
N GLY A 1 -15.52 18.94 -5.96
CA GLY A 1 -16.31 17.74 -5.86
C GLY A 1 -16.73 17.44 -4.43
N SER A 2 -16.71 16.16 -4.06
CA SER A 2 -17.09 15.75 -2.72
C SER A 2 -15.85 15.49 -1.86
N SER A 3 -15.98 15.71 -0.55
CA SER A 3 -14.89 15.51 0.38
C SER A 3 -15.40 15.07 1.75
N GLY A 4 -14.66 14.18 2.39
CA GLY A 4 -15.06 13.70 3.70
C GLY A 4 -14.94 12.18 3.82
N SER A 5 -13.78 11.71 4.26
CA SER A 5 -13.54 10.29 4.41
C SER A 5 -12.60 10.00 5.58
N SER A 6 -13.14 9.38 6.63
CA SER A 6 -12.35 9.06 7.80
C SER A 6 -11.81 7.63 7.74
N GLY A 7 -10.76 7.37 8.51
CA GLY A 7 -10.17 6.05 8.52
C GLY A 7 -10.95 5.06 9.38
N GLU A 8 -12.12 4.66 8.91
CA GLU A 8 -12.96 3.73 9.64
C GLU A 8 -13.32 2.53 8.78
N LYS A 9 -13.81 1.46 9.41
CA LYS A 9 -14.18 0.25 8.70
C LYS A 9 -15.11 0.57 7.53
N ALA A 10 -14.60 0.41 6.32
CA ALA A 10 -15.37 0.68 5.12
C ALA A 10 -15.88 -0.61 4.49
N GLU A 11 -17.15 -0.61 4.09
CA GLU A 11 -17.76 -1.79 3.48
C GLU A 11 -17.55 -1.79 1.97
N ASP A 12 -17.69 -0.61 1.37
CA ASP A 12 -17.52 -0.48 -0.08
C ASP A 12 -16.04 -0.50 -0.45
N CYS A 13 -15.50 -1.70 -0.63
CA CYS A 13 -14.09 -1.86 -0.99
C CYS A 13 -13.75 -1.03 -2.22
N TRP A 14 -12.55 -0.47 -2.24
CA TRP A 14 -12.09 0.35 -3.35
C TRP A 14 -11.71 -0.52 -4.54
N GLU A 15 -11.15 -1.70 -4.26
CA GLU A 15 -10.74 -2.62 -5.31
C GLU A 15 -11.92 -2.98 -6.22
N LEU A 16 -13.13 -2.74 -5.72
CA LEU A 16 -14.34 -3.04 -6.48
C LEU A 16 -14.50 -2.08 -7.65
N GLN A 17 -14.09 -0.83 -7.45
CA GLN A 17 -14.18 0.19 -8.48
C GLN A 17 -13.02 0.07 -9.47
N ILE A 18 -11.87 -0.35 -8.96
CA ILE A 18 -10.68 -0.51 -9.80
C ILE A 18 -10.74 -1.80 -10.59
N SER A 19 -10.24 -1.76 -11.82
CA SER A 19 -10.23 -2.94 -12.67
C SER A 19 -9.46 -4.09 -12.01
N PRO A 20 -9.71 -5.32 -12.50
CA PRO A 20 -9.05 -6.51 -11.97
C PRO A 20 -7.56 -6.57 -12.32
N GLU A 21 -7.20 -5.92 -13.42
CA GLU A 21 -5.81 -5.89 -13.86
C GLU A 21 -5.01 -4.86 -13.07
N LEU A 22 -5.58 -3.67 -12.92
CA LEU A 22 -4.93 -2.59 -12.18
C LEU A 22 -4.53 -3.05 -10.78
N LEU A 23 -5.37 -3.87 -10.17
CA LEU A 23 -5.10 -4.38 -8.83
C LEU A 23 -3.80 -5.18 -8.80
N ALA A 24 -3.71 -6.20 -9.66
CA ALA A 24 -2.52 -7.04 -9.74
C ALA A 24 -1.32 -6.23 -10.22
N HIS A 25 -1.56 -5.33 -11.17
CA HIS A 25 -0.49 -4.50 -11.72
C HIS A 25 -0.04 -3.46 -10.70
N GLY A 26 -0.94 -3.07 -9.81
CA GLY A 26 -0.60 -2.09 -8.79
C GLY A 26 0.10 -2.71 -7.59
N ARG A 27 -0.58 -3.64 -6.93
CA ARG A 27 -0.02 -4.31 -5.77
C ARG A 27 1.43 -4.73 -6.02
N GLN A 28 1.69 -5.21 -7.23
CA GLN A 28 3.03 -5.66 -7.61
C GLN A 28 4.01 -4.50 -7.58
N LYS A 29 3.57 -3.35 -8.09
CA LYS A 29 4.41 -2.15 -8.13
C LYS A 29 4.80 -1.71 -6.72
N ILE A 30 3.84 -1.81 -5.80
CA ILE A 30 4.09 -1.42 -4.42
C ILE A 30 4.95 -2.45 -3.70
N LEU A 31 4.85 -3.70 -4.14
CA LEU A 31 5.61 -4.78 -3.54
C LEU A 31 7.09 -4.66 -3.88
N ASP A 32 7.38 -4.47 -5.16
CA ASP A 32 8.76 -4.33 -5.62
C ASP A 32 9.47 -3.20 -4.88
N LEU A 33 8.69 -2.25 -4.36
CA LEU A 33 9.24 -1.12 -3.63
C LEU A 33 9.55 -1.50 -2.18
N LEU A 34 8.65 -2.26 -1.57
CA LEU A 34 8.82 -2.70 -0.19
C LEU A 34 10.02 -3.62 -0.06
N ASN A 35 10.45 -4.20 -1.18
CA ASN A 35 11.60 -5.10 -1.19
C ASN A 35 12.84 -4.38 -1.69
N GLU A 36 12.76 -3.83 -2.89
CA GLU A 36 13.89 -3.11 -3.49
C GLU A 36 14.05 -1.74 -2.84
N GLY A 37 12.94 -1.09 -2.55
CA GLY A 37 12.98 0.23 -1.95
C GLY A 37 13.41 0.18 -0.49
N SER A 38 14.32 1.07 -0.11
CA SER A 38 14.82 1.12 1.26
C SER A 38 13.97 2.07 2.11
N ALA A 39 14.31 2.15 3.40
CA ALA A 39 13.57 3.01 4.31
C ALA A 39 13.18 4.32 3.65
N ARG A 40 14.17 5.11 3.25
CA ARG A 40 13.93 6.39 2.60
C ARG A 40 12.97 6.22 1.42
N ASP A 41 13.43 5.50 0.40
CA ASP A 41 12.61 5.27 -0.79
C ASP A 41 11.15 5.10 -0.43
N LEU A 42 10.89 4.33 0.63
CA LEU A 42 9.52 4.09 1.09
C LEU A 42 8.88 5.37 1.57
N ARG A 43 9.55 6.07 2.49
CA ARG A 43 9.04 7.31 3.04
C ARG A 43 8.42 8.17 1.95
N SER A 44 8.87 7.97 0.72
CA SER A 44 8.35 8.73 -0.42
C SER A 44 6.90 8.35 -0.71
N LEU A 45 6.62 7.05 -0.70
CA LEU A 45 5.27 6.56 -0.97
C LEU A 45 4.23 7.41 -0.25
N GLN A 46 3.04 7.48 -0.82
CA GLN A 46 1.95 8.25 -0.22
C GLN A 46 1.47 7.62 1.07
N ARG A 47 1.23 8.44 2.08
CA ARG A 47 0.77 7.96 3.38
C ARG A 47 1.82 7.05 4.03
N ILE A 48 3.07 7.52 4.02
CA ILE A 48 4.16 6.75 4.61
C ILE A 48 5.24 7.68 5.17
N GLY A 49 5.69 7.40 6.39
CA GLY A 49 6.71 8.22 7.01
C GLY A 49 7.99 7.44 7.28
N PRO A 50 8.88 8.03 8.07
CA PRO A 50 10.17 7.41 8.42
C PRO A 50 9.99 6.20 9.34
N LYS A 51 9.21 6.38 10.39
CA LYS A 51 8.95 5.32 11.36
C LYS A 51 8.52 4.04 10.64
N LYS A 52 7.38 4.11 9.96
CA LYS A 52 6.84 2.97 9.23
C LYS A 52 7.90 2.36 8.32
N ALA A 53 8.55 3.22 7.53
CA ALA A 53 9.60 2.76 6.61
C ALA A 53 10.51 1.74 7.28
N GLN A 54 11.09 2.13 8.41
CA GLN A 54 11.99 1.24 9.15
C GLN A 54 11.26 -0.02 9.59
N LEU A 55 10.05 0.15 10.11
CA LEU A 55 9.25 -0.97 10.58
C LEU A 55 9.08 -2.02 9.48
N ILE A 56 9.06 -1.55 8.23
CA ILE A 56 8.90 -2.45 7.08
C ILE A 56 10.24 -3.08 6.70
N VAL A 57 11.31 -2.31 6.86
CA VAL A 57 12.64 -2.79 6.52
C VAL A 57 13.16 -3.76 7.58
N GLY A 58 12.73 -3.57 8.82
CA GLY A 58 13.15 -4.43 9.91
C GLY A 58 12.56 -5.82 9.80
N TRP A 59 11.25 -5.89 9.59
CA TRP A 59 10.58 -7.18 9.47
C TRP A 59 11.07 -7.96 8.25
N ARG A 60 11.03 -7.32 7.09
CA ARG A 60 11.48 -7.95 5.85
C ARG A 60 12.89 -8.52 6.02
N GLU A 61 13.74 -7.78 6.71
CA GLU A 61 15.12 -8.21 6.94
C GLU A 61 15.17 -9.36 7.94
N LEU A 62 14.24 -9.36 8.88
CA LEU A 62 14.17 -10.40 9.90
C LEU A 62 13.89 -11.75 9.28
N HIS A 63 12.74 -11.88 8.62
CA HIS A 63 12.36 -13.13 7.98
C HIS A 63 12.83 -13.15 6.52
N GLY A 64 12.59 -12.06 5.81
CA GLY A 64 12.99 -11.98 4.42
C GLY A 64 12.05 -11.12 3.59
N PRO A 65 12.00 -11.39 2.28
CA PRO A 65 11.14 -10.65 1.34
C PRO A 65 9.67 -10.96 1.55
N PHE A 66 8.82 -9.97 1.30
CA PHE A 66 7.38 -10.14 1.47
C PHE A 66 6.77 -10.84 0.25
N SER A 67 6.06 -11.95 0.51
CA SER A 67 5.43 -12.71 -0.57
C SER A 67 4.22 -11.99 -1.12
N GLN A 68 3.79 -10.95 -0.40
CA GLN A 68 2.63 -10.17 -0.83
C GLN A 68 2.50 -8.90 0.02
N VAL A 69 1.88 -7.87 -0.56
CA VAL A 69 1.67 -6.61 0.14
C VAL A 69 0.91 -6.82 1.44
N GLU A 70 0.05 -7.83 1.47
CA GLU A 70 -0.73 -8.13 2.66
C GLU A 70 0.16 -8.37 3.86
N ASP A 71 1.27 -9.08 3.64
CA ASP A 71 2.21 -9.39 4.70
C ASP A 71 2.47 -8.16 5.57
N LEU A 72 2.26 -6.98 5.00
CA LEU A 72 2.46 -5.72 5.72
C LEU A 72 1.79 -5.77 7.09
N GLU A 73 0.60 -6.35 7.14
CA GLU A 73 -0.16 -6.46 8.39
C GLU A 73 0.73 -6.99 9.50
N ARG A 74 1.61 -7.93 9.16
CA ARG A 74 2.51 -8.52 10.14
C ARG A 74 3.45 -7.46 10.72
N VAL A 75 3.99 -6.62 9.85
CA VAL A 75 4.90 -5.56 10.28
C VAL A 75 4.33 -4.79 11.46
N GLU A 76 5.15 -4.63 12.50
CA GLU A 76 4.73 -3.91 13.69
C GLU A 76 4.18 -2.53 13.33
N GLY A 77 3.25 -2.04 14.15
CA GLY A 77 2.67 -0.74 13.91
C GLY A 77 1.64 -0.77 12.79
N ILE A 78 2.04 -1.28 11.63
CA ILE A 78 1.15 -1.36 10.48
C ILE A 78 0.28 -2.61 10.55
N THR A 79 -1.02 -2.41 10.72
CA THR A 79 -1.95 -3.52 10.80
C THR A 79 -2.56 -3.83 9.43
N GLY A 80 -3.28 -4.95 9.35
CA GLY A 80 -3.89 -5.34 8.10
C GLY A 80 -4.76 -4.24 7.51
N LYS A 81 -5.07 -3.23 8.32
CA LYS A 81 -5.89 -2.12 7.86
C LYS A 81 -5.02 -0.97 7.36
N GLN A 82 -4.08 -0.54 8.19
CA GLN A 82 -3.19 0.55 7.83
C GLN A 82 -2.52 0.28 6.48
N MET A 83 -2.50 -0.98 6.07
CA MET A 83 -1.91 -1.36 4.80
C MET A 83 -2.94 -1.30 3.68
N GLU A 84 -4.17 -1.70 3.99
CA GLU A 84 -5.25 -1.69 3.01
C GLU A 84 -5.43 -0.29 2.42
N SER A 85 -5.71 0.68 3.27
CA SER A 85 -5.90 2.06 2.83
C SER A 85 -4.74 2.54 1.97
N PHE A 86 -3.53 2.32 2.47
CA PHE A 86 -2.32 2.73 1.75
C PHE A 86 -2.36 2.23 0.31
N LEU A 87 -2.38 0.92 0.14
CA LEU A 87 -2.41 0.32 -1.19
C LEU A 87 -3.27 1.15 -2.14
N LYS A 88 -4.41 1.60 -1.66
CA LYS A 88 -5.32 2.42 -2.46
C LYS A 88 -4.66 3.73 -2.86
N ALA A 89 -4.02 4.38 -1.90
CA ALA A 89 -3.35 5.65 -2.16
C ALA A 89 -2.52 5.59 -3.44
N ASN A 90 -1.59 4.64 -3.49
CA ASN A 90 -0.74 4.48 -4.66
C ASN A 90 -1.52 3.87 -5.83
N ILE A 91 -2.11 2.70 -5.59
CA ILE A 91 -2.89 2.02 -6.62
C ILE A 91 -3.80 3.00 -7.35
N LEU A 92 -4.78 3.54 -6.65
CA LEU A 92 -5.72 4.49 -7.23
C LEU A 92 -4.98 5.74 -7.71
N GLY A 93 -3.82 5.99 -7.15
CA GLY A 93 -3.04 7.16 -7.53
C GLY A 93 -2.26 6.94 -8.81
N LEU A 94 -2.00 5.68 -9.13
CA LEU A 94 -1.25 5.34 -10.34
C LEU A 94 -1.98 5.84 -11.59
N ALA A 95 -3.30 5.71 -11.59
CA ALA A 95 -4.11 6.14 -12.72
C ALA A 95 -3.74 7.56 -13.14
N ALA A 96 -3.72 8.48 -12.17
CA ALA A 96 -3.37 9.87 -12.43
C ALA A 96 -1.91 10.00 -12.85
N GLY A 97 -1.68 10.13 -14.15
CA GLY A 97 -0.33 10.27 -14.66
C GLY A 97 -0.09 9.45 -15.92
N GLN A 98 -0.60 8.22 -15.92
CA GLN A 98 -0.44 7.34 -17.07
C GLN A 98 -1.53 7.59 -18.11
N GLY A 1 -18.90 6.25 -23.93
CA GLY A 1 -18.83 7.67 -24.17
C GLY A 1 -18.86 8.48 -22.88
N SER A 2 -20.03 8.52 -22.25
CA SER A 2 -20.20 9.27 -21.01
C SER A 2 -20.79 8.38 -19.91
N SER A 3 -20.57 8.76 -18.66
CA SER A 3 -21.08 8.00 -17.53
C SER A 3 -21.02 8.82 -16.24
N GLY A 4 -21.56 8.27 -15.16
CA GLY A 4 -21.56 8.97 -13.90
C GLY A 4 -21.16 8.07 -12.74
N SER A 5 -20.84 8.67 -11.60
CA SER A 5 -20.43 7.91 -10.43
C SER A 5 -20.44 8.80 -9.18
N SER A 6 -20.49 8.16 -8.02
CA SER A 6 -20.51 8.90 -6.75
C SER A 6 -20.34 7.94 -5.57
N GLY A 7 -19.78 8.46 -4.47
CA GLY A 7 -19.57 7.64 -3.29
C GLY A 7 -19.38 8.47 -2.04
N GLU A 8 -20.00 8.03 -0.95
CA GLU A 8 -19.89 8.74 0.32
C GLU A 8 -19.41 7.81 1.43
N LYS A 9 -19.17 8.38 2.61
CA LYS A 9 -18.71 7.61 3.76
C LYS A 9 -19.56 6.35 3.93
N ALA A 10 -18.92 5.20 3.79
CA ALA A 10 -19.61 3.91 3.95
C ALA A 10 -18.63 2.76 3.92
N GLU A 11 -19.14 1.54 4.08
CA GLU A 11 -18.31 0.34 4.08
C GLU A 11 -18.43 -0.40 2.75
N ASP A 12 -17.39 -0.31 1.93
CA ASP A 12 -17.38 -0.98 0.63
C ASP A 12 -15.97 -1.03 0.05
N CYS A 13 -15.49 -2.23 -0.22
CA CYS A 13 -14.15 -2.41 -0.77
C CYS A 13 -13.93 -1.47 -1.95
N TRP A 14 -12.68 -1.03 -2.12
CA TRP A 14 -12.33 -0.13 -3.22
C TRP A 14 -11.94 -0.91 -4.46
N GLU A 15 -11.26 -2.03 -4.26
CA GLU A 15 -10.83 -2.87 -5.37
C GLU A 15 -12.00 -3.22 -6.28
N LEU A 16 -13.21 -3.13 -5.74
CA LEU A 16 -14.42 -3.43 -6.50
C LEU A 16 -14.58 -2.47 -7.66
N GLN A 17 -14.14 -1.23 -7.47
CA GLN A 17 -14.24 -0.21 -8.51
C GLN A 17 -13.07 -0.31 -9.48
N ILE A 18 -11.87 -0.55 -8.94
CA ILE A 18 -10.68 -0.67 -9.76
C ILE A 18 -10.68 -1.96 -10.56
N SER A 19 -10.13 -1.91 -11.77
CA SER A 19 -10.07 -3.08 -12.64
C SER A 19 -9.30 -4.21 -11.99
N PRO A 20 -9.50 -5.44 -12.49
CA PRO A 20 -8.83 -6.63 -11.97
C PRO A 20 -7.34 -6.64 -12.28
N GLU A 21 -6.97 -6.04 -13.41
CA GLU A 21 -5.57 -5.99 -13.83
C GLU A 21 -4.82 -4.89 -13.07
N LEU A 22 -5.56 -3.86 -12.65
CA LEU A 22 -4.97 -2.75 -11.92
C LEU A 22 -4.55 -3.18 -10.51
N LEU A 23 -5.38 -4.02 -9.89
CA LEU A 23 -5.09 -4.52 -8.55
C LEU A 23 -3.75 -5.24 -8.51
N ALA A 24 -3.60 -6.24 -9.38
CA ALA A 24 -2.37 -7.01 -9.45
C ALA A 24 -1.17 -6.12 -9.74
N HIS A 25 -1.29 -5.30 -10.77
CA HIS A 25 -0.21 -4.39 -11.15
C HIS A 25 0.23 -3.54 -9.97
N GLY A 26 -0.73 -2.88 -9.33
CA GLY A 26 -0.42 -2.04 -8.19
C GLY A 26 0.31 -2.79 -7.10
N ARG A 27 -0.35 -3.79 -6.52
CA ARG A 27 0.24 -4.59 -5.45
C ARG A 27 1.70 -4.89 -5.75
N GLN A 28 1.97 -5.36 -6.96
CA GLN A 28 3.33 -5.69 -7.38
C GLN A 28 4.22 -4.46 -7.35
N LYS A 29 3.72 -3.35 -7.87
CA LYS A 29 4.47 -2.10 -7.90
C LYS A 29 4.82 -1.64 -6.49
N ILE A 30 3.94 -1.96 -5.54
CA ILE A 30 4.17 -1.58 -4.15
C ILE A 30 5.09 -2.57 -3.45
N LEU A 31 5.06 -3.82 -3.91
CA LEU A 31 5.89 -4.88 -3.33
C LEU A 31 7.35 -4.69 -3.73
N ASP A 32 7.59 -4.49 -5.02
CA ASP A 32 8.94 -4.30 -5.53
C ASP A 32 9.64 -3.15 -4.80
N LEU A 33 8.86 -2.17 -4.36
CA LEU A 33 9.40 -1.02 -3.65
C LEU A 33 9.70 -1.38 -2.19
N LEU A 34 8.83 -2.17 -1.59
CA LEU A 34 9.01 -2.58 -0.20
C LEU A 34 10.25 -3.45 -0.05
N ASN A 35 10.61 -4.17 -1.11
CA ASN A 35 11.78 -5.04 -1.08
C ASN A 35 13.00 -4.30 -1.62
N GLU A 36 12.90 -3.79 -2.84
CA GLU A 36 14.00 -3.06 -3.46
C GLU A 36 14.17 -1.68 -2.83
N GLY A 37 13.04 -1.03 -2.53
CA GLY A 37 13.09 0.29 -1.93
C GLY A 37 13.40 0.24 -0.45
N SER A 38 14.33 1.08 -0.02
CA SER A 38 14.74 1.12 1.39
C SER A 38 13.81 2.04 2.18
N ALA A 39 14.08 2.16 3.48
CA ALA A 39 13.28 3.01 4.35
C ALA A 39 13.13 4.41 3.77
N ARG A 40 14.24 5.04 3.43
CA ARG A 40 14.23 6.37 2.86
C ARG A 40 13.41 6.42 1.58
N ASP A 41 13.53 5.37 0.77
CA ASP A 41 12.80 5.29 -0.49
C ASP A 41 11.30 5.20 -0.24
N LEU A 42 10.91 4.44 0.78
CA LEU A 42 9.51 4.27 1.13
C LEU A 42 8.90 5.59 1.60
N ARG A 43 9.70 6.36 2.32
CA ARG A 43 9.24 7.66 2.84
C ARG A 43 8.58 8.47 1.74
N SER A 44 9.06 8.30 0.51
CA SER A 44 8.52 9.03 -0.63
C SER A 44 7.02 8.77 -0.79
N LEU A 45 6.63 7.51 -0.63
CA LEU A 45 5.22 7.14 -0.75
C LEU A 45 4.32 8.15 -0.06
N GLN A 46 3.03 8.10 -0.39
CA GLN A 46 2.06 9.02 0.20
C GLN A 46 1.81 8.68 1.66
N ARG A 47 1.05 7.61 1.89
CA ARG A 47 0.73 7.17 3.25
C ARG A 47 1.89 6.41 3.86
N ILE A 48 3.06 7.04 3.91
CA ILE A 48 4.25 6.41 4.47
C ILE A 48 5.17 7.45 5.09
N GLY A 49 5.86 7.06 6.17
CA GLY A 49 6.77 7.96 6.83
C GLY A 49 8.12 7.32 7.12
N PRO A 50 8.95 8.02 7.92
CA PRO A 50 10.28 7.53 8.28
C PRO A 50 10.22 6.32 9.21
N LYS A 51 9.18 6.27 10.04
CA LYS A 51 9.01 5.16 10.98
C LYS A 51 8.57 3.90 10.26
N LYS A 52 7.33 3.90 9.77
CA LYS A 52 6.79 2.76 9.05
C LYS A 52 7.85 2.11 8.17
N ALA A 53 8.68 2.95 7.55
CA ALA A 53 9.74 2.45 6.67
C ALA A 53 10.69 1.53 7.44
N GLN A 54 11.18 2.00 8.58
CA GLN A 54 12.10 1.23 9.39
C GLN A 54 11.43 -0.04 9.92
N LEU A 55 10.10 -0.03 9.93
CA LEU A 55 9.33 -1.17 10.41
C LEU A 55 9.26 -2.26 9.35
N ILE A 56 9.12 -1.85 8.09
CA ILE A 56 9.03 -2.78 6.98
C ILE A 56 10.41 -3.30 6.59
N VAL A 57 11.37 -2.38 6.49
CA VAL A 57 12.74 -2.74 6.14
C VAL A 57 13.37 -3.62 7.20
N GLY A 58 13.19 -3.26 8.47
CA GLY A 58 13.75 -4.03 9.56
C GLY A 58 13.16 -5.42 9.65
N TRP A 59 11.90 -5.56 9.22
CA TRP A 59 11.22 -6.85 9.26
C TRP A 59 11.75 -7.78 8.18
N ARG A 60 11.56 -7.39 6.93
CA ARG A 60 12.02 -8.20 5.80
C ARG A 60 13.50 -8.55 5.95
N GLU A 61 14.31 -7.54 6.24
CA GLU A 61 15.75 -7.74 6.42
C GLU A 61 16.03 -9.04 7.18
N LEU A 62 15.09 -9.42 8.03
CA LEU A 62 15.24 -10.64 8.82
C LEU A 62 14.46 -11.79 8.20
N HIS A 63 13.14 -11.64 8.11
CA HIS A 63 12.28 -12.67 7.53
C HIS A 63 12.59 -12.86 6.05
N GLY A 64 12.60 -11.75 5.30
CA GLY A 64 12.90 -11.83 3.89
C GLY A 64 11.89 -11.06 3.05
N PRO A 65 11.77 -11.42 1.77
CA PRO A 65 10.85 -10.78 0.84
C PRO A 65 9.39 -11.09 1.16
N PHE A 66 8.57 -10.05 1.24
CA PHE A 66 7.15 -10.21 1.55
C PHE A 66 6.43 -10.91 0.40
N SER A 67 6.05 -12.17 0.63
CA SER A 67 5.35 -12.95 -0.39
C SER A 67 4.20 -12.16 -0.99
N GLN A 68 3.56 -11.34 -0.17
CA GLN A 68 2.45 -10.52 -0.62
C GLN A 68 2.30 -9.26 0.23
N VAL A 69 1.93 -8.16 -0.41
CA VAL A 69 1.76 -6.88 0.29
C VAL A 69 0.87 -7.05 1.51
N GLU A 70 -0.09 -7.96 1.43
CA GLU A 70 -1.00 -8.21 2.54
C GLU A 70 -0.24 -8.45 3.83
N ASP A 71 1.04 -8.80 3.70
CA ASP A 71 1.88 -9.05 4.87
C ASP A 71 1.92 -7.84 5.79
N LEU A 72 1.92 -6.65 5.20
CA LEU A 72 1.96 -5.41 5.97
C LEU A 72 1.02 -5.49 7.17
N GLU A 73 -0.12 -6.16 6.98
CA GLU A 73 -1.10 -6.30 8.04
C GLU A 73 -0.50 -7.01 9.25
N ARG A 74 0.27 -8.07 8.99
CA ARG A 74 0.90 -8.83 10.05
C ARG A 74 2.25 -8.24 10.41
N VAL A 75 2.39 -6.93 10.25
CA VAL A 75 3.64 -6.24 10.55
C VAL A 75 3.45 -5.24 11.69
N GLU A 76 4.20 -5.43 12.77
CA GLU A 76 4.12 -4.54 13.92
C GLU A 76 3.89 -3.10 13.48
N GLY A 77 2.93 -2.43 14.13
CA GLY A 77 2.63 -1.06 13.79
C GLY A 77 1.66 -0.95 12.63
N ILE A 78 1.94 -1.67 11.56
CA ILE A 78 1.07 -1.66 10.38
C ILE A 78 0.04 -2.77 10.44
N THR A 79 -1.24 -2.39 10.35
CA THR A 79 -2.33 -3.37 10.39
C THR A 79 -3.04 -3.45 9.04
N GLY A 80 -4.05 -4.31 8.96
CA GLY A 80 -4.79 -4.47 7.73
C GLY A 80 -5.44 -3.18 7.27
N LYS A 81 -5.81 -2.34 8.23
CA LYS A 81 -6.45 -1.06 7.92
C LYS A 81 -5.43 -0.07 7.35
N GLN A 82 -4.32 0.10 8.05
CA GLN A 82 -3.28 1.01 7.61
C GLN A 82 -2.73 0.60 6.25
N MET A 83 -2.37 -0.69 6.11
CA MET A 83 -1.84 -1.20 4.86
C MET A 83 -2.86 -1.07 3.74
N GLU A 84 -4.14 -1.24 4.08
CA GLU A 84 -5.21 -1.15 3.10
C GLU A 84 -5.29 0.26 2.51
N SER A 85 -5.63 1.23 3.35
CA SER A 85 -5.74 2.62 2.90
C SER A 85 -4.47 3.06 2.18
N PHE A 86 -3.34 2.50 2.60
CA PHE A 86 -2.04 2.83 2.00
C PHE A 86 -1.99 2.37 0.55
N LEU A 87 -2.37 1.12 0.32
CA LEU A 87 -2.36 0.55 -1.02
C LEU A 87 -3.16 1.42 -1.99
N LYS A 88 -4.30 1.91 -1.52
CA LYS A 88 -5.16 2.75 -2.35
C LYS A 88 -4.39 3.96 -2.86
N ALA A 89 -3.80 4.72 -1.94
CA ALA A 89 -3.04 5.91 -2.31
C ALA A 89 -2.22 5.66 -3.58
N ASN A 90 -1.47 4.57 -3.59
CA ASN A 90 -0.64 4.22 -4.75
C ASN A 90 -1.49 3.64 -5.88
N ILE A 91 -2.11 2.49 -5.62
CA ILE A 91 -2.95 1.83 -6.61
C ILE A 91 -3.83 2.84 -7.34
N LEU A 92 -4.76 3.45 -6.59
CA LEU A 92 -5.66 4.44 -7.16
C LEU A 92 -4.89 5.63 -7.72
N GLY A 93 -3.77 5.96 -7.08
CA GLY A 93 -2.96 7.08 -7.53
C GLY A 93 -2.36 6.84 -8.90
N LEU A 94 -2.06 5.59 -9.21
CA LEU A 94 -1.47 5.23 -10.50
C LEU A 94 -2.32 5.77 -11.64
N ALA A 95 -3.63 5.63 -11.53
CA ALA A 95 -4.55 6.10 -12.55
C ALA A 95 -4.68 7.63 -12.51
N ALA A 96 -4.77 8.17 -11.30
CA ALA A 96 -4.89 9.61 -11.12
C ALA A 96 -3.61 10.33 -11.54
N GLY A 97 -3.65 10.93 -12.72
CA GLY A 97 -2.49 11.65 -13.23
C GLY A 97 -2.52 11.80 -14.73
N GLN A 98 -2.89 10.74 -15.44
CA GLN A 98 -2.95 10.78 -16.89
C GLN A 98 -3.98 11.79 -17.37
N GLY A 1 -13.01 4.55 -11.46
CA GLY A 1 -13.28 5.88 -11.95
C GLY A 1 -12.45 6.94 -11.24
N SER A 2 -12.89 8.18 -11.32
CA SER A 2 -12.18 9.29 -10.69
C SER A 2 -13.14 10.14 -9.86
N SER A 3 -13.12 9.93 -8.55
CA SER A 3 -13.99 10.67 -7.64
C SER A 3 -13.16 11.44 -6.61
N GLY A 4 -13.70 12.56 -6.14
CA GLY A 4 -13.01 13.37 -5.16
C GLY A 4 -13.76 14.64 -4.83
N SER A 5 -13.85 15.55 -5.78
CA SER A 5 -14.54 16.82 -5.58
C SER A 5 -16.06 16.61 -5.55
N SER A 6 -16.71 17.24 -4.59
CA SER A 6 -18.17 17.13 -4.45
C SER A 6 -18.57 15.68 -4.18
N GLY A 7 -17.82 15.02 -3.30
CA GLY A 7 -18.11 13.64 -2.97
C GLY A 7 -17.50 13.21 -1.65
N GLU A 8 -18.36 12.99 -0.65
CA GLU A 8 -17.91 12.58 0.67
C GLU A 8 -18.65 11.34 1.15
N LYS A 9 -18.34 10.20 0.55
CA LYS A 9 -18.98 8.94 0.92
C LYS A 9 -17.94 7.92 1.42
N ALA A 10 -18.43 6.83 1.99
CA ALA A 10 -17.55 5.78 2.49
C ALA A 10 -17.42 4.64 1.49
N GLU A 11 -16.19 4.21 1.24
CA GLU A 11 -15.93 3.14 0.30
C GLU A 11 -15.47 1.88 1.03
N ASP A 12 -16.37 0.90 1.14
CA ASP A 12 -16.06 -0.35 1.83
C ASP A 12 -15.08 -1.18 1.00
N CYS A 13 -15.30 -1.24 -0.31
CA CYS A 13 -14.44 -2.01 -1.19
C CYS A 13 -14.00 -1.16 -2.39
N TRP A 14 -12.73 -0.79 -2.42
CA TRP A 14 -12.20 0.02 -3.50
C TRP A 14 -11.73 -0.86 -4.66
N GLU A 15 -11.25 -2.06 -4.33
CA GLU A 15 -10.78 -2.99 -5.35
C GLU A 15 -11.91 -3.42 -6.26
N LEU A 16 -13.15 -3.27 -5.79
CA LEU A 16 -14.32 -3.64 -6.56
C LEU A 16 -14.52 -2.69 -7.74
N GLN A 17 -14.19 -1.42 -7.53
CA GLN A 17 -14.34 -0.40 -8.57
C GLN A 17 -13.13 -0.40 -9.49
N ILE A 18 -11.95 -0.66 -8.93
CA ILE A 18 -10.72 -0.67 -9.70
C ILE A 18 -10.63 -1.93 -10.57
N SER A 19 -10.15 -1.77 -11.80
CA SER A 19 -10.02 -2.89 -12.72
C SER A 19 -9.19 -4.01 -12.10
N PRO A 20 -9.32 -5.22 -12.66
CA PRO A 20 -8.60 -6.40 -12.18
C PRO A 20 -7.11 -6.31 -12.47
N GLU A 21 -6.75 -5.72 -13.61
CA GLU A 21 -5.36 -5.58 -14.00
C GLU A 21 -4.70 -4.44 -13.24
N LEU A 22 -5.50 -3.48 -12.79
CA LEU A 22 -5.00 -2.33 -12.07
C LEU A 22 -4.62 -2.72 -10.63
N LEU A 23 -5.41 -3.60 -10.04
CA LEU A 23 -5.16 -4.05 -8.68
C LEU A 23 -3.82 -4.78 -8.59
N ALA A 24 -3.68 -5.84 -9.37
CA ALA A 24 -2.45 -6.63 -9.39
C ALA A 24 -1.26 -5.76 -9.80
N HIS A 25 -1.43 -5.00 -10.87
CA HIS A 25 -0.37 -4.13 -11.37
C HIS A 25 0.12 -3.19 -10.26
N GLY A 26 -0.82 -2.59 -9.54
CA GLY A 26 -0.47 -1.67 -8.47
C GLY A 26 0.26 -2.36 -7.34
N ARG A 27 -0.38 -3.37 -6.76
CA ARG A 27 0.21 -4.11 -5.65
C ARG A 27 1.65 -4.52 -5.97
N GLN A 28 1.82 -5.25 -7.06
CA GLN A 28 3.14 -5.70 -7.48
C GLN A 28 4.16 -4.57 -7.35
N LYS A 29 3.88 -3.43 -7.98
CA LYS A 29 4.76 -2.28 -7.93
C LYS A 29 5.07 -1.88 -6.49
N ILE A 30 4.02 -1.80 -5.68
CA ILE A 30 4.17 -1.43 -4.27
C ILE A 30 4.98 -2.49 -3.51
N LEU A 31 4.87 -3.73 -3.95
CA LEU A 31 5.59 -4.82 -3.31
C LEU A 31 7.06 -4.84 -3.74
N ASP A 32 7.30 -4.51 -5.00
CA ASP A 32 8.66 -4.48 -5.54
C ASP A 32 9.47 -3.36 -4.90
N LEU A 33 8.77 -2.35 -4.38
CA LEU A 33 9.43 -1.21 -3.75
C LEU A 33 9.73 -1.51 -2.29
N LEU A 34 8.81 -2.20 -1.63
CA LEU A 34 8.99 -2.56 -0.22
C LEU A 34 10.13 -3.56 -0.06
N ASN A 35 10.45 -4.26 -1.13
CA ASN A 35 11.52 -5.26 -1.09
C ASN A 35 12.82 -4.68 -1.66
N GLU A 36 12.74 -4.13 -2.87
CA GLU A 36 13.91 -3.55 -3.52
C GLU A 36 14.18 -2.14 -2.97
N GLY A 37 13.11 -1.44 -2.63
CA GLY A 37 13.25 -0.09 -2.09
C GLY A 37 13.70 -0.08 -0.64
N SER A 38 14.34 1.00 -0.23
CA SER A 38 14.83 1.14 1.14
C SER A 38 13.90 2.02 1.96
N ALA A 39 14.01 1.92 3.28
CA ALA A 39 13.18 2.71 4.18
C ALA A 39 12.97 4.12 3.64
N ARG A 40 14.05 4.90 3.59
CA ARG A 40 13.98 6.26 3.10
C ARG A 40 13.14 6.34 1.82
N ASP A 41 13.47 5.50 0.84
CA ASP A 41 12.74 5.48 -0.42
C ASP A 41 11.24 5.28 -0.18
N LEU A 42 10.91 4.31 0.66
CA LEU A 42 9.51 4.02 0.98
C LEU A 42 8.80 5.26 1.47
N ARG A 43 9.47 6.03 2.32
CA ARG A 43 8.88 7.25 2.87
C ARG A 43 8.13 8.02 1.79
N SER A 44 8.63 7.95 0.56
CA SER A 44 8.00 8.65 -0.57
C SER A 44 6.56 8.19 -0.74
N LEU A 45 6.34 6.88 -0.65
CA LEU A 45 5.01 6.31 -0.81
C LEU A 45 3.99 7.10 0.01
N GLN A 46 2.75 7.13 -0.50
CA GLN A 46 1.68 7.86 0.18
C GLN A 46 1.22 7.10 1.42
N ARG A 47 0.97 7.84 2.50
CA ARG A 47 0.52 7.24 3.76
C ARG A 47 1.67 6.49 4.43
N ILE A 48 2.90 6.90 4.14
CA ILE A 48 4.07 6.27 4.71
C ILE A 48 5.04 7.31 5.26
N GLY A 49 5.66 7.00 6.40
CA GLY A 49 6.62 7.92 7.00
C GLY A 49 7.95 7.26 7.28
N PRO A 50 8.78 7.94 8.09
CA PRO A 50 10.11 7.44 8.45
C PRO A 50 10.04 6.23 9.38
N LYS A 51 9.04 6.20 10.24
CA LYS A 51 8.86 5.10 11.18
C LYS A 51 8.45 3.82 10.44
N LYS A 52 7.29 3.87 9.80
CA LYS A 52 6.78 2.72 9.06
C LYS A 52 7.82 2.20 8.08
N ALA A 53 8.40 3.11 7.30
CA ALA A 53 9.42 2.75 6.33
C ALA A 53 10.41 1.74 6.91
N GLN A 54 11.00 2.09 8.05
CA GLN A 54 11.97 1.22 8.70
C GLN A 54 11.29 -0.05 9.22
N LEU A 55 10.20 0.13 9.96
CA LEU A 55 9.46 -1.01 10.51
C LEU A 55 9.34 -2.13 9.49
N ILE A 56 9.04 -1.76 8.25
CA ILE A 56 8.89 -2.74 7.17
C ILE A 56 10.25 -3.30 6.75
N VAL A 57 11.25 -2.42 6.67
CA VAL A 57 12.59 -2.82 6.28
C VAL A 57 13.22 -3.72 7.34
N GLY A 58 13.43 -3.16 8.53
CA GLY A 58 14.02 -3.93 9.61
C GLY A 58 13.41 -5.31 9.75
N TRP A 59 12.19 -5.47 9.24
CA TRP A 59 11.50 -6.75 9.32
C TRP A 59 12.02 -7.71 8.25
N ARG A 60 11.83 -7.34 6.98
CA ARG A 60 12.27 -8.16 5.86
C ARG A 60 13.74 -8.52 6.01
N GLU A 61 14.54 -7.56 6.51
CA GLU A 61 15.96 -7.77 6.68
C GLU A 61 16.23 -9.11 7.36
N LEU A 62 15.37 -9.48 8.31
CA LEU A 62 15.52 -10.73 9.04
C LEU A 62 14.58 -11.80 8.48
N HIS A 63 13.28 -11.53 8.58
CA HIS A 63 12.27 -12.47 8.07
C HIS A 63 12.47 -12.74 6.59
N GLY A 64 12.68 -11.67 5.83
CA GLY A 64 12.88 -11.81 4.39
C GLY A 64 11.81 -11.10 3.59
N PRO A 65 11.68 -11.46 2.31
CA PRO A 65 10.70 -10.87 1.39
C PRO A 65 9.26 -11.26 1.76
N PHE A 66 8.32 -10.36 1.49
CA PHE A 66 6.92 -10.62 1.78
C PHE A 66 6.22 -11.25 0.59
N SER A 67 5.66 -12.44 0.79
CA SER A 67 4.97 -13.15 -0.28
C SER A 67 3.91 -12.27 -0.91
N GLN A 68 3.49 -11.24 -0.20
CA GLN A 68 2.48 -10.31 -0.70
C GLN A 68 2.49 -9.01 0.09
N VAL A 69 1.73 -8.02 -0.39
CA VAL A 69 1.66 -6.73 0.27
C VAL A 69 0.84 -6.80 1.55
N GLU A 70 -0.22 -7.62 1.52
CA GLU A 70 -1.09 -7.79 2.68
C GLU A 70 -0.28 -8.17 3.91
N ASP A 71 0.95 -8.61 3.69
CA ASP A 71 1.83 -9.01 4.78
C ASP A 71 2.11 -7.84 5.72
N LEU A 72 1.97 -6.62 5.20
CA LEU A 72 2.21 -5.42 5.97
C LEU A 72 1.31 -5.38 7.21
N GLU A 73 0.30 -6.25 7.22
CA GLU A 73 -0.63 -6.31 8.34
C GLU A 73 0.01 -7.01 9.54
N ARG A 74 1.06 -7.76 9.28
CA ARG A 74 1.77 -8.48 10.34
C ARG A 74 2.96 -7.66 10.85
N VAL A 75 3.37 -6.67 10.07
CA VAL A 75 4.49 -5.81 10.44
C VAL A 75 4.13 -4.92 11.62
N GLU A 76 4.87 -5.05 12.71
CA GLU A 76 4.62 -4.25 13.91
C GLU A 76 4.29 -2.81 13.54
N GLY A 77 3.22 -2.29 14.14
CA GLY A 77 2.82 -0.92 13.86
C GLY A 77 1.78 -0.85 12.76
N ILE A 78 2.07 -1.47 11.63
CA ILE A 78 1.15 -1.47 10.50
C ILE A 78 0.14 -2.60 10.60
N THR A 79 -1.12 -2.29 10.30
CA THR A 79 -2.18 -3.28 10.37
C THR A 79 -2.92 -3.37 9.03
N GLY A 80 -3.62 -4.49 8.83
CA GLY A 80 -4.37 -4.69 7.60
C GLY A 80 -5.21 -3.48 7.24
N LYS A 81 -5.53 -2.66 8.23
CA LYS A 81 -6.34 -1.47 8.02
C LYS A 81 -5.50 -0.33 7.46
N GLN A 82 -4.29 -0.18 8.01
CA GLN A 82 -3.38 0.88 7.57
C GLN A 82 -2.75 0.53 6.24
N MET A 83 -2.32 -0.73 6.10
CA MET A 83 -1.68 -1.19 4.87
C MET A 83 -2.67 -1.14 3.70
N GLU A 84 -3.95 -1.28 4.01
CA GLU A 84 -4.99 -1.26 2.99
C GLU A 84 -5.14 0.14 2.41
N SER A 85 -5.42 1.11 3.27
CA SER A 85 -5.59 2.50 2.84
C SER A 85 -4.40 2.94 1.99
N PHE A 86 -3.21 2.49 2.35
CA PHE A 86 -2.00 2.85 1.62
C PHE A 86 -2.05 2.32 0.20
N LEU A 87 -2.20 1.01 0.07
CA LEU A 87 -2.27 0.38 -1.25
C LEU A 87 -3.14 1.18 -2.21
N LYS A 88 -4.33 1.54 -1.75
CA LYS A 88 -5.26 2.34 -2.56
C LYS A 88 -4.63 3.65 -2.98
N ALA A 89 -4.15 4.41 -2.00
CA ALA A 89 -3.53 5.71 -2.28
C ALA A 89 -2.70 5.65 -3.56
N ASN A 90 -1.71 4.77 -3.58
CA ASN A 90 -0.84 4.62 -4.74
C ASN A 90 -1.59 3.94 -5.90
N ILE A 91 -2.11 2.75 -5.63
CA ILE A 91 -2.86 2.00 -6.64
C ILE A 91 -3.76 2.92 -7.45
N LEU A 92 -4.76 3.49 -6.77
CA LEU A 92 -5.70 4.40 -7.43
C LEU A 92 -5.00 5.67 -7.90
N GLY A 93 -4.01 6.12 -7.12
CA GLY A 93 -3.29 7.32 -7.47
C GLY A 93 -2.49 7.17 -8.75
N LEU A 94 -2.14 5.93 -9.07
CA LEU A 94 -1.37 5.65 -10.29
C LEU A 94 -2.14 6.09 -11.53
N ALA A 95 -3.40 5.69 -11.61
CA ALA A 95 -4.24 6.04 -12.74
C ALA A 95 -3.97 7.47 -13.20
N ALA A 96 -3.81 8.37 -12.24
CA ALA A 96 -3.56 9.77 -12.54
C ALA A 96 -2.28 9.93 -13.37
N GLY A 97 -2.46 10.14 -14.68
CA GLY A 97 -1.32 10.30 -15.56
C GLY A 97 -1.27 9.23 -16.64
N GLN A 98 -1.51 7.98 -16.24
CA GLN A 98 -1.49 6.87 -17.18
C GLN A 98 -2.39 7.15 -18.38
N GLY A 1 -11.37 18.24 12.62
CA GLY A 1 -12.67 17.59 12.55
C GLY A 1 -13.30 17.72 11.18
N SER A 2 -13.92 18.86 10.91
CA SER A 2 -14.57 19.11 9.63
C SER A 2 -13.54 19.33 8.53
N SER A 3 -13.49 18.42 7.58
CA SER A 3 -12.55 18.51 6.47
C SER A 3 -13.27 18.78 5.16
N GLY A 4 -14.39 18.07 4.95
CA GLY A 4 -15.15 18.24 3.74
C GLY A 4 -16.64 18.36 4.01
N SER A 5 -17.38 17.29 3.71
CA SER A 5 -18.82 17.29 3.92
C SER A 5 -19.18 16.61 5.24
N SER A 6 -20.38 16.89 5.73
CA SER A 6 -20.84 16.31 6.99
C SER A 6 -21.69 15.07 6.74
N GLY A 7 -21.64 14.56 5.52
CA GLY A 7 -22.40 13.38 5.17
C GLY A 7 -22.41 13.11 3.68
N GLU A 8 -21.54 12.21 3.23
CA GLU A 8 -21.45 11.87 1.81
C GLU A 8 -21.22 10.37 1.63
N LYS A 9 -21.84 9.81 0.60
CA LYS A 9 -21.70 8.39 0.31
C LYS A 9 -20.31 7.88 0.68
N ALA A 10 -20.24 6.69 1.26
CA ALA A 10 -18.98 6.10 1.65
C ALA A 10 -18.71 4.81 0.90
N GLU A 11 -17.50 4.67 0.37
CA GLU A 11 -17.13 3.47 -0.38
C GLU A 11 -16.10 2.65 0.39
N ASP A 12 -16.53 1.52 0.94
CA ASP A 12 -15.65 0.64 1.70
C ASP A 12 -14.74 -0.14 0.76
N CYS A 13 -15.32 -0.70 -0.29
CA CYS A 13 -14.55 -1.49 -1.25
C CYS A 13 -14.12 -0.62 -2.43
N TRP A 14 -12.84 -0.26 -2.46
CA TRP A 14 -12.31 0.57 -3.53
C TRP A 14 -11.91 -0.29 -4.73
N GLU A 15 -11.35 -1.46 -4.46
CA GLU A 15 -10.94 -2.37 -5.52
C GLU A 15 -12.09 -2.70 -6.44
N LEU A 16 -13.31 -2.42 -5.99
CA LEU A 16 -14.52 -2.69 -6.78
C LEU A 16 -14.63 -1.71 -7.94
N GLN A 17 -14.29 -0.46 -7.68
CA GLN A 17 -14.36 0.58 -8.70
C GLN A 17 -13.15 0.51 -9.64
N ILE A 18 -12.01 0.12 -9.08
CA ILE A 18 -10.78 0.00 -9.87
C ILE A 18 -10.79 -1.28 -10.71
N SER A 19 -10.26 -1.17 -11.93
CA SER A 19 -10.20 -2.33 -12.83
C SER A 19 -9.51 -3.51 -12.16
N PRO A 20 -9.74 -4.71 -12.70
CA PRO A 20 -9.15 -5.95 -12.18
C PRO A 20 -7.65 -6.01 -12.43
N GLU A 21 -7.22 -5.51 -13.59
CA GLU A 21 -5.81 -5.53 -13.94
C GLU A 21 -5.04 -4.47 -13.17
N LEU A 22 -5.75 -3.45 -12.71
CA LEU A 22 -5.14 -2.37 -11.95
C LEU A 22 -4.80 -2.82 -10.53
N LEU A 23 -5.72 -3.59 -9.93
CA LEU A 23 -5.52 -4.09 -8.57
C LEU A 23 -4.21 -4.88 -8.48
N ALA A 24 -4.08 -5.90 -9.32
CA ALA A 24 -2.89 -6.73 -9.34
C ALA A 24 -1.66 -5.93 -9.79
N HIS A 25 -1.78 -5.29 -10.94
CA HIS A 25 -0.69 -4.50 -11.49
C HIS A 25 -0.14 -3.53 -10.44
N GLY A 26 -1.04 -3.01 -9.61
CA GLY A 26 -0.64 -2.09 -8.56
C GLY A 26 0.03 -2.78 -7.39
N ARG A 27 -0.65 -3.77 -6.83
CA ARG A 27 -0.12 -4.51 -5.69
C ARG A 27 1.32 -4.97 -5.96
N GLN A 28 1.50 -5.66 -7.08
CA GLN A 28 2.82 -6.17 -7.45
C GLN A 28 3.84 -5.04 -7.51
N LYS A 29 3.45 -3.93 -8.12
CA LYS A 29 4.33 -2.77 -8.24
C LYS A 29 4.82 -2.32 -6.87
N ILE A 30 3.90 -2.23 -5.92
CA ILE A 30 4.25 -1.82 -4.56
C ILE A 30 5.15 -2.83 -3.89
N LEU A 31 4.84 -4.12 -4.08
CA LEU A 31 5.62 -5.20 -3.49
C LEU A 31 7.10 -5.05 -3.85
N ASP A 32 7.39 -4.99 -5.14
CA ASP A 32 8.76 -4.84 -5.61
C ASP A 32 9.47 -3.71 -4.88
N LEU A 33 8.70 -2.70 -4.47
CA LEU A 33 9.25 -1.56 -3.76
C LEU A 33 9.54 -1.89 -2.30
N LEU A 34 8.65 -2.69 -1.70
CA LEU A 34 8.81 -3.09 -0.31
C LEU A 34 9.91 -4.13 -0.16
N ASN A 35 10.34 -4.70 -1.29
CA ASN A 35 11.39 -5.70 -1.28
C ASN A 35 12.70 -5.12 -1.79
N GLU A 36 12.61 -4.05 -2.58
CA GLU A 36 13.79 -3.40 -3.13
C GLU A 36 13.79 -1.91 -2.79
N GLY A 37 13.00 -1.53 -1.81
CA GLY A 37 12.92 -0.14 -1.40
C GLY A 37 13.20 0.06 0.08
N SER A 38 14.28 0.74 0.39
CA SER A 38 14.66 0.98 1.78
C SER A 38 13.67 1.94 2.44
N ALA A 39 13.96 2.31 3.69
CA ALA A 39 13.10 3.21 4.43
C ALA A 39 12.88 4.52 3.67
N ARG A 40 13.97 5.21 3.36
CA ARG A 40 13.89 6.47 2.64
C ARG A 40 13.09 6.30 1.35
N ASP A 41 13.37 5.24 0.61
CA ASP A 41 12.67 4.97 -0.64
C ASP A 41 11.16 4.90 -0.42
N LEU A 42 10.76 4.24 0.66
CA LEU A 42 9.35 4.10 1.00
C LEU A 42 8.75 5.44 1.40
N ARG A 43 9.45 6.15 2.28
CA ARG A 43 8.98 7.46 2.74
C ARG A 43 8.31 8.23 1.61
N SER A 44 8.84 8.08 0.40
CA SER A 44 8.29 8.77 -0.77
C SER A 44 6.81 8.45 -0.93
N LEU A 45 6.47 7.17 -0.87
CA LEU A 45 5.08 6.74 -1.02
C LEU A 45 4.18 7.47 -0.02
N GLN A 46 2.88 7.45 -0.30
CA GLN A 46 1.91 8.11 0.57
C GLN A 46 1.40 7.14 1.63
N ARG A 47 0.92 7.69 2.75
CA ARG A 47 0.41 6.89 3.84
C ARG A 47 1.49 5.95 4.38
N ILE A 48 2.71 6.46 4.48
CA ILE A 48 3.82 5.67 4.98
C ILE A 48 4.56 6.41 6.10
N GLY A 49 5.24 7.49 5.73
CA GLY A 49 5.98 8.27 6.71
C GLY A 49 7.29 7.62 7.09
N PRO A 50 8.15 8.38 7.79
CA PRO A 50 9.47 7.90 8.23
C PRO A 50 9.35 6.84 9.33
N LYS A 51 8.13 6.55 9.74
CA LYS A 51 7.89 5.56 10.78
C LYS A 51 7.82 4.15 10.18
N LYS A 52 6.75 3.88 9.43
CA LYS A 52 6.57 2.59 8.80
C LYS A 52 7.76 2.24 7.89
N ALA A 53 8.25 3.25 7.17
CA ALA A 53 9.37 3.06 6.27
C ALA A 53 10.49 2.27 6.95
N GLN A 54 10.59 2.42 8.27
CA GLN A 54 11.62 1.72 9.03
C GLN A 54 11.11 0.38 9.54
N LEU A 55 9.86 0.37 10.00
CA LEU A 55 9.25 -0.86 10.51
C LEU A 55 9.27 -1.96 9.46
N ILE A 56 8.99 -1.59 8.22
CA ILE A 56 8.98 -2.55 7.12
C ILE A 56 10.38 -3.03 6.79
N VAL A 57 11.34 -2.11 6.82
CA VAL A 57 12.73 -2.43 6.53
C VAL A 57 13.31 -3.35 7.60
N GLY A 58 13.49 -2.80 8.81
CA GLY A 58 14.03 -3.58 9.90
C GLY A 58 13.38 -4.95 10.03
N TRP A 59 12.19 -5.08 9.45
CA TRP A 59 11.45 -6.34 9.51
C TRP A 59 11.96 -7.31 8.44
N ARG A 60 11.86 -6.91 7.18
CA ARG A 60 12.29 -7.74 6.07
C ARG A 60 13.79 -8.04 6.17
N GLU A 61 14.53 -7.11 6.77
CA GLU A 61 15.98 -7.26 6.93
C GLU A 61 16.31 -8.60 7.57
N LEU A 62 15.49 -9.01 8.54
CA LEU A 62 15.70 -10.27 9.23
C LEU A 62 14.74 -11.33 8.73
N HIS A 63 13.44 -11.03 8.79
CA HIS A 63 12.42 -11.96 8.34
C HIS A 63 12.66 -12.38 6.90
N GLY A 64 12.76 -11.40 6.00
CA GLY A 64 12.99 -11.68 4.60
C GLY A 64 11.99 -10.99 3.69
N PRO A 65 11.83 -11.52 2.48
CA PRO A 65 10.90 -10.98 1.49
C PRO A 65 9.44 -11.19 1.89
N PHE A 66 8.54 -10.41 1.28
CA PHE A 66 7.12 -10.52 1.56
C PHE A 66 6.39 -11.24 0.44
N SER A 67 6.02 -12.50 0.68
CA SER A 67 5.32 -13.29 -0.31
C SER A 67 4.23 -12.46 -1.00
N GLN A 68 3.68 -11.50 -0.29
CA GLN A 68 2.64 -10.64 -0.83
C GLN A 68 2.51 -9.34 -0.02
N VAL A 69 1.99 -8.30 -0.66
CA VAL A 69 1.83 -7.01 0.00
C VAL A 69 1.06 -7.16 1.31
N GLU A 70 0.06 -8.04 1.31
CA GLU A 70 -0.75 -8.28 2.50
C GLU A 70 0.13 -8.55 3.70
N ASP A 71 1.26 -9.21 3.47
CA ASP A 71 2.19 -9.54 4.54
C ASP A 71 2.44 -8.33 5.44
N LEU A 72 2.33 -7.14 4.86
CA LEU A 72 2.55 -5.90 5.60
C LEU A 72 1.85 -5.95 6.95
N GLU A 73 0.68 -6.57 6.99
CA GLU A 73 -0.09 -6.69 8.23
C GLU A 73 0.78 -7.27 9.35
N ARG A 74 1.59 -8.26 9.01
CA ARG A 74 2.47 -8.90 9.99
C ARG A 74 3.44 -7.89 10.59
N VAL A 75 4.01 -7.06 9.74
CA VAL A 75 4.96 -6.05 10.19
C VAL A 75 4.55 -5.47 11.53
N GLU A 76 5.54 -5.10 12.34
CA GLU A 76 5.27 -4.52 13.65
C GLU A 76 4.75 -3.09 13.54
N GLY A 77 3.63 -2.82 14.18
CA GLY A 77 3.03 -1.49 14.13
C GLY A 77 1.98 -1.36 13.06
N ILE A 78 2.29 -1.88 11.87
CA ILE A 78 1.35 -1.81 10.75
C ILE A 78 0.25 -2.84 10.90
N THR A 79 -1.00 -2.37 10.85
CA THR A 79 -2.16 -3.25 10.98
C THR A 79 -2.69 -3.66 9.62
N GLY A 80 -3.69 -4.54 9.61
CA GLY A 80 -4.27 -5.01 8.37
C GLY A 80 -5.09 -3.93 7.69
N LYS A 81 -5.65 -3.02 8.48
CA LYS A 81 -6.48 -1.94 7.96
C LYS A 81 -5.61 -0.77 7.50
N GLN A 82 -4.44 -0.63 8.12
CA GLN A 82 -3.52 0.44 7.78
C GLN A 82 -2.90 0.21 6.40
N MET A 83 -2.34 -0.97 6.21
CA MET A 83 -1.71 -1.32 4.93
C MET A 83 -2.70 -1.16 3.78
N GLU A 84 -3.96 -1.50 4.04
CA GLU A 84 -5.00 -1.40 3.03
C GLU A 84 -5.07 0.01 2.46
N SER A 85 -5.55 0.96 3.26
CA SER A 85 -5.67 2.34 2.83
C SER A 85 -4.46 2.77 2.01
N PHE A 86 -3.28 2.37 2.46
CA PHE A 86 -2.04 2.71 1.77
C PHE A 86 -2.08 2.22 0.32
N LEU A 87 -2.23 0.91 0.15
CA LEU A 87 -2.29 0.32 -1.18
C LEU A 87 -3.03 1.23 -2.15
N LYS A 88 -4.30 1.49 -1.86
CA LYS A 88 -5.12 2.35 -2.71
C LYS A 88 -4.39 3.64 -3.04
N ALA A 89 -3.91 4.33 -2.01
CA ALA A 89 -3.18 5.58 -2.19
C ALA A 89 -2.30 5.53 -3.43
N ASN A 90 -1.41 4.54 -3.48
CA ASN A 90 -0.51 4.38 -4.61
C ASN A 90 -1.25 3.84 -5.83
N ILE A 91 -1.91 2.71 -5.66
CA ILE A 91 -2.67 2.09 -6.75
C ILE A 91 -3.44 3.15 -7.54
N LEU A 92 -4.44 3.75 -6.90
CA LEU A 92 -5.25 4.77 -7.55
C LEU A 92 -4.39 5.93 -8.03
N GLY A 93 -3.30 6.19 -7.31
CA GLY A 93 -2.41 7.26 -7.68
C GLY A 93 -1.72 7.03 -9.01
N LEU A 94 -1.34 5.77 -9.26
CA LEU A 94 -0.67 5.41 -10.50
C LEU A 94 -1.40 5.98 -11.71
N ALA A 95 -2.73 5.90 -11.67
CA ALA A 95 -3.55 6.41 -12.76
C ALA A 95 -4.99 6.63 -12.30
N ALA A 96 -5.40 7.89 -12.20
CA ALA A 96 -6.75 8.22 -11.78
C ALA A 96 -7.69 8.36 -12.98
N GLY A 97 -8.35 7.26 -13.33
CA GLY A 97 -9.27 7.28 -14.46
C GLY A 97 -9.08 6.09 -15.38
N GLN A 98 -7.84 5.62 -15.48
CA GLN A 98 -7.53 4.48 -16.34
C GLN A 98 -8.00 3.17 -15.70
N GLY A 1 -14.13 4.43 -16.45
CA GLY A 1 -14.10 4.67 -15.02
C GLY A 1 -15.19 5.61 -14.56
N SER A 2 -14.85 6.53 -13.66
CA SER A 2 -15.81 7.49 -13.14
C SER A 2 -15.13 8.81 -12.79
N SER A 3 -15.37 9.83 -13.61
CA SER A 3 -14.78 11.14 -13.39
C SER A 3 -15.81 12.11 -12.79
N GLY A 4 -15.34 12.97 -11.90
CA GLY A 4 -16.22 13.93 -11.26
C GLY A 4 -15.60 14.57 -10.04
N SER A 5 -16.20 14.33 -8.88
CA SER A 5 -15.71 14.88 -7.63
C SER A 5 -15.33 13.78 -6.65
N SER A 6 -16.22 12.80 -6.50
CA SER A 6 -15.97 11.69 -5.59
C SER A 6 -15.65 12.18 -4.18
N GLY A 7 -16.40 13.19 -3.74
CA GLY A 7 -16.16 13.75 -2.42
C GLY A 7 -17.35 13.54 -1.49
N GLU A 8 -17.90 12.33 -1.48
CA GLU A 8 -19.04 12.02 -0.64
C GLU A 8 -18.69 10.95 0.39
N LYS A 9 -19.37 10.98 1.53
CA LYS A 9 -19.12 10.02 2.59
C LYS A 9 -19.88 8.72 2.34
N ALA A 10 -19.15 7.61 2.29
CA ALA A 10 -19.75 6.31 2.06
C ALA A 10 -18.74 5.18 2.29
N GLU A 11 -19.25 3.96 2.42
CA GLU A 11 -18.39 2.81 2.64
C GLU A 11 -18.50 1.81 1.49
N ASP A 12 -17.43 1.69 0.70
CA ASP A 12 -17.41 0.78 -0.42
C ASP A 12 -15.98 0.49 -0.87
N CYS A 13 -15.65 -0.79 -0.96
CA CYS A 13 -14.31 -1.20 -1.37
C CYS A 13 -13.85 -0.44 -2.61
N TRP A 14 -12.60 0.00 -2.61
CA TRP A 14 -12.05 0.76 -3.73
C TRP A 14 -11.68 -0.19 -4.87
N GLU A 15 -11.36 -1.43 -4.53
CA GLU A 15 -10.98 -2.42 -5.54
C GLU A 15 -12.15 -2.73 -6.47
N LEU A 16 -13.37 -2.51 -5.98
CA LEU A 16 -14.57 -2.75 -6.77
C LEU A 16 -14.61 -1.84 -7.99
N GLN A 17 -14.16 -0.60 -7.82
CA GLN A 17 -14.16 0.37 -8.90
C GLN A 17 -12.93 0.18 -9.79
N ILE A 18 -11.79 -0.10 -9.18
CA ILE A 18 -10.55 -0.32 -9.92
C ILE A 18 -10.57 -1.64 -10.66
N SER A 19 -10.14 -1.62 -11.92
CA SER A 19 -10.11 -2.83 -12.74
C SER A 19 -9.44 -3.97 -11.99
N PRO A 20 -9.76 -5.21 -12.41
CA PRO A 20 -9.20 -6.42 -11.79
C PRO A 20 -7.71 -6.59 -12.09
N GLU A 21 -7.26 -6.00 -13.20
CA GLU A 21 -5.86 -6.08 -13.59
C GLU A 21 -5.04 -5.00 -12.90
N LEU A 22 -5.69 -3.89 -12.57
CA LEU A 22 -5.02 -2.78 -11.92
C LEU A 22 -4.68 -3.12 -10.47
N LEU A 23 -5.59 -3.84 -9.82
CA LEU A 23 -5.40 -4.24 -8.43
C LEU A 23 -4.15 -5.09 -8.27
N ALA A 24 -4.10 -6.20 -9.01
CA ALA A 24 -2.96 -7.10 -8.95
C ALA A 24 -1.68 -6.40 -9.41
N HIS A 25 -1.73 -5.81 -10.60
CA HIS A 25 -0.59 -5.11 -11.16
C HIS A 25 -0.06 -4.06 -10.18
N GLY A 26 -0.98 -3.41 -9.47
CA GLY A 26 -0.59 -2.41 -8.50
C GLY A 26 0.06 -2.99 -7.27
N ARG A 27 -0.66 -3.86 -6.57
CA ARG A 27 -0.14 -4.49 -5.37
C ARG A 27 1.31 -4.91 -5.55
N GLN A 28 1.58 -5.59 -6.67
CA GLN A 28 2.93 -6.05 -6.96
C GLN A 28 3.90 -4.89 -7.05
N LYS A 29 3.51 -3.85 -7.78
CA LYS A 29 4.34 -2.66 -7.95
C LYS A 29 4.72 -2.07 -6.60
N ILE A 30 3.81 -2.17 -5.63
CA ILE A 30 4.06 -1.66 -4.30
C ILE A 30 4.92 -2.61 -3.48
N LEU A 31 4.82 -3.91 -3.79
CA LEU A 31 5.59 -4.92 -3.09
C LEU A 31 7.08 -4.80 -3.41
N ASP A 32 7.38 -4.61 -4.69
CA ASP A 32 8.77 -4.47 -5.13
C ASP A 32 9.45 -3.31 -4.41
N LEU A 33 8.66 -2.33 -4.00
CA LEU A 33 9.20 -1.17 -3.30
C LEU A 33 9.44 -1.47 -1.82
N LEU A 34 8.53 -2.25 -1.23
CA LEU A 34 8.64 -2.62 0.17
C LEU A 34 9.81 -3.59 0.39
N ASN A 35 10.28 -4.19 -0.70
CA ASN A 35 11.38 -5.13 -0.63
C ASN A 35 12.68 -4.49 -1.11
N GLU A 36 12.65 -3.95 -2.33
CA GLU A 36 13.82 -3.30 -2.90
C GLU A 36 13.96 -1.88 -2.39
N GLY A 37 12.83 -1.19 -2.24
CA GLY A 37 12.86 0.18 -1.75
C GLY A 37 13.23 0.26 -0.27
N SER A 38 14.28 1.01 0.02
CA SER A 38 14.75 1.16 1.40
C SER A 38 13.88 2.17 2.15
N ALA A 39 14.15 2.31 3.44
CA ALA A 39 13.40 3.24 4.28
C ALA A 39 13.19 4.57 3.57
N ARG A 40 14.29 5.26 3.27
CA ARG A 40 14.23 6.55 2.60
C ARG A 40 13.28 6.50 1.41
N ASP A 41 13.53 5.57 0.50
CA ASP A 41 12.68 5.42 -0.69
C ASP A 41 11.23 5.18 -0.29
N LEU A 42 11.03 4.45 0.81
CA LEU A 42 9.70 4.15 1.30
C LEU A 42 9.00 5.40 1.81
N ARG A 43 9.71 6.20 2.58
CA ARG A 43 9.17 7.44 3.13
C ARG A 43 8.55 8.29 2.02
N SER A 44 8.96 8.03 0.79
CA SER A 44 8.46 8.78 -0.36
C SER A 44 6.97 8.52 -0.57
N LEU A 45 6.56 7.26 -0.40
CA LEU A 45 5.17 6.87 -0.57
C LEU A 45 4.24 7.91 0.07
N GLN A 46 2.96 7.83 -0.27
CA GLN A 46 1.97 8.75 0.27
C GLN A 46 1.63 8.40 1.71
N ARG A 47 0.87 7.33 1.89
CA ARG A 47 0.48 6.89 3.23
C ARG A 47 1.61 6.15 3.92
N ILE A 48 2.77 6.80 4.02
CA ILE A 48 3.94 6.21 4.65
C ILE A 48 4.81 7.27 5.30
N GLY A 49 5.51 6.89 6.37
CA GLY A 49 6.38 7.83 7.07
C GLY A 49 7.76 7.26 7.29
N PRO A 50 8.53 7.91 8.19
CA PRO A 50 9.90 7.49 8.52
C PRO A 50 9.92 6.18 9.29
N LYS A 51 9.01 6.06 10.26
CA LYS A 51 8.93 4.86 11.08
C LYS A 51 8.40 3.68 10.28
N LYS A 52 7.12 3.74 9.92
CA LYS A 52 6.50 2.67 9.15
C LYS A 52 7.48 2.08 8.15
N ALA A 53 8.24 2.94 7.48
CA ALA A 53 9.22 2.49 6.50
C ALA A 53 10.26 1.58 7.14
N GLN A 54 10.75 1.98 8.31
CA GLN A 54 11.76 1.21 9.03
C GLN A 54 11.15 -0.06 9.61
N LEU A 55 9.85 -0.03 9.86
CA LEU A 55 9.14 -1.18 10.42
C LEU A 55 9.10 -2.33 9.41
N ILE A 56 9.06 -1.99 8.13
CA ILE A 56 9.03 -2.99 7.07
C ILE A 56 10.43 -3.45 6.71
N VAL A 57 11.29 -2.49 6.38
CA VAL A 57 12.67 -2.80 6.00
C VAL A 57 13.37 -3.61 7.10
N GLY A 58 13.25 -3.14 8.33
CA GLY A 58 13.87 -3.82 9.45
C GLY A 58 13.43 -5.27 9.55
N TRP A 59 12.16 -5.52 9.25
CA TRP A 59 11.62 -6.88 9.31
C TRP A 59 12.19 -7.76 8.21
N ARG A 60 11.95 -7.37 6.96
CA ARG A 60 12.45 -8.12 5.82
C ARG A 60 13.94 -8.36 5.94
N GLU A 61 14.68 -7.33 6.34
CA GLU A 61 16.12 -7.43 6.48
C GLU A 61 16.51 -8.78 7.08
N LEU A 62 15.74 -9.23 8.06
CA LEU A 62 16.01 -10.51 8.71
C LEU A 62 15.13 -11.61 8.13
N HIS A 63 13.82 -11.44 8.24
CA HIS A 63 12.86 -12.42 7.72
C HIS A 63 13.12 -12.69 6.24
N GLY A 64 13.16 -11.62 5.45
CA GLY A 64 13.39 -11.76 4.03
C GLY A 64 12.39 -10.99 3.20
N PRO A 65 12.25 -11.36 1.91
CA PRO A 65 11.32 -10.72 0.99
C PRO A 65 9.87 -11.03 1.32
N PHE A 66 8.98 -10.09 1.03
CA PHE A 66 7.56 -10.28 1.30
C PHE A 66 6.87 -10.98 0.13
N SER A 67 6.24 -12.11 0.43
CA SER A 67 5.54 -12.89 -0.60
C SER A 67 4.39 -12.09 -1.19
N GLN A 68 3.77 -11.25 -0.37
CA GLN A 68 2.65 -10.43 -0.81
C GLN A 68 2.54 -9.16 0.02
N VAL A 69 1.81 -8.17 -0.51
CA VAL A 69 1.63 -6.90 0.19
C VAL A 69 0.88 -7.09 1.50
N GLU A 70 -0.11 -7.98 1.48
CA GLU A 70 -0.91 -8.25 2.68
C GLU A 70 -0.01 -8.55 3.87
N ASP A 71 1.25 -8.88 3.60
CA ASP A 71 2.20 -9.19 4.66
C ASP A 71 2.29 -8.05 5.66
N LEU A 72 2.35 -6.82 5.15
CA LEU A 72 2.44 -5.64 6.00
C LEU A 72 1.59 -5.81 7.25
N GLU A 73 0.47 -6.50 7.12
CA GLU A 73 -0.44 -6.73 8.24
C GLU A 73 0.31 -7.33 9.42
N ARG A 74 1.13 -8.35 9.15
CA ARG A 74 1.91 -9.01 10.19
C ARG A 74 2.98 -8.08 10.74
N VAL A 75 3.36 -7.09 9.94
CA VAL A 75 4.38 -6.13 10.34
C VAL A 75 3.83 -5.13 11.35
N GLU A 76 4.40 -5.14 12.56
CA GLU A 76 3.97 -4.23 13.61
C GLU A 76 3.83 -2.81 13.09
N GLY A 77 2.99 -2.02 13.75
CA GLY A 77 2.78 -0.64 13.33
C GLY A 77 1.76 -0.52 12.21
N ILE A 78 1.86 -1.40 11.22
CA ILE A 78 0.95 -1.40 10.10
C ILE A 78 -0.07 -2.52 10.21
N THR A 79 -1.33 -2.15 10.47
CA THR A 79 -2.39 -3.14 10.60
C THR A 79 -3.08 -3.40 9.26
N GLY A 80 -3.80 -4.50 9.16
CA GLY A 80 -4.49 -4.84 7.94
C GLY A 80 -5.34 -3.69 7.41
N LYS A 81 -5.74 -2.79 8.30
CA LYS A 81 -6.56 -1.65 7.92
C LYS A 81 -5.68 -0.50 7.46
N GLN A 82 -4.55 -0.31 8.11
CA GLN A 82 -3.62 0.76 7.76
C GLN A 82 -3.03 0.53 6.38
N MET A 83 -2.50 -0.67 6.15
CA MET A 83 -1.91 -1.02 4.87
C MET A 83 -2.94 -0.95 3.75
N GLU A 84 -4.18 -1.28 4.08
CA GLU A 84 -5.26 -1.25 3.09
C GLU A 84 -5.40 0.14 2.48
N SER A 85 -5.59 1.14 3.33
CA SER A 85 -5.75 2.52 2.87
C SER A 85 -4.53 2.96 2.05
N PHE A 86 -3.38 2.39 2.35
CA PHE A 86 -2.15 2.72 1.64
C PHE A 86 -2.18 2.18 0.22
N LEU A 87 -2.30 0.87 0.09
CA LEU A 87 -2.35 0.23 -1.21
C LEU A 87 -3.13 1.07 -2.21
N LYS A 88 -4.29 1.56 -1.78
CA LYS A 88 -5.14 2.39 -2.62
C LYS A 88 -4.46 3.71 -2.95
N ALA A 89 -4.02 4.42 -1.91
CA ALA A 89 -3.35 5.70 -2.10
C ALA A 89 -2.48 5.69 -3.36
N ASN A 90 -1.63 4.69 -3.47
CA ASN A 90 -0.74 4.56 -4.63
C ASN A 90 -1.48 3.95 -5.82
N ILE A 91 -2.00 2.75 -5.62
CA ILE A 91 -2.73 2.05 -6.67
C ILE A 91 -3.59 3.02 -7.48
N LEU A 92 -4.55 3.63 -6.82
CA LEU A 92 -5.44 4.59 -7.47
C LEU A 92 -4.66 5.77 -8.03
N GLY A 93 -3.52 6.07 -7.39
CA GLY A 93 -2.70 7.18 -7.83
C GLY A 93 -1.95 6.87 -9.13
N LEU A 94 -1.67 5.59 -9.34
CA LEU A 94 -0.96 5.17 -10.54
C LEU A 94 -1.70 5.60 -11.81
N ALA A 95 -3.01 5.38 -11.81
CA ALA A 95 -3.84 5.75 -12.96
C ALA A 95 -3.36 7.06 -13.57
N ALA A 96 -3.36 8.13 -12.77
CA ALA A 96 -2.92 9.43 -13.24
C ALA A 96 -1.60 9.34 -13.98
N GLY A 97 -0.70 8.52 -13.45
CA GLY A 97 0.61 8.35 -14.06
C GLY A 97 0.52 8.18 -15.57
N GLN A 98 -0.56 7.56 -16.03
CA GLN A 98 -0.76 7.32 -17.45
C GLN A 98 -1.22 8.60 -18.16
N GLY A 1 -17.96 21.37 -15.62
CA GLY A 1 -19.16 21.71 -14.86
C GLY A 1 -19.72 20.54 -14.08
N SER A 2 -19.40 20.50 -12.79
CA SER A 2 -19.87 19.42 -11.93
C SER A 2 -20.35 19.95 -10.58
N SER A 3 -20.90 19.07 -9.76
CA SER A 3 -21.41 19.45 -8.45
C SER A 3 -20.52 18.88 -7.35
N GLY A 4 -19.75 19.76 -6.71
CA GLY A 4 -18.86 19.32 -5.64
C GLY A 4 -19.48 19.50 -4.27
N SER A 5 -19.14 18.61 -3.35
CA SER A 5 -19.68 18.67 -2.00
C SER A 5 -18.72 18.00 -1.00
N SER A 6 -19.09 18.04 0.28
CA SER A 6 -18.27 17.43 1.32
C SER A 6 -19.09 16.46 2.16
N GLY A 7 -18.55 15.27 2.38
CA GLY A 7 -19.24 14.26 3.17
C GLY A 7 -19.24 12.90 2.50
N GLU A 8 -18.13 12.18 2.64
CA GLU A 8 -18.01 10.85 2.04
C GLU A 8 -17.99 9.78 3.12
N LYS A 9 -18.65 8.66 2.84
CA LYS A 9 -18.71 7.55 3.79
C LYS A 9 -18.38 6.22 3.09
N ALA A 10 -18.02 5.22 3.89
CA ALA A 10 -17.68 3.91 3.35
C ALA A 10 -18.94 3.15 2.91
N GLU A 11 -19.05 2.91 1.61
CA GLU A 11 -20.21 2.20 1.07
C GLU A 11 -19.79 0.89 0.42
N ASP A 12 -18.68 0.93 -0.30
CA ASP A 12 -18.16 -0.25 -0.98
C ASP A 12 -16.67 -0.11 -1.27
N CYS A 13 -15.88 -1.06 -0.77
CA CYS A 13 -14.44 -1.04 -0.97
C CYS A 13 -14.08 -0.49 -2.35
N TRP A 14 -12.95 0.19 -2.44
CA TRP A 14 -12.50 0.78 -3.69
C TRP A 14 -12.14 -0.31 -4.70
N GLU A 15 -11.44 -1.35 -4.21
CA GLU A 15 -11.03 -2.45 -5.07
C GLU A 15 -12.17 -2.88 -5.99
N LEU A 16 -13.39 -2.63 -5.56
CA LEU A 16 -14.57 -2.99 -6.35
C LEU A 16 -14.70 -2.10 -7.58
N GLN A 17 -14.40 -0.82 -7.41
CA GLN A 17 -14.47 0.15 -8.50
C GLN A 17 -13.26 0.04 -9.41
N ILE A 18 -12.09 -0.20 -8.81
CA ILE A 18 -10.85 -0.32 -9.56
C ILE A 18 -10.82 -1.63 -10.35
N SER A 19 -10.35 -1.55 -11.59
CA SER A 19 -10.27 -2.73 -12.45
C SER A 19 -9.48 -3.84 -11.78
N PRO A 20 -9.66 -5.07 -12.26
CA PRO A 20 -8.97 -6.25 -11.72
C PRO A 20 -7.48 -6.24 -12.04
N GLU A 21 -7.13 -5.73 -13.22
CA GLU A 21 -5.74 -5.66 -13.64
C GLU A 21 -5.01 -4.53 -12.93
N LEU A 22 -5.76 -3.55 -12.45
CA LEU A 22 -5.19 -2.41 -11.75
C LEU A 22 -4.74 -2.80 -10.34
N LEU A 23 -5.53 -3.65 -9.69
CA LEU A 23 -5.20 -4.11 -8.34
C LEU A 23 -3.90 -4.89 -8.32
N ALA A 24 -3.85 -5.97 -9.11
CA ALA A 24 -2.66 -6.80 -9.19
C ALA A 24 -1.46 -6.00 -9.69
N HIS A 25 -1.67 -5.23 -10.74
CA HIS A 25 -0.61 -4.41 -11.32
C HIS A 25 -0.05 -3.45 -10.28
N GLY A 26 -0.92 -2.87 -9.48
CA GLY A 26 -0.50 -1.93 -8.45
C GLY A 26 0.17 -2.61 -7.29
N ARG A 27 -0.50 -3.60 -6.72
CA ARG A 27 0.04 -4.35 -5.58
C ARG A 27 1.47 -4.79 -5.85
N GLN A 28 1.65 -5.54 -6.93
CA GLN A 28 2.98 -6.04 -7.31
C GLN A 28 3.99 -4.89 -7.34
N LYS A 29 3.64 -3.82 -8.03
CA LYS A 29 4.52 -2.66 -8.14
C LYS A 29 4.96 -2.17 -6.76
N ILE A 30 4.02 -2.14 -5.83
CA ILE A 30 4.31 -1.71 -4.46
C ILE A 30 5.19 -2.72 -3.73
N LEU A 31 4.82 -3.99 -3.84
CA LEU A 31 5.58 -5.06 -3.20
C LEU A 31 7.06 -4.97 -3.55
N ASP A 32 7.35 -4.90 -4.84
CA ASP A 32 8.73 -4.81 -5.31
C ASP A 32 9.46 -3.65 -4.65
N LEU A 33 8.79 -2.50 -4.59
CA LEU A 33 9.37 -1.31 -3.97
C LEU A 33 9.62 -1.53 -2.48
N LEU A 34 8.81 -2.39 -1.87
CA LEU A 34 8.95 -2.69 -0.45
C LEU A 34 10.16 -3.59 -0.20
N ASN A 35 10.50 -4.40 -1.19
CA ASN A 35 11.64 -5.31 -1.08
C ASN A 35 12.92 -4.63 -1.53
N GLU A 36 12.92 -4.14 -2.78
CA GLU A 36 14.09 -3.46 -3.33
C GLU A 36 14.27 -2.09 -2.69
N GLY A 37 13.17 -1.38 -2.49
CA GLY A 37 13.23 -0.06 -1.90
C GLY A 37 13.52 -0.10 -0.41
N SER A 38 14.42 0.76 0.04
CA SER A 38 14.80 0.81 1.45
C SER A 38 13.92 1.80 2.21
N ALA A 39 14.10 1.85 3.52
CA ALA A 39 13.32 2.74 4.37
C ALA A 39 13.10 4.09 3.69
N ARG A 40 14.20 4.72 3.27
CA ARG A 40 14.12 6.02 2.59
C ARG A 40 13.21 5.95 1.38
N ASP A 41 13.39 4.92 0.56
CA ASP A 41 12.59 4.74 -0.64
C ASP A 41 11.10 4.71 -0.30
N LEU A 42 10.74 3.88 0.69
CA LEU A 42 9.36 3.76 1.12
C LEU A 42 8.77 5.12 1.47
N ARG A 43 9.51 5.89 2.24
CA ARG A 43 9.07 7.22 2.65
C ARG A 43 8.42 7.95 1.48
N SER A 44 8.96 7.75 0.28
CA SER A 44 8.43 8.40 -0.92
C SER A 44 6.94 8.15 -1.05
N LEU A 45 6.54 6.89 -0.92
CA LEU A 45 5.13 6.51 -1.04
C LEU A 45 4.28 7.29 -0.04
N GLN A 46 2.98 7.33 -0.29
CA GLN A 46 2.05 8.04 0.59
C GLN A 46 1.47 7.10 1.65
N ARG A 47 1.02 7.66 2.76
CA ARG A 47 0.45 6.89 3.85
C ARG A 47 1.49 5.93 4.43
N ILE A 48 2.72 6.39 4.53
CA ILE A 48 3.81 5.58 5.06
C ILE A 48 4.59 6.33 6.14
N GLY A 49 5.30 7.37 5.72
CA GLY A 49 6.09 8.16 6.66
C GLY A 49 7.38 7.47 7.06
N PRO A 50 8.22 8.20 7.81
CA PRO A 50 9.51 7.68 8.27
C PRO A 50 9.35 6.60 9.34
N LYS A 51 8.17 6.54 9.93
CA LYS A 51 7.88 5.55 10.96
C LYS A 51 7.70 4.16 10.36
N LYS A 52 6.64 4.00 9.56
CA LYS A 52 6.35 2.72 8.92
C LYS A 52 7.52 2.28 8.04
N ALA A 53 8.10 3.24 7.31
CA ALA A 53 9.23 2.95 6.44
C ALA A 53 10.23 2.02 7.12
N GLN A 54 10.75 2.45 8.27
CA GLN A 54 11.72 1.66 9.02
C GLN A 54 11.11 0.34 9.46
N LEU A 55 9.97 0.41 10.13
CA LEU A 55 9.29 -0.79 10.62
C LEU A 55 9.31 -1.89 9.56
N ILE A 56 9.07 -1.51 8.30
CA ILE A 56 9.07 -2.47 7.22
C ILE A 56 10.47 -3.03 6.97
N VAL A 57 11.44 -2.14 6.80
CA VAL A 57 12.82 -2.54 6.56
C VAL A 57 13.29 -3.53 7.62
N GLY A 58 13.34 -3.08 8.87
CA GLY A 58 13.77 -3.94 9.95
C GLY A 58 13.14 -5.33 9.88
N TRP A 59 11.93 -5.39 9.35
CA TRP A 59 11.22 -6.66 9.22
C TRP A 59 11.92 -7.57 8.22
N ARG A 60 11.91 -7.18 6.95
CA ARG A 60 12.54 -7.97 5.90
C ARG A 60 14.00 -8.23 6.22
N GLU A 61 14.64 -7.27 6.89
CA GLU A 61 16.05 -7.40 7.25
C GLU A 61 16.33 -8.78 7.84
N LEU A 62 15.45 -9.24 8.72
CA LEU A 62 15.60 -10.53 9.35
C LEU A 62 14.68 -11.57 8.71
N HIS A 63 13.38 -11.30 8.74
CA HIS A 63 12.40 -12.20 8.14
C HIS A 63 12.76 -12.54 6.70
N GLY A 64 13.04 -11.50 5.91
CA GLY A 64 13.39 -11.71 4.52
C GLY A 64 12.47 -10.98 3.56
N PRO A 65 12.39 -11.47 2.32
CA PRO A 65 11.54 -10.88 1.29
C PRO A 65 10.05 -11.08 1.58
N PHE A 66 9.25 -10.08 1.25
CA PHE A 66 7.80 -10.15 1.47
C PHE A 66 7.12 -10.93 0.37
N SER A 67 6.68 -12.14 0.69
CA SER A 67 6.01 -13.00 -0.28
C SER A 67 4.91 -12.23 -1.03
N GLN A 68 4.29 -11.28 -0.34
CA GLN A 68 3.23 -10.48 -0.93
C GLN A 68 2.94 -9.25 -0.09
N VAL A 69 2.24 -8.28 -0.68
CA VAL A 69 1.90 -7.05 0.02
C VAL A 69 1.09 -7.34 1.28
N GLU A 70 0.31 -8.42 1.24
CA GLU A 70 -0.52 -8.81 2.37
C GLU A 70 0.30 -8.83 3.66
N ASP A 71 1.60 -9.04 3.52
CA ASP A 71 2.50 -9.08 4.68
C ASP A 71 2.37 -7.81 5.51
N LEU A 72 2.33 -6.68 4.83
CA LEU A 72 2.21 -5.38 5.51
C LEU A 72 1.20 -5.46 6.64
N GLU A 73 0.27 -6.41 6.54
CA GLU A 73 -0.76 -6.59 7.56
C GLU A 73 -0.17 -7.18 8.83
N ARG A 74 0.63 -8.22 8.68
CA ARG A 74 1.26 -8.88 9.82
C ARG A 74 2.40 -8.03 10.38
N VAL A 75 2.92 -7.14 9.55
CA VAL A 75 4.02 -6.26 9.96
C VAL A 75 3.64 -5.46 11.19
N GLU A 76 4.62 -5.21 12.06
CA GLU A 76 4.39 -4.44 13.27
C GLU A 76 3.96 -3.02 12.95
N GLY A 77 3.01 -2.51 13.72
CA GLY A 77 2.51 -1.15 13.50
C GLY A 77 1.56 -1.07 12.34
N ILE A 78 1.98 -1.58 11.18
CA ILE A 78 1.15 -1.57 9.99
C ILE A 78 0.10 -2.67 10.03
N THR A 79 -1.10 -2.32 10.45
CA THR A 79 -2.20 -3.28 10.53
C THR A 79 -2.88 -3.46 9.18
N GLY A 80 -3.71 -4.50 9.07
CA GLY A 80 -4.41 -4.76 7.83
C GLY A 80 -5.04 -3.51 7.24
N LYS A 81 -5.70 -2.73 8.10
CA LYS A 81 -6.35 -1.50 7.66
C LYS A 81 -5.31 -0.45 7.25
N GLN A 82 -4.25 -0.33 8.03
CA GLN A 82 -3.19 0.63 7.75
C GLN A 82 -2.56 0.35 6.39
N MET A 83 -2.23 -0.91 6.14
CA MET A 83 -1.62 -1.30 4.88
C MET A 83 -2.62 -1.22 3.73
N GLU A 84 -3.91 -1.26 4.08
CA GLU A 84 -4.97 -1.19 3.08
C GLU A 84 -5.15 0.24 2.58
N SER A 85 -5.38 1.16 3.49
CA SER A 85 -5.57 2.56 3.14
C SER A 85 -4.37 3.08 2.34
N PHE A 86 -3.21 2.51 2.59
CA PHE A 86 -1.99 2.91 1.89
C PHE A 86 -2.03 2.50 0.43
N LEU A 87 -2.25 1.21 0.19
CA LEU A 87 -2.32 0.68 -1.16
C LEU A 87 -3.15 1.59 -2.07
N LYS A 88 -4.36 1.89 -1.63
CA LYS A 88 -5.26 2.75 -2.38
C LYS A 88 -4.54 4.00 -2.86
N ALA A 89 -4.02 4.78 -1.92
CA ALA A 89 -3.30 6.01 -2.25
C ALA A 89 -2.45 5.83 -3.49
N ASN A 90 -1.58 4.82 -3.48
CA ASN A 90 -0.71 4.55 -4.62
C ASN A 90 -1.50 3.95 -5.77
N ILE A 91 -2.00 2.74 -5.59
CA ILE A 91 -2.78 2.06 -6.61
C ILE A 91 -3.67 3.06 -7.37
N LEU A 92 -4.66 3.59 -6.67
CA LEU A 92 -5.58 4.56 -7.26
C LEU A 92 -4.83 5.76 -7.82
N GLY A 93 -3.69 6.08 -7.21
CA GLY A 93 -2.89 7.20 -7.66
C GLY A 93 -2.24 6.95 -9.01
N LEU A 94 -1.81 5.72 -9.24
CA LEU A 94 -1.17 5.36 -10.50
C LEU A 94 -2.00 5.81 -11.69
N ALA A 95 -3.32 5.65 -11.58
CA ALA A 95 -4.23 6.05 -12.64
C ALA A 95 -4.37 7.57 -12.71
N ALA A 96 -4.67 8.18 -11.56
CA ALA A 96 -4.82 9.63 -11.49
C ALA A 96 -3.85 10.34 -12.43
N GLY A 97 -2.55 10.16 -12.16
CA GLY A 97 -1.54 10.79 -12.98
C GLY A 97 -1.94 10.86 -14.44
N GLN A 98 -2.48 9.77 -14.96
CA GLN A 98 -2.91 9.72 -16.36
C GLN A 98 -3.60 11.01 -16.76
N GLY A 1 -25.18 -6.63 -5.96
CA GLY A 1 -26.18 -5.82 -5.31
C GLY A 1 -25.71 -4.41 -5.05
N SER A 2 -25.34 -3.70 -6.10
CA SER A 2 -24.86 -2.33 -5.98
C SER A 2 -26.01 -1.33 -6.04
N SER A 3 -25.85 -0.20 -5.36
CA SER A 3 -26.87 0.83 -5.35
C SER A 3 -26.30 2.17 -5.80
N GLY A 4 -27.10 2.90 -6.59
CA GLY A 4 -26.66 4.19 -7.10
C GLY A 4 -27.53 5.33 -6.59
N SER A 5 -27.12 5.93 -5.48
CA SER A 5 -27.86 7.03 -4.88
C SER A 5 -26.96 8.24 -4.65
N SER A 6 -27.42 9.41 -5.08
CA SER A 6 -26.66 10.65 -4.93
C SER A 6 -26.37 10.93 -3.45
N GLY A 7 -25.44 11.84 -3.21
CA GLY A 7 -25.08 12.18 -1.84
C GLY A 7 -23.60 11.98 -1.56
N GLU A 8 -23.20 12.24 -0.32
CA GLU A 8 -21.81 12.08 0.08
C GLU A 8 -21.66 10.99 1.14
N LYS A 9 -21.38 9.77 0.70
CA LYS A 9 -21.21 8.65 1.61
C LYS A 9 -19.75 8.22 1.69
N ALA A 10 -19.29 7.90 2.89
CA ALA A 10 -17.91 7.47 3.10
C ALA A 10 -17.56 6.31 2.19
N GLU A 11 -16.27 6.00 2.12
CA GLU A 11 -15.79 4.90 1.27
C GLU A 11 -15.04 3.86 2.10
N ASP A 12 -15.72 2.78 2.44
CA ASP A 12 -15.12 1.70 3.23
C ASP A 12 -14.12 0.91 2.39
N CYS A 13 -14.53 0.56 1.18
CA CYS A 13 -13.69 -0.20 0.27
C CYS A 13 -13.51 0.51 -1.06
N TRP A 14 -12.40 0.25 -1.73
CA TRP A 14 -12.11 0.87 -3.02
C TRP A 14 -11.85 -0.18 -4.09
N GLU A 15 -11.17 -1.25 -3.70
CA GLU A 15 -10.87 -2.34 -4.64
C GLU A 15 -12.10 -2.73 -5.45
N LEU A 16 -13.27 -2.42 -4.92
CA LEU A 16 -14.53 -2.73 -5.59
C LEU A 16 -14.71 -1.89 -6.84
N GLN A 17 -14.28 -0.63 -6.77
CA GLN A 17 -14.38 0.29 -7.89
C GLN A 17 -13.25 0.06 -8.89
N ILE A 18 -12.05 -0.18 -8.37
CA ILE A 18 -10.89 -0.41 -9.21
C ILE A 18 -10.98 -1.76 -9.92
N SER A 19 -10.43 -1.83 -11.13
CA SER A 19 -10.45 -3.07 -11.91
C SER A 19 -9.62 -4.15 -11.24
N PRO A 20 -9.86 -5.41 -11.62
CA PRO A 20 -9.15 -6.56 -11.07
C PRO A 20 -7.70 -6.61 -11.52
N GLU A 21 -7.45 -6.17 -12.76
CA GLU A 21 -6.10 -6.17 -13.30
C GLU A 21 -5.28 -5.01 -12.73
N LEU A 22 -5.97 -3.97 -12.29
CA LEU A 22 -5.32 -2.79 -11.72
C LEU A 22 -4.78 -3.11 -10.33
N LEU A 23 -5.57 -3.82 -9.53
CA LEU A 23 -5.16 -4.19 -8.18
C LEU A 23 -3.82 -4.91 -8.19
N ALA A 24 -3.73 -5.97 -8.98
CA ALA A 24 -2.50 -6.74 -9.07
C ALA A 24 -1.35 -5.88 -9.58
N HIS A 25 -1.57 -5.24 -10.72
CA HIS A 25 -0.54 -4.38 -11.32
C HIS A 25 0.03 -3.41 -10.29
N GLY A 26 -0.86 -2.74 -9.56
CA GLY A 26 -0.43 -1.80 -8.54
C GLY A 26 0.29 -2.47 -7.39
N ARG A 27 -0.30 -3.55 -6.88
CA ARG A 27 0.29 -4.29 -5.77
C ARG A 27 1.75 -4.65 -6.06
N GLN A 28 1.98 -5.25 -7.22
CA GLN A 28 3.33 -5.65 -7.62
C GLN A 28 4.29 -4.47 -7.50
N LYS A 29 3.93 -3.35 -8.12
CA LYS A 29 4.77 -2.16 -8.09
C LYS A 29 5.19 -1.83 -6.66
N ILE A 30 4.24 -1.89 -5.73
CA ILE A 30 4.52 -1.60 -4.33
C ILE A 30 5.41 -2.67 -3.72
N LEU A 31 5.13 -3.92 -4.06
CA LEU A 31 5.91 -5.05 -3.54
C LEU A 31 7.38 -4.90 -3.90
N ASP A 32 7.66 -4.61 -5.16
CA ASP A 32 9.02 -4.44 -5.63
C ASP A 32 9.75 -3.37 -4.83
N LEU A 33 9.01 -2.36 -4.40
CA LEU A 33 9.57 -1.26 -3.63
C LEU A 33 9.82 -1.69 -2.18
N LEU A 34 8.90 -2.48 -1.65
CA LEU A 34 9.01 -2.97 -0.27
C LEU A 34 10.09 -4.05 -0.16
N ASN A 35 10.51 -4.57 -1.31
CA ASN A 35 11.54 -5.61 -1.35
C ASN A 35 12.87 -5.04 -1.84
N GLU A 36 12.80 -3.94 -2.59
CA GLU A 36 14.00 -3.31 -3.11
C GLU A 36 14.05 -1.83 -2.73
N GLY A 37 13.26 -1.47 -1.72
CA GLY A 37 13.22 -0.08 -1.27
C GLY A 37 13.46 0.05 0.22
N SER A 38 14.37 0.95 0.60
CA SER A 38 14.68 1.17 2.00
C SER A 38 13.69 2.13 2.64
N ALA A 39 13.85 2.34 3.94
CA ALA A 39 12.97 3.25 4.68
C ALA A 39 12.82 4.58 3.95
N ARG A 40 13.94 5.26 3.73
CA ARG A 40 13.93 6.55 3.05
C ARG A 40 13.16 6.46 1.74
N ASP A 41 13.40 5.40 0.98
CA ASP A 41 12.72 5.20 -0.30
C ASP A 41 11.21 5.15 -0.11
N LEU A 42 10.77 4.36 0.87
CA LEU A 42 9.34 4.24 1.16
C LEU A 42 8.73 5.59 1.55
N ARG A 43 9.43 6.31 2.40
CA ARG A 43 8.96 7.61 2.86
C ARG A 43 8.42 8.43 1.69
N SER A 44 8.99 8.21 0.51
CA SER A 44 8.57 8.93 -0.69
C SER A 44 7.08 8.74 -0.94
N LEU A 45 6.62 7.51 -0.83
CA LEU A 45 5.21 7.19 -1.04
C LEU A 45 4.31 8.19 -0.34
N GLN A 46 3.02 8.12 -0.61
CA GLN A 46 2.05 9.02 0.01
C GLN A 46 1.74 8.60 1.44
N ARG A 47 0.96 7.53 1.58
CA ARG A 47 0.59 7.03 2.90
C ARG A 47 1.75 6.26 3.53
N ILE A 48 2.90 6.91 3.64
CA ILE A 48 4.09 6.29 4.22
C ILE A 48 4.98 7.31 4.89
N GLY A 49 5.48 6.98 6.09
CA GLY A 49 6.34 7.89 6.80
C GLY A 49 7.63 7.23 7.24
N PRO A 50 8.42 7.95 8.07
CA PRO A 50 9.70 7.45 8.57
C PRO A 50 9.52 6.31 9.57
N LYS A 51 8.30 6.16 10.07
CA LYS A 51 8.00 5.11 11.04
C LYS A 51 7.76 3.77 10.33
N LYS A 52 6.67 3.69 9.58
CA LYS A 52 6.33 2.47 8.85
C LYS A 52 7.54 1.95 8.08
N ALA A 53 8.27 2.87 7.44
CA ALA A 53 9.44 2.50 6.66
C ALA A 53 10.38 1.61 7.47
N GLN A 54 10.63 1.99 8.71
CA GLN A 54 11.51 1.23 9.59
C GLN A 54 10.84 -0.07 10.02
N LEU A 55 9.52 -0.06 10.12
CA LEU A 55 8.77 -1.24 10.52
C LEU A 55 8.78 -2.29 9.41
N ILE A 56 8.67 -1.84 8.16
CA ILE A 56 8.67 -2.74 7.02
C ILE A 56 10.08 -3.15 6.64
N VAL A 57 10.96 -2.17 6.47
CA VAL A 57 12.34 -2.44 6.11
C VAL A 57 13.04 -3.26 7.18
N GLY A 58 12.92 -2.82 8.43
CA GLY A 58 13.55 -3.54 9.53
C GLY A 58 12.99 -4.94 9.70
N TRP A 59 11.83 -5.18 9.11
CA TRP A 59 11.20 -6.50 9.20
C TRP A 59 11.74 -7.45 8.14
N ARG A 60 11.71 -7.00 6.89
CA ARG A 60 12.20 -7.82 5.78
C ARG A 60 13.71 -7.97 5.86
N GLU A 61 14.36 -7.03 6.54
CA GLU A 61 15.81 -7.06 6.68
C GLU A 61 16.28 -8.38 7.27
N LEU A 62 15.56 -8.86 8.28
CA LEU A 62 15.89 -10.12 8.93
C LEU A 62 15.05 -11.27 8.38
N HIS A 63 13.73 -11.13 8.51
CA HIS A 63 12.80 -12.16 8.03
C HIS A 63 13.10 -12.51 6.57
N GLY A 64 13.07 -11.50 5.70
CA GLY A 64 13.33 -11.72 4.30
C GLY A 64 12.35 -11.00 3.40
N PRO A 65 12.21 -11.49 2.16
CA PRO A 65 11.29 -10.90 1.17
C PRO A 65 9.83 -11.12 1.54
N PHE A 66 8.94 -10.41 0.87
CA PHE A 66 7.50 -10.54 1.11
C PHE A 66 6.81 -11.25 -0.05
N SER A 67 6.14 -12.36 0.27
CA SER A 67 5.43 -13.14 -0.75
C SER A 67 4.33 -12.31 -1.40
N GLN A 68 3.80 -11.35 -0.64
CA GLN A 68 2.74 -10.48 -1.15
C GLN A 68 2.58 -9.25 -0.27
N VAL A 69 2.14 -8.15 -0.88
CA VAL A 69 1.95 -6.90 -0.15
C VAL A 69 1.08 -7.11 1.08
N GLU A 70 0.22 -8.12 1.03
CA GLU A 70 -0.66 -8.42 2.15
C GLU A 70 0.13 -8.70 3.42
N ASP A 71 1.32 -9.26 3.25
CA ASP A 71 2.19 -9.58 4.38
C ASP A 71 2.27 -8.40 5.35
N LEU A 72 2.23 -7.19 4.80
CA LEU A 72 2.29 -5.98 5.61
C LEU A 72 1.47 -6.13 6.88
N GLU A 73 0.25 -6.66 6.73
CA GLU A 73 -0.64 -6.87 7.87
C GLU A 73 0.12 -7.44 9.07
N ARG A 74 0.91 -8.48 8.82
CA ARG A 74 1.68 -9.13 9.87
C ARG A 74 2.61 -8.12 10.56
N VAL A 75 3.24 -7.27 9.75
CA VAL A 75 4.15 -6.26 10.29
C VAL A 75 3.50 -5.47 11.41
N GLU A 76 4.06 -5.56 12.60
CA GLU A 76 3.54 -4.85 13.76
C GLU A 76 3.36 -3.37 13.46
N GLY A 77 2.39 -2.75 14.12
CA GLY A 77 2.13 -1.33 13.91
C GLY A 77 1.25 -1.08 12.70
N ILE A 78 1.47 -1.83 11.64
CA ILE A 78 0.68 -1.69 10.42
C ILE A 78 -0.44 -2.72 10.36
N THR A 79 -1.61 -2.35 10.85
CA THR A 79 -2.77 -3.23 10.86
C THR A 79 -3.22 -3.55 9.44
N GLY A 80 -3.87 -4.69 9.27
CA GLY A 80 -4.36 -5.08 7.96
C GLY A 80 -5.13 -3.98 7.28
N LYS A 81 -5.64 -3.03 8.07
CA LYS A 81 -6.41 -1.92 7.53
C LYS A 81 -5.49 -0.76 7.15
N GLN A 82 -4.41 -0.59 7.90
CA GLN A 82 -3.46 0.48 7.64
C GLN A 82 -2.81 0.30 6.27
N MET A 83 -2.59 -0.95 5.89
CA MET A 83 -1.97 -1.26 4.60
C MET A 83 -2.98 -1.09 3.47
N GLU A 84 -4.24 -1.40 3.75
CA GLU A 84 -5.29 -1.29 2.74
C GLU A 84 -5.35 0.12 2.17
N SER A 85 -5.55 1.11 3.04
CA SER A 85 -5.64 2.50 2.62
C SER A 85 -4.37 2.90 1.85
N PHE A 86 -3.22 2.44 2.33
CA PHE A 86 -1.95 2.75 1.68
C PHE A 86 -1.94 2.28 0.24
N LEU A 87 -2.16 0.98 0.04
CA LEU A 87 -2.17 0.41 -1.29
C LEU A 87 -2.89 1.32 -2.28
N LYS A 88 -4.13 1.67 -1.96
CA LYS A 88 -4.92 2.55 -2.82
C LYS A 88 -4.10 3.75 -3.28
N ALA A 89 -3.50 4.46 -2.32
CA ALA A 89 -2.69 5.62 -2.63
C ALA A 89 -1.94 5.44 -3.95
N ASN A 90 -1.03 4.48 -3.99
CA ASN A 90 -0.26 4.22 -5.19
C ASN A 90 -1.14 3.62 -6.28
N ILE A 91 -1.77 2.49 -5.97
CA ILE A 91 -2.64 1.82 -6.92
C ILE A 91 -3.48 2.82 -7.70
N LEU A 92 -4.41 3.47 -7.01
CA LEU A 92 -5.28 4.47 -7.62
C LEU A 92 -4.46 5.56 -8.31
N GLY A 93 -3.27 5.81 -7.80
CA GLY A 93 -2.40 6.82 -8.38
C GLY A 93 -1.91 6.44 -9.75
N LEU A 94 -1.46 5.19 -9.90
CA LEU A 94 -0.95 4.71 -11.18
C LEU A 94 -1.84 5.17 -12.33
N ALA A 95 -3.14 4.94 -12.19
CA ALA A 95 -4.10 5.34 -13.22
C ALA A 95 -4.03 6.84 -13.48
N ALA A 96 -4.04 7.63 -12.41
CA ALA A 96 -3.98 9.08 -12.54
C ALA A 96 -2.74 9.51 -13.31
N GLY A 97 -2.90 9.73 -14.61
CA GLY A 97 -1.79 10.15 -15.44
C GLY A 97 -1.59 9.24 -16.65
N GLN A 98 -1.68 7.94 -16.42
CA GLN A 98 -1.50 6.97 -17.48
C GLN A 98 -2.17 7.45 -18.77
N GLY A 1 -21.30 19.13 -3.00
CA GLY A 1 -21.87 19.72 -1.80
C GLY A 1 -21.47 18.99 -0.54
N SER A 2 -22.39 18.22 0.02
CA SER A 2 -22.13 17.47 1.24
C SER A 2 -21.07 16.40 0.99
N SER A 3 -19.81 16.72 1.31
CA SER A 3 -18.72 15.78 1.12
C SER A 3 -18.33 15.13 2.43
N GLY A 4 -18.57 13.81 2.53
CA GLY A 4 -18.23 13.09 3.74
C GLY A 4 -16.94 12.31 3.61
N SER A 5 -15.87 12.83 4.20
CA SER A 5 -14.57 12.17 4.14
C SER A 5 -13.98 12.02 5.54
N SER A 6 -12.96 11.17 5.66
CA SER A 6 -12.30 10.93 6.94
C SER A 6 -13.31 11.01 8.08
N GLY A 7 -14.48 10.42 7.88
CA GLY A 7 -15.51 10.43 8.90
C GLY A 7 -15.95 9.04 9.29
N GLU A 8 -16.93 8.50 8.56
CA GLU A 8 -17.44 7.17 8.84
C GLU A 8 -16.68 6.10 8.06
N LYS A 9 -16.78 4.86 8.49
CA LYS A 9 -16.09 3.76 7.84
C LYS A 9 -16.72 3.47 6.48
N ALA A 10 -16.00 2.74 5.64
CA ALA A 10 -16.48 2.38 4.32
C ALA A 10 -16.89 0.91 4.24
N GLU A 11 -17.88 0.62 3.41
CA GLU A 11 -18.36 -0.75 3.26
C GLU A 11 -18.27 -1.20 1.79
N ASP A 12 -17.97 -0.25 0.91
CA ASP A 12 -17.85 -0.55 -0.51
C ASP A 12 -16.39 -0.51 -0.96
N CYS A 13 -15.68 -1.62 -0.73
CA CYS A 13 -14.27 -1.71 -1.10
C CYS A 13 -14.03 -1.08 -2.46
N TRP A 14 -12.90 -0.38 -2.59
CA TRP A 14 -12.56 0.28 -3.84
C TRP A 14 -12.15 -0.74 -4.90
N GLU A 15 -11.44 -1.77 -4.47
CA GLU A 15 -10.99 -2.83 -5.39
C GLU A 15 -12.11 -3.23 -6.34
N LEU A 16 -13.35 -3.11 -5.87
CA LEU A 16 -14.51 -3.46 -6.69
C LEU A 16 -14.63 -2.53 -7.89
N GLN A 17 -14.34 -1.26 -7.68
CA GLN A 17 -14.42 -0.26 -8.75
C GLN A 17 -13.17 -0.33 -9.64
N ILE A 18 -12.02 -0.50 -9.01
CA ILE A 18 -10.76 -0.59 -9.75
C ILE A 18 -10.67 -1.88 -10.54
N SER A 19 -10.27 -1.77 -11.80
CA SER A 19 -10.14 -2.93 -12.67
C SER A 19 -9.29 -4.02 -12.00
N PRO A 20 -9.45 -5.26 -12.47
CA PRO A 20 -8.71 -6.41 -11.93
C PRO A 20 -7.23 -6.36 -12.28
N GLU A 21 -6.91 -5.71 -13.40
CA GLU A 21 -5.53 -5.59 -13.85
C GLU A 21 -4.81 -4.46 -13.12
N LEU A 22 -5.58 -3.47 -12.69
CA LEU A 22 -5.02 -2.32 -11.97
C LEU A 22 -4.60 -2.72 -10.56
N LEU A 23 -5.43 -3.53 -9.90
CA LEU A 23 -5.14 -3.98 -8.55
C LEU A 23 -3.80 -4.72 -8.49
N ALA A 24 -3.68 -5.78 -9.28
CA ALA A 24 -2.45 -6.56 -9.33
C ALA A 24 -1.27 -5.70 -9.77
N HIS A 25 -1.48 -4.92 -10.83
CA HIS A 25 -0.43 -4.06 -11.35
C HIS A 25 0.07 -3.09 -10.28
N GLY A 26 -0.86 -2.57 -9.48
CA GLY A 26 -0.51 -1.65 -8.43
C GLY A 26 0.19 -2.32 -7.26
N ARG A 27 -0.38 -3.44 -6.81
CA ARG A 27 0.20 -4.18 -5.69
C ARG A 27 1.66 -4.53 -5.96
N GLN A 28 1.91 -5.13 -7.12
CA GLN A 28 3.26 -5.52 -7.49
C GLN A 28 4.22 -4.34 -7.39
N LYS A 29 3.86 -3.23 -8.03
CA LYS A 29 4.68 -2.02 -8.02
C LYS A 29 4.99 -1.60 -6.58
N ILE A 30 4.03 -1.78 -5.69
CA ILE A 30 4.20 -1.42 -4.29
C ILE A 30 5.07 -2.44 -3.57
N LEU A 31 4.94 -3.71 -3.95
CA LEU A 31 5.73 -4.77 -3.35
C LEU A 31 7.20 -4.64 -3.70
N ASP A 32 7.51 -4.67 -5.00
CA ASP A 32 8.87 -4.56 -5.47
C ASP A 32 9.62 -3.45 -4.72
N LEU A 33 8.89 -2.41 -4.35
CA LEU A 33 9.47 -1.29 -3.62
C LEU A 33 9.66 -1.63 -2.15
N LEU A 34 8.68 -2.29 -1.57
CA LEU A 34 8.74 -2.69 -0.16
C LEU A 34 9.90 -3.66 0.08
N ASN A 35 10.35 -4.31 -0.98
CA ASN A 35 11.44 -5.26 -0.89
C ASN A 35 12.76 -4.62 -1.31
N GLU A 36 12.80 -4.08 -2.52
CA GLU A 36 14.00 -3.44 -3.04
C GLU A 36 14.22 -2.08 -2.37
N GLY A 37 13.13 -1.36 -2.14
CA GLY A 37 13.22 -0.05 -1.52
C GLY A 37 13.39 -0.15 -0.01
N SER A 38 14.26 0.70 0.53
CA SER A 38 14.54 0.71 1.96
C SER A 38 13.68 1.76 2.66
N ALA A 39 13.89 1.90 3.97
CA ALA A 39 13.14 2.86 4.77
C ALA A 39 13.05 4.21 4.05
N ARG A 40 14.20 4.70 3.57
CA ARG A 40 14.24 5.98 2.87
C ARG A 40 13.34 5.95 1.64
N ASP A 41 13.68 5.10 0.68
CA ASP A 41 12.90 4.98 -0.55
C ASP A 41 11.40 4.96 -0.24
N LEU A 42 11.01 4.09 0.67
CA LEU A 42 9.60 3.98 1.05
C LEU A 42 9.00 5.35 1.37
N ARG A 43 9.81 6.21 1.98
CA ARG A 43 9.36 7.55 2.33
C ARG A 43 8.48 8.13 1.22
N SER A 44 8.85 7.88 -0.03
CA SER A 44 8.11 8.39 -1.17
C SER A 44 6.64 7.96 -1.08
N LEU A 45 6.42 6.68 -0.79
CA LEU A 45 5.07 6.14 -0.68
C LEU A 45 4.19 7.06 0.16
N GLN A 46 2.90 7.12 -0.19
CA GLN A 46 1.95 7.97 0.54
C GLN A 46 1.34 7.20 1.71
N ARG A 47 0.97 7.93 2.75
CA ARG A 47 0.38 7.33 3.94
C ARG A 47 1.31 6.30 4.55
N ILE A 48 2.61 6.51 4.37
CA ILE A 48 3.61 5.59 4.90
C ILE A 48 4.40 6.24 6.04
N GLY A 49 5.30 7.14 5.68
CA GLY A 49 6.11 7.83 6.67
C GLY A 49 7.48 7.18 6.85
N PRO A 50 8.41 7.93 7.47
CA PRO A 50 9.77 7.45 7.71
C PRO A 50 9.82 6.34 8.75
N LYS A 51 8.80 6.29 9.61
CA LYS A 51 8.73 5.28 10.66
C LYS A 51 8.22 3.96 10.09
N LYS A 52 6.98 3.96 9.60
CA LYS A 52 6.39 2.76 9.03
C LYS A 52 7.27 2.18 7.93
N ALA A 53 7.96 3.05 7.21
CA ALA A 53 8.85 2.62 6.14
C ALA A 53 9.93 1.67 6.65
N GLN A 54 10.72 2.15 7.61
CA GLN A 54 11.79 1.36 8.19
C GLN A 54 11.24 0.09 8.82
N LEU A 55 10.18 0.23 9.60
CA LEU A 55 9.55 -0.90 10.26
C LEU A 55 9.41 -2.09 9.31
N ILE A 56 9.04 -1.79 8.07
CA ILE A 56 8.88 -2.83 7.07
C ILE A 56 10.23 -3.36 6.58
N VAL A 57 11.23 -2.49 6.60
CA VAL A 57 12.58 -2.87 6.18
C VAL A 57 13.24 -3.78 7.21
N GLY A 58 13.31 -3.32 8.45
CA GLY A 58 13.91 -4.10 9.50
C GLY A 58 13.28 -5.47 9.65
N TRP A 59 12.02 -5.58 9.25
CA TRP A 59 11.29 -6.85 9.35
C TRP A 59 11.80 -7.84 8.30
N ARG A 60 11.81 -7.42 7.05
CA ARG A 60 12.27 -8.27 5.96
C ARG A 60 13.78 -8.53 6.07
N GLU A 61 14.47 -7.61 6.72
CA GLU A 61 15.92 -7.74 6.90
C GLU A 61 16.26 -9.08 7.56
N LEU A 62 15.46 -9.48 8.52
CA LEU A 62 15.68 -10.74 9.22
C LEU A 62 14.75 -11.83 8.71
N HIS A 63 13.44 -11.57 8.79
CA HIS A 63 12.44 -12.52 8.33
C HIS A 63 12.69 -12.90 6.87
N GLY A 64 12.78 -11.90 6.01
CA GLY A 64 13.01 -12.16 4.60
C GLY A 64 12.13 -11.31 3.71
N PRO A 65 12.03 -11.70 2.43
CA PRO A 65 11.22 -10.98 1.44
C PRO A 65 9.72 -11.13 1.70
N PHE A 66 8.94 -10.14 1.29
CA PHE A 66 7.50 -10.16 1.48
C PHE A 66 6.81 -10.88 0.32
N SER A 67 6.28 -12.06 0.61
CA SER A 67 5.60 -12.86 -0.42
C SER A 67 4.56 -12.02 -1.15
N GLN A 68 3.92 -11.11 -0.42
CA GLN A 68 2.91 -10.24 -1.00
C GLN A 68 2.77 -8.95 -0.20
N VAL A 69 1.84 -8.10 -0.62
CA VAL A 69 1.60 -6.83 0.06
C VAL A 69 0.81 -7.04 1.35
N GLU A 70 -0.01 -8.08 1.36
CA GLU A 70 -0.83 -8.38 2.54
C GLU A 70 0.05 -8.60 3.77
N ASP A 71 1.31 -8.95 3.53
CA ASP A 71 2.26 -9.18 4.62
C ASP A 71 2.36 -7.96 5.53
N LEU A 72 2.14 -6.79 4.96
CA LEU A 72 2.20 -5.55 5.72
C LEU A 72 1.31 -5.61 6.95
N GLU A 73 0.28 -6.45 6.88
CA GLU A 73 -0.65 -6.61 7.99
C GLU A 73 0.07 -7.13 9.24
N ARG A 74 0.91 -8.14 9.05
CA ARG A 74 1.67 -8.73 10.15
C ARG A 74 2.97 -7.97 10.38
N VAL A 75 2.93 -6.66 10.21
CA VAL A 75 4.11 -5.82 10.40
C VAL A 75 3.95 -4.92 11.61
N GLU A 76 4.91 -5.01 12.54
CA GLU A 76 4.87 -4.21 13.76
C GLU A 76 4.64 -2.74 13.43
N GLY A 77 3.51 -2.20 13.87
CA GLY A 77 3.19 -0.81 13.60
C GLY A 77 2.15 -0.65 12.51
N ILE A 78 2.29 -1.42 11.44
CA ILE A 78 1.36 -1.35 10.33
C ILE A 78 0.30 -2.43 10.43
N THR A 79 -0.92 -2.03 10.79
CA THR A 79 -2.03 -2.97 10.93
C THR A 79 -2.63 -3.32 9.57
N GLY A 80 -3.57 -4.26 9.57
CA GLY A 80 -4.21 -4.66 8.33
C GLY A 80 -4.97 -3.53 7.67
N LYS A 81 -5.35 -2.53 8.47
CA LYS A 81 -6.09 -1.39 7.96
C LYS A 81 -5.13 -0.32 7.43
N GLN A 82 -4.10 -0.02 8.20
CA GLN A 82 -3.11 0.98 7.81
C GLN A 82 -2.61 0.72 6.39
N MET A 83 -2.39 -0.55 6.06
CA MET A 83 -1.92 -0.93 4.74
C MET A 83 -3.03 -0.78 3.70
N GLU A 84 -4.24 -1.17 4.09
CA GLU A 84 -5.39 -1.08 3.18
C GLU A 84 -5.54 0.33 2.64
N SER A 85 -5.59 1.31 3.53
CA SER A 85 -5.74 2.70 3.14
C SER A 85 -4.56 3.16 2.27
N PHE A 86 -3.36 2.71 2.64
CA PHE A 86 -2.16 3.07 1.90
C PHE A 86 -2.24 2.60 0.46
N LEU A 87 -2.33 1.28 0.27
CA LEU A 87 -2.42 0.70 -1.06
C LEU A 87 -3.21 1.61 -2.00
N LYS A 88 -4.52 1.73 -1.74
CA LYS A 88 -5.38 2.58 -2.55
C LYS A 88 -4.63 3.80 -3.06
N ALA A 89 -4.21 4.65 -2.12
CA ALA A 89 -3.48 5.87 -2.48
C ALA A 89 -2.59 5.64 -3.69
N ASN A 90 -1.67 4.69 -3.57
CA ASN A 90 -0.75 4.37 -4.66
C ASN A 90 -1.49 3.72 -5.83
N ILE A 91 -2.12 2.58 -5.55
CA ILE A 91 -2.87 1.86 -6.57
C ILE A 91 -3.75 2.80 -7.37
N LEU A 92 -4.77 3.35 -6.72
CA LEU A 92 -5.70 4.27 -7.38
C LEU A 92 -4.96 5.49 -7.91
N GLY A 93 -4.16 6.12 -7.05
CA GLY A 93 -3.41 7.29 -7.46
C GLY A 93 -2.72 7.11 -8.79
N LEU A 94 -2.09 5.95 -8.98
CA LEU A 94 -1.39 5.66 -10.22
C LEU A 94 -2.24 6.04 -11.43
N ALA A 95 -3.52 5.65 -11.40
CA ALA A 95 -4.44 5.95 -12.49
C ALA A 95 -4.53 7.46 -12.71
N ALA A 96 -4.62 8.21 -11.62
CA ALA A 96 -4.73 9.66 -11.70
C ALA A 96 -3.66 10.24 -12.63
N GLY A 97 -2.40 9.90 -12.35
CA GLY A 97 -1.31 10.39 -13.16
C GLY A 97 -1.69 10.54 -14.63
N GLN A 98 -2.35 9.52 -15.16
CA GLN A 98 -2.77 9.56 -16.57
C GLN A 98 -3.28 10.94 -16.95
N GLY A 1 -15.43 19.68 -19.22
CA GLY A 1 -14.15 20.20 -19.67
C GLY A 1 -12.98 19.66 -18.87
N SER A 2 -13.10 19.70 -17.56
CA SER A 2 -12.05 19.23 -16.67
C SER A 2 -12.62 18.36 -15.55
N SER A 3 -13.68 18.86 -14.92
CA SER A 3 -14.32 18.13 -13.82
C SER A 3 -15.76 18.61 -13.64
N GLY A 4 -16.56 17.79 -12.94
CA GLY A 4 -17.95 18.15 -12.71
C GLY A 4 -18.17 18.69 -11.30
N SER A 5 -18.92 17.94 -10.50
CA SER A 5 -19.21 18.34 -9.13
C SER A 5 -18.24 17.70 -8.15
N SER A 6 -17.86 18.45 -7.12
CA SER A 6 -16.94 17.96 -6.11
C SER A 6 -17.67 17.15 -5.04
N GLY A 7 -17.26 15.89 -4.89
CA GLY A 7 -17.90 15.04 -3.90
C GLY A 7 -17.23 13.68 -3.79
N GLU A 8 -17.61 12.90 -2.79
CA GLU A 8 -17.04 11.58 -2.58
C GLU A 8 -17.92 10.74 -1.67
N LYS A 9 -18.57 9.72 -2.23
CA LYS A 9 -19.44 8.84 -1.46
C LYS A 9 -18.63 7.99 -0.49
N ALA A 10 -19.33 7.16 0.28
CA ALA A 10 -18.68 6.29 1.24
C ALA A 10 -17.51 5.54 0.61
N GLU A 11 -16.73 4.86 1.45
CA GLU A 11 -15.57 4.10 0.96
C GLU A 11 -15.61 2.67 1.50
N ASP A 12 -15.73 1.71 0.58
CA ASP A 12 -15.77 0.31 0.95
C ASP A 12 -15.40 -0.58 -0.23
N CYS A 13 -14.41 -1.44 -0.03
CA CYS A 13 -13.96 -2.34 -1.08
C CYS A 13 -13.65 -1.57 -2.36
N TRP A 14 -12.78 -0.57 -2.25
CA TRP A 14 -12.40 0.25 -3.40
C TRP A 14 -11.97 -0.63 -4.56
N GLU A 15 -11.29 -1.73 -4.27
CA GLU A 15 -10.83 -2.65 -5.30
C GLU A 15 -11.95 -3.00 -6.26
N LEU A 16 -13.19 -2.88 -5.79
CA LEU A 16 -14.35 -3.19 -6.61
C LEU A 16 -14.50 -2.18 -7.75
N GLN A 17 -14.11 -0.94 -7.49
CA GLN A 17 -14.19 0.12 -8.49
C GLN A 17 -12.98 0.08 -9.42
N ILE A 18 -11.82 -0.21 -8.85
CA ILE A 18 -10.58 -0.29 -9.62
C ILE A 18 -10.54 -1.55 -10.47
N SER A 19 -10.23 -1.38 -11.76
CA SER A 19 -10.14 -2.51 -12.67
C SER A 19 -9.35 -3.66 -12.06
N PRO A 20 -9.53 -4.87 -12.61
CA PRO A 20 -8.84 -6.07 -12.14
C PRO A 20 -7.35 -6.04 -12.45
N GLU A 21 -6.98 -5.40 -13.56
CA GLU A 21 -5.59 -5.30 -13.97
C GLU A 21 -4.87 -4.23 -13.17
N LEU A 22 -5.63 -3.24 -12.70
CA LEU A 22 -5.05 -2.14 -11.92
C LEU A 22 -4.67 -2.61 -10.52
N LEU A 23 -5.48 -3.49 -9.96
CA LEU A 23 -5.22 -4.01 -8.62
C LEU A 23 -3.91 -4.79 -8.59
N ALA A 24 -3.82 -5.84 -9.40
CA ALA A 24 -2.62 -6.66 -9.46
C ALA A 24 -1.41 -5.83 -9.86
N HIS A 25 -1.56 -5.04 -10.92
CA HIS A 25 -0.48 -4.19 -11.40
C HIS A 25 0.05 -3.29 -10.28
N GLY A 26 -0.87 -2.69 -9.52
CA GLY A 26 -0.49 -1.82 -8.43
C GLY A 26 0.16 -2.57 -7.29
N ARG A 27 -0.50 -3.62 -6.82
CA ARG A 27 0.01 -4.43 -5.72
C ARG A 27 1.45 -4.87 -5.99
N GLN A 28 1.65 -5.54 -7.13
CA GLN A 28 2.98 -6.02 -7.50
C GLN A 28 4.00 -4.89 -7.47
N LYS A 29 3.67 -3.78 -8.13
CA LYS A 29 4.55 -2.63 -8.17
C LYS A 29 4.97 -2.21 -6.77
N ILE A 30 3.98 -2.00 -5.91
CA ILE A 30 4.25 -1.59 -4.53
C ILE A 30 5.11 -2.63 -3.81
N LEU A 31 4.87 -3.90 -4.11
CA LEU A 31 5.62 -4.99 -3.49
C LEU A 31 7.11 -4.86 -3.80
N ASP A 32 7.46 -4.91 -5.08
CA ASP A 32 8.85 -4.80 -5.50
C ASP A 32 9.58 -3.73 -4.70
N LEU A 33 8.84 -2.69 -4.31
CA LEU A 33 9.42 -1.59 -3.53
C LEU A 33 9.64 -2.01 -2.08
N LEU A 34 8.68 -2.75 -1.54
CA LEU A 34 8.77 -3.21 -0.16
C LEU A 34 9.89 -4.23 0.01
N ASN A 35 10.38 -4.76 -1.12
CA ASN A 35 11.46 -5.74 -1.10
C ASN A 35 12.79 -5.10 -1.49
N GLU A 36 12.77 -4.32 -2.57
CA GLU A 36 13.97 -3.65 -3.04
C GLU A 36 14.09 -2.26 -2.42
N GLY A 37 12.96 -1.58 -2.29
CA GLY A 37 12.97 -0.24 -1.71
C GLY A 37 13.33 -0.25 -0.24
N SER A 38 14.01 0.81 0.20
CA SER A 38 14.41 0.92 1.60
C SER A 38 13.51 1.87 2.36
N ALA A 39 13.83 2.10 3.63
CA ALA A 39 13.04 3.00 4.47
C ALA A 39 12.74 4.30 3.73
N ARG A 40 13.77 5.11 3.52
CA ARG A 40 13.62 6.39 2.83
C ARG A 40 12.87 6.21 1.51
N ASP A 41 13.03 5.04 0.90
CA ASP A 41 12.37 4.74 -0.36
C ASP A 41 10.88 4.48 -0.15
N LEU A 42 10.54 4.01 1.04
CA LEU A 42 9.14 3.72 1.36
C LEU A 42 8.43 4.97 1.91
N ARG A 43 9.14 5.70 2.77
CA ARG A 43 8.58 6.92 3.35
C ARG A 43 8.21 7.92 2.28
N SER A 44 8.76 7.73 1.08
CA SER A 44 8.49 8.63 -0.03
C SER A 44 7.05 8.47 -0.52
N LEU A 45 6.51 7.26 -0.37
CA LEU A 45 5.15 6.97 -0.79
C LEU A 45 4.15 7.84 -0.03
N GLN A 46 2.87 7.59 -0.27
CA GLN A 46 1.80 8.34 0.40
C GLN A 46 1.18 7.53 1.53
N ARG A 47 0.92 8.18 2.66
CA ARG A 47 0.32 7.51 3.80
C ARG A 47 1.26 6.44 4.36
N ILE A 48 2.54 6.80 4.51
CA ILE A 48 3.53 5.87 5.03
C ILE A 48 4.33 6.50 6.16
N GLY A 49 5.24 7.39 5.81
CA GLY A 49 6.05 8.06 6.81
C GLY A 49 7.45 7.46 6.91
N PRO A 50 8.35 8.18 7.60
CA PRO A 50 9.74 7.74 7.78
C PRO A 50 9.84 6.53 8.71
N LYS A 51 8.87 6.40 9.60
CA LYS A 51 8.86 5.29 10.55
C LYS A 51 8.28 4.04 9.92
N LYS A 52 6.98 4.06 9.64
CA LYS A 52 6.30 2.92 9.02
C LYS A 52 7.09 2.40 7.83
N ALA A 53 7.86 3.29 7.20
CA ALA A 53 8.66 2.92 6.05
C ALA A 53 9.76 1.94 6.43
N GLN A 54 10.55 2.30 7.44
CA GLN A 54 11.63 1.45 7.91
C GLN A 54 11.08 0.21 8.61
N LEU A 55 10.00 0.38 9.35
CA LEU A 55 9.38 -0.73 10.06
C LEU A 55 9.16 -1.92 9.14
N ILE A 56 8.82 -1.64 7.89
CA ILE A 56 8.58 -2.69 6.91
C ILE A 56 9.90 -3.29 6.42
N VAL A 57 10.92 -2.45 6.32
CA VAL A 57 12.24 -2.90 5.86
C VAL A 57 12.96 -3.67 6.96
N GLY A 58 13.25 -2.98 8.06
CA GLY A 58 13.94 -3.62 9.17
C GLY A 58 13.39 -4.99 9.48
N TRP A 59 12.11 -5.20 9.18
CA TRP A 59 11.46 -6.49 9.44
C TRP A 59 11.97 -7.55 8.46
N ARG A 60 11.71 -7.34 7.18
CA ARG A 60 12.13 -8.28 6.14
C ARG A 60 13.64 -8.47 6.18
N GLU A 61 14.38 -7.39 6.42
CA GLU A 61 15.83 -7.44 6.47
C GLU A 61 16.29 -8.70 7.21
N LEU A 62 15.61 -9.02 8.30
CA LEU A 62 15.95 -10.20 9.10
C LEU A 62 15.01 -11.36 8.80
N HIS A 63 13.71 -11.13 8.96
CA HIS A 63 12.71 -12.15 8.70
C HIS A 63 12.81 -12.66 7.27
N GLY A 64 12.85 -11.73 6.32
CA GLY A 64 12.93 -12.10 4.92
C GLY A 64 11.97 -11.32 4.05
N PRO A 65 11.92 -11.68 2.75
CA PRO A 65 11.05 -11.01 1.78
C PRO A 65 9.57 -11.32 2.03
N PHE A 66 8.70 -10.50 1.45
CA PHE A 66 7.26 -10.69 1.61
C PHE A 66 6.64 -11.32 0.36
N SER A 67 5.99 -12.46 0.52
CA SER A 67 5.37 -13.15 -0.59
C SER A 67 4.38 -12.25 -1.32
N GLN A 68 3.74 -11.36 -0.56
CA GLN A 68 2.76 -10.43 -1.12
C GLN A 68 2.71 -9.14 -0.31
N VAL A 69 1.82 -8.24 -0.71
CA VAL A 69 1.67 -6.96 -0.03
C VAL A 69 0.93 -7.14 1.30
N GLU A 70 -0.08 -8.00 1.30
CA GLU A 70 -0.87 -8.26 2.50
C GLU A 70 0.04 -8.56 3.68
N ASP A 71 1.28 -8.94 3.40
CA ASP A 71 2.25 -9.25 4.44
C ASP A 71 2.41 -8.08 5.41
N LEU A 72 2.23 -6.87 4.89
CA LEU A 72 2.36 -5.66 5.70
C LEU A 72 1.54 -5.79 6.98
N GLU A 73 0.40 -6.46 6.89
CA GLU A 73 -0.48 -6.65 8.04
C GLU A 73 0.30 -7.19 9.24
N ARG A 74 1.23 -8.10 8.96
CA ARG A 74 2.05 -8.70 10.01
C ARG A 74 3.33 -7.90 10.23
N VAL A 75 3.21 -6.57 10.18
CA VAL A 75 4.34 -5.69 10.37
C VAL A 75 4.12 -4.75 11.55
N GLU A 76 4.94 -4.90 12.59
CA GLU A 76 4.82 -4.07 13.78
C GLU A 76 4.53 -2.62 13.40
N GLY A 77 3.43 -2.09 13.92
CA GLY A 77 3.05 -0.71 13.63
C GLY A 77 2.00 -0.63 12.53
N ILE A 78 2.20 -1.39 11.47
CA ILE A 78 1.27 -1.39 10.34
C ILE A 78 0.30 -2.57 10.44
N THR A 79 -0.99 -2.26 10.52
CA THR A 79 -2.02 -3.28 10.61
C THR A 79 -2.70 -3.51 9.27
N GLY A 80 -3.58 -4.51 9.21
CA GLY A 80 -4.29 -4.80 7.98
C GLY A 80 -4.91 -3.57 7.36
N LYS A 81 -5.43 -2.68 8.21
CA LYS A 81 -6.07 -1.46 7.74
C LYS A 81 -5.04 -0.47 7.23
N GLN A 82 -4.15 -0.04 8.12
CA GLN A 82 -3.10 0.92 7.75
C GLN A 82 -2.51 0.57 6.39
N MET A 83 -2.23 -0.72 6.18
CA MET A 83 -1.65 -1.17 4.92
C MET A 83 -2.70 -1.17 3.81
N GLU A 84 -3.96 -1.37 4.20
CA GLU A 84 -5.05 -1.39 3.23
C GLU A 84 -5.26 0.00 2.62
N SER A 85 -5.43 0.99 3.47
CA SER A 85 -5.64 2.36 3.01
C SER A 85 -4.48 2.84 2.15
N PHE A 86 -3.26 2.52 2.58
CA PHE A 86 -2.06 2.91 1.84
C PHE A 86 -2.12 2.39 0.40
N LEU A 87 -2.18 1.08 0.26
CA LEU A 87 -2.24 0.45 -1.05
C LEU A 87 -3.07 1.29 -2.02
N LYS A 88 -4.27 1.66 -1.59
CA LYS A 88 -5.15 2.47 -2.42
C LYS A 88 -4.51 3.81 -2.77
N ALA A 89 -3.85 4.42 -1.78
CA ALA A 89 -3.18 5.69 -1.99
C ALA A 89 -2.32 5.68 -3.24
N ASN A 90 -1.48 4.66 -3.37
CA ASN A 90 -0.61 4.53 -4.53
C ASN A 90 -1.37 3.92 -5.71
N ILE A 91 -1.97 2.76 -5.49
CA ILE A 91 -2.71 2.08 -6.53
C ILE A 91 -3.57 3.06 -7.32
N LEU A 92 -4.56 3.64 -6.65
CA LEU A 92 -5.46 4.59 -7.29
C LEU A 92 -4.68 5.79 -7.82
N GLY A 93 -3.53 6.06 -7.21
CA GLY A 93 -2.72 7.19 -7.63
C GLY A 93 -2.01 6.92 -8.93
N LEU A 94 -1.62 5.67 -9.16
CA LEU A 94 -0.92 5.30 -10.38
C LEU A 94 -1.61 5.89 -11.61
N ALA A 95 -2.92 5.75 -11.66
CA ALA A 95 -3.71 6.28 -12.77
C ALA A 95 -3.58 7.79 -12.87
N ALA A 96 -4.03 8.48 -11.82
CA ALA A 96 -3.96 9.93 -11.78
C ALA A 96 -4.95 10.56 -12.76
N GLY A 97 -6.11 9.91 -12.92
CA GLY A 97 -7.12 10.40 -13.83
C GLY A 97 -6.85 10.02 -15.26
N GLN A 98 -5.79 9.25 -15.48
CA GLN A 98 -5.43 8.81 -16.83
C GLN A 98 -6.00 7.43 -17.12
#